data_6KYA
#
_entry.id   6KYA
#
_cell.length_a   142.745
_cell.length_b   96.871
_cell.length_c   140.864
_cell.angle_alpha   90.000
_cell.angle_beta   107.650
_cell.angle_gamma   90.000
#
_symmetry.space_group_name_H-M   'C 1 2 1'
#
loop_
_entity.id
_entity.type
_entity.pdbx_description
1 polymer 'Toll-like receptor 8'
2 branched alpha-D-mannopyranose-(1-3)-beta-D-mannopyranose-(1-4)-2-acetamido-2-deoxy-beta-D-glucopyranose-(1-4)-2-acetamido-2-deoxy-beta-D-glucopyranose
3 branched 2-acetamido-2-deoxy-beta-D-glucopyranose-(1-4)-2-acetamido-2-deoxy-beta-D-glucopyranose
4 branched alpha-D-mannopyranose-(1-3)-[alpha-D-mannopyranose-(1-6)]beta-D-mannopyranose-(1-4)-2-acetamido-2-deoxy-beta-D-glucopyranose-(1-4)-2-acetamido-2-deoxy-beta-D-glucopyranose
5 non-polymer 3-[5-methylsulfanyl-4-(3,4,5-trimethylphenyl)-1,2,4-triazol-3-yl]propan-1-ol
6 non-polymer 2-acetamido-2-deoxy-beta-D-glucopyranose
#
_entity_poly.entity_id   1
_entity_poly.type   'polypeptide(L)'
_entity_poly.pdbx_seq_one_letter_code
;RSPWEENFSRSYPCDEKKQNDSVIAECSNRRLQEVPQTVGKYVTELDLSDNFITHITNESFQGLQNLTKINLNHNPNVQH
QNGNPGIQSNGLNITDGAFLNLKNLRELLLEDNQLPQIPSGLPESLTELSLIQNNIYNITKEGISRLINLKNLYLAWNCY
FNKVCEKTNIEDGVFETLTNLELLSLSFNSLSHVPPKLPSSLRKLFLSNTQIKYISEEDFKGLINLTLLDLSGNCPRCFN
APFPCVPCDGGASINIDRFAFQNLTQLRYLNLSSTSLRKINAAWFKNMPHLKVLDLEFNYLVGEIASGAFLTMLPRLEIL
DLSFNYIKGSYPQHINISRNFSKLLSLRALHLRGYVFQELREDDFQPLMQLPNLSTINLGINFIKQIDFKLFQNFSNLEI
IYLSENRISPLVKDTRQSYANSSSFQRHIRKRRSTDFEFDPHSNFYHFTRPLIKPQCAAYGKALDLSLNSIFFIGPNQFE
NLPDIACLNLSANSNAQVLSGTEFSAIPHVKYLDLTNNRLDFDNASALTELSDLEVLDLSYNSHYFRIAGVTHHLEFIQN
FTNLKVLNLSHNNIYTLTDKYNLESKSLVELVFSGNRLDILWNDDDNRYISIFKGLKNLTRLDLSLNRLKHIPNEAFLNL
PASLTELHINDNMLKFFNWTLLQQFPRLELLDLRGNKLLFLTDSLSDFTSSLRTLLLSHNRISHLPSGFLSEVSSLKHLD
LSSNLLKTINKSALETKTTTKLSMLELHGNPFECTCDIGDFRRWMDEHLNVKIPRLVDVICASPGDQRGKSIVSLELTTC
VSDVTEFLVPR
;
_entity_poly.pdbx_strand_id   A,B
#
# COMPACT_ATOMS: atom_id res chain seq x y z
N ARG A 10 39.02 -1.64 -23.66
CA ARG A 10 37.62 -1.41 -23.15
C ARG A 10 36.66 -2.35 -23.81
N SER A 11 36.18 -3.31 -23.04
CA SER A 11 35.35 -4.39 -23.55
C SER A 11 34.02 -3.90 -24.05
N TYR A 12 33.53 -4.59 -25.07
CA TYR A 12 32.20 -4.33 -25.63
C TYR A 12 31.75 -5.52 -26.48
N PRO A 13 30.47 -5.86 -26.44
CA PRO A 13 29.41 -5.34 -25.63
C PRO A 13 29.56 -5.78 -24.18
N CYS A 14 30.10 -6.99 -23.93
CA CYS A 14 30.18 -7.57 -22.55
C CYS A 14 31.03 -6.67 -21.64
N ASP A 15 30.74 -6.70 -20.34
CA ASP A 15 31.67 -6.16 -19.32
C ASP A 15 32.55 -7.30 -18.81
N GLU A 16 33.86 -7.08 -18.82
CA GLU A 16 34.80 -8.12 -18.45
C GLU A 16 35.50 -7.74 -17.16
N LYS A 17 35.65 -8.71 -16.27
CA LYS A 17 36.23 -8.45 -14.96
C LYS A 17 37.07 -9.64 -14.53
N LYS A 18 37.97 -9.38 -13.58
CA LYS A 18 38.78 -10.43 -13.04
C LYS A 18 38.04 -10.99 -11.85
N GLN A 19 37.87 -12.29 -11.82
CA GLN A 19 37.23 -12.90 -10.67
C GLN A 19 38.24 -13.96 -10.24
N ASN A 20 38.68 -13.87 -8.99
CA ASN A 20 39.63 -14.81 -8.44
C ASN A 20 40.81 -14.92 -9.37
N ASP A 21 41.20 -16.12 -9.77
CA ASP A 21 42.16 -16.26 -10.85
C ASP A 21 41.37 -16.73 -12.00
N SER A 22 41.20 -15.85 -12.98
CA SER A 22 40.39 -16.10 -14.19
C SER A 22 39.74 -14.79 -14.58
N VAL A 23 39.39 -14.69 -15.84
CA VAL A 23 38.80 -13.46 -16.36
C VAL A 23 37.40 -13.74 -16.89
N ILE A 24 36.47 -12.85 -16.59
CA ILE A 24 35.05 -13.14 -16.73
C ILE A 24 34.32 -12.08 -17.49
N ALA A 25 33.35 -12.50 -18.30
CA ALA A 25 32.65 -11.61 -19.20
C ALA A 25 31.20 -11.60 -18.84
N GLU A 26 30.68 -10.43 -18.44
CA GLU A 26 29.26 -10.31 -18.14
C GLU A 26 28.52 -9.74 -19.33
N CYS A 27 27.92 -10.59 -20.14
CA CYS A 27 27.12 -10.10 -21.24
C CYS A 27 25.63 -10.37 -21.04
N SER A 28 25.15 -10.36 -19.81
CA SER A 28 23.73 -10.63 -19.57
C SER A 28 22.84 -9.45 -19.95
N ASN A 29 21.57 -9.73 -20.22
CA ASN A 29 20.55 -8.69 -20.38
C ASN A 29 20.97 -7.49 -21.24
N ARG A 30 21.57 -7.75 -22.39
CA ARG A 30 22.09 -6.69 -23.25
C ARG A 30 21.41 -6.58 -24.59
N ARG A 31 20.24 -7.21 -24.74
CA ARG A 31 19.55 -7.20 -26.05
C ARG A 31 20.36 -7.76 -27.22
N LEU A 32 21.29 -8.66 -26.97
CA LEU A 32 22.14 -9.17 -28.05
C LEU A 32 21.37 -10.17 -28.89
N GLN A 33 21.57 -10.10 -30.21
CA GLN A 33 20.88 -11.00 -31.13
C GLN A 33 21.83 -12.08 -31.66
N GLU A 34 23.09 -12.03 -31.23
CA GLU A 34 24.04 -13.07 -31.58
C GLU A 34 25.21 -13.10 -30.62
N VAL A 35 25.89 -14.24 -30.58
CA VAL A 35 27.05 -14.41 -29.74
C VAL A 35 28.13 -13.50 -30.29
N PRO A 36 28.59 -12.52 -29.49
CA PRO A 36 29.54 -11.58 -30.07
C PRO A 36 30.88 -12.22 -30.45
N GLN A 37 31.55 -11.62 -31.45
CA GLN A 37 32.92 -12.00 -31.79
C GLN A 37 33.89 -10.95 -31.22
N THR A 38 33.34 -9.94 -30.54
CA THR A 38 34.13 -8.88 -29.90
C THR A 38 34.43 -9.21 -28.42
N VAL A 39 34.52 -10.50 -28.11
CA VAL A 39 34.72 -10.95 -26.74
C VAL A 39 36.21 -11.11 -26.49
N GLY A 40 36.64 -10.68 -25.31
CA GLY A 40 38.05 -10.77 -24.87
C GLY A 40 38.58 -12.18 -24.98
N LYS A 41 39.83 -12.33 -25.42
CA LYS A 41 40.40 -13.68 -25.64
C LYS A 41 40.80 -14.38 -24.34
N TYR A 42 41.01 -13.58 -23.29
CA TYR A 42 41.39 -14.08 -21.97
C TYR A 42 40.24 -14.76 -21.24
N VAL A 43 39.02 -14.50 -21.71
CA VAL A 43 37.82 -14.92 -21.02
C VAL A 43 37.72 -16.45 -20.92
N THR A 44 37.46 -16.93 -19.71
CA THR A 44 37.12 -18.34 -19.49
C THR A 44 35.66 -18.58 -19.11
N GLU A 45 34.94 -17.55 -18.65
CA GLU A 45 33.52 -17.72 -18.29
C GLU A 45 32.70 -16.65 -18.94
N LEU A 46 31.64 -17.06 -19.63
CA LEU A 46 30.88 -16.16 -20.46
C LEU A 46 29.40 -16.24 -20.10
N ASP A 47 28.85 -15.12 -19.65
CA ASP A 47 27.45 -15.05 -19.27
C ASP A 47 26.71 -14.26 -20.34
N LEU A 48 26.02 -14.98 -21.22
CA LEU A 48 25.18 -14.40 -22.26
C LEU A 48 23.69 -14.46 -21.95
N SER A 49 23.32 -14.59 -20.68
CA SER A 49 21.94 -14.89 -20.32
C SER A 49 21.04 -13.71 -20.56
N ASP A 50 19.75 -14.01 -20.66
CA ASP A 50 18.72 -13.00 -20.71
C ASP A 50 18.93 -12.03 -21.87
N ASN A 51 19.23 -12.58 -23.05
CA ASN A 51 19.39 -11.79 -24.28
C ASN A 51 18.37 -12.17 -25.37
N PHE A 52 18.64 -11.82 -26.63
CA PHE A 52 17.78 -12.15 -27.76
C PHE A 52 18.48 -13.08 -28.76
N ILE A 53 19.28 -14.00 -28.27
CA ILE A 53 20.02 -14.90 -29.15
C ILE A 53 19.13 -16.06 -29.57
N THR A 54 19.16 -16.37 -30.87
CA THR A 54 18.30 -17.39 -31.48
C THR A 54 19.07 -18.58 -32.03
N HIS A 55 20.28 -18.35 -32.51
CA HIS A 55 21.05 -19.43 -33.09
C HIS A 55 22.42 -19.56 -32.47
N ILE A 56 22.77 -20.79 -32.16
CA ILE A 56 24.11 -21.14 -31.74
C ILE A 56 24.61 -22.15 -32.76
N THR A 57 25.71 -21.81 -33.42
CA THR A 57 26.31 -22.69 -34.42
C THR A 57 27.71 -23.03 -33.93
N ASN A 58 28.45 -23.84 -34.69
CA ASN A 58 29.84 -24.12 -34.34
C ASN A 58 30.77 -22.93 -34.61
N GLU A 59 30.20 -21.86 -35.19
CA GLU A 59 30.90 -20.61 -35.43
C GLU A 59 30.69 -19.58 -34.33
N SER A 60 29.65 -19.79 -33.52
CA SER A 60 29.31 -18.85 -32.45
C SER A 60 30.47 -18.70 -31.47
N PHE A 61 31.17 -19.80 -31.20
CA PHE A 61 32.27 -19.81 -30.21
C PHE A 61 33.63 -20.13 -30.82
N GLN A 62 33.78 -19.90 -32.12
CA GLN A 62 35.04 -20.14 -32.80
C GLN A 62 36.04 -19.17 -32.19
N GLY A 63 37.24 -19.64 -31.90
CA GLY A 63 38.32 -18.81 -31.34
C GLY A 63 38.18 -18.46 -29.85
N LEU A 64 37.57 -19.36 -29.09
CA LEU A 64 37.44 -19.20 -27.63
C LEU A 64 37.68 -20.57 -26.97
N GLN A 65 38.74 -21.23 -27.37
CA GLN A 65 39.05 -22.59 -26.91
C GLN A 65 39.08 -22.65 -25.40
N ASN A 66 39.55 -21.55 -24.80
CA ASN A 66 39.77 -21.42 -23.37
C ASN A 66 38.51 -21.35 -22.49
N LEU A 67 37.35 -21.17 -23.13
CA LEU A 67 36.08 -21.13 -22.40
C LEU A 67 35.83 -22.38 -21.56
N THR A 68 35.47 -22.11 -20.31
CA THR A 68 35.29 -23.12 -19.30
C THR A 68 33.83 -23.18 -18.82
N LYS A 69 33.15 -22.03 -18.86
CA LYS A 69 31.76 -21.95 -18.49
C LYS A 69 31.01 -21.04 -19.48
N ILE A 70 29.84 -21.50 -19.90
CA ILE A 70 28.92 -20.66 -20.69
C ILE A 70 27.54 -20.69 -20.05
N ASN A 71 26.95 -19.50 -19.90
CA ASN A 71 25.55 -19.37 -19.49
C ASN A 71 24.72 -18.78 -20.64
N LEU A 72 23.82 -19.59 -21.19
CA LEU A 72 22.95 -19.13 -22.26
C LEU A 72 21.51 -19.07 -21.81
N ASN A 73 21.30 -19.09 -20.50
CA ASN A 73 19.94 -19.04 -19.95
C ASN A 73 19.04 -17.94 -20.54
N HIS A 74 17.75 -18.26 -20.64
CA HIS A 74 16.72 -17.28 -20.99
C HIS A 74 16.89 -16.63 -22.36
N ASN A 75 17.58 -17.31 -23.27
CA ASN A 75 17.65 -16.87 -24.67
C ASN A 75 16.68 -17.65 -25.56
N PRO A 76 15.85 -16.92 -26.33
CA PRO A 76 15.62 -15.46 -26.40
C PRO A 76 14.36 -14.99 -25.65
N ASN A 77 14.15 -13.67 -25.54
CA ASN A 77 13.02 -13.07 -24.76
C ASN A 77 11.88 -12.34 -25.53
N VAL A 78 10.81 -11.97 -24.79
CA VAL A 78 9.74 -11.06 -25.25
C VAL A 78 9.04 -11.57 -26.50
N ASN A 90 9.16 -18.74 -30.39
CA ASN A 90 9.94 -19.94 -30.61
C ASN A 90 11.35 -19.79 -30.03
N GLY A 91 11.99 -20.92 -29.73
CA GLY A 91 13.18 -20.96 -28.86
C GLY A 91 14.56 -20.88 -29.48
N LEU A 92 15.52 -21.50 -28.82
CA LEU A 92 16.92 -21.38 -29.21
C LEU A 92 17.35 -22.54 -30.11
N ASN A 93 17.94 -22.19 -31.25
CA ASN A 93 18.38 -23.17 -32.24
C ASN A 93 19.85 -23.45 -32.05
N ILE A 94 20.18 -24.66 -31.61
CA ILE A 94 21.57 -25.06 -31.40
C ILE A 94 21.93 -26.19 -32.35
N THR A 95 22.86 -25.94 -33.26
CA THR A 95 23.24 -26.96 -34.23
C THR A 95 23.82 -28.17 -33.52
N ASP A 96 23.91 -29.26 -34.25
CA ASP A 96 24.55 -30.46 -33.74
C ASP A 96 26.04 -30.16 -33.58
N GLY A 97 26.64 -30.60 -32.48
CA GLY A 97 28.08 -30.39 -32.22
C GLY A 97 28.54 -28.93 -32.17
N ALA A 98 27.61 -28.03 -31.86
CA ALA A 98 27.91 -26.61 -31.78
C ALA A 98 28.96 -26.29 -30.73
N PHE A 99 28.95 -27.06 -29.64
CA PHE A 99 29.88 -26.88 -28.52
C PHE A 99 31.03 -27.86 -28.57
N LEU A 100 31.02 -28.80 -29.49
CA LEU A 100 31.99 -29.87 -29.48
C LEU A 100 33.43 -29.37 -29.52
N ASN A 101 33.64 -28.24 -30.22
CA ASN A 101 34.96 -27.61 -30.35
C ASN A 101 35.67 -27.31 -29.05
N LEU A 102 34.89 -26.91 -28.03
CA LEU A 102 35.41 -26.34 -26.80
C LEU A 102 35.91 -27.44 -25.86
N LYS A 103 37.20 -27.74 -25.95
CA LYS A 103 37.81 -28.86 -25.24
C LYS A 103 37.79 -28.71 -23.73
N ASN A 104 37.64 -27.47 -23.24
CA ASN A 104 37.73 -27.18 -21.80
C ASN A 104 36.41 -26.81 -21.16
N LEU A 105 35.30 -27.01 -21.88
CA LEU A 105 34.01 -26.59 -21.34
C LEU A 105 33.55 -27.53 -20.23
N ARG A 106 33.42 -26.97 -19.03
CA ARG A 106 33.04 -27.74 -17.85
C ARG A 106 31.58 -27.56 -17.51
N GLU A 107 31.16 -26.29 -17.54
CA GLU A 107 29.86 -25.88 -17.02
C GLU A 107 29.07 -25.19 -18.13
N LEU A 108 27.93 -25.78 -18.49
CA LEU A 108 27.10 -25.25 -19.56
C LEU A 108 25.69 -25.10 -19.04
N LEU A 109 25.19 -23.87 -19.02
CA LEU A 109 23.84 -23.58 -18.55
C LEU A 109 22.94 -23.22 -19.71
N LEU A 110 21.89 -24.01 -19.87
CA LEU A 110 20.96 -23.88 -20.97
C LEU A 110 19.55 -23.91 -20.41
N GLU A 111 19.25 -23.00 -19.49
CA GLU A 111 17.94 -22.94 -18.86
C GLU A 111 17.00 -21.98 -19.61
N ASP A 112 15.71 -22.31 -19.61
CA ASP A 112 14.67 -21.45 -20.19
C ASP A 112 14.98 -21.08 -21.64
N ASN A 113 15.28 -22.08 -22.45
CA ASN A 113 15.64 -21.86 -23.85
C ASN A 113 14.63 -22.43 -24.84
N GLN A 114 13.50 -22.90 -24.34
CA GLN A 114 12.54 -23.57 -25.21
C GLN A 114 13.20 -24.63 -26.08
N LEU A 115 14.04 -25.45 -25.46
CA LEU A 115 14.66 -26.55 -26.18
C LEU A 115 13.71 -27.76 -26.26
N PRO A 116 13.69 -28.45 -27.41
CA PRO A 116 12.85 -29.64 -27.63
C PRO A 116 13.54 -30.98 -27.36
N GLN A 117 14.86 -30.98 -27.36
CA GLN A 117 15.66 -32.18 -27.17
C GLN A 117 16.99 -31.74 -26.57
N ILE A 118 17.68 -32.66 -25.88
CA ILE A 118 19.02 -32.37 -25.38
C ILE A 118 19.87 -32.13 -26.61
N PRO A 119 20.63 -31.03 -26.65
CA PRO A 119 21.51 -30.81 -27.79
C PRO A 119 22.38 -32.02 -28.06
N SER A 120 22.61 -32.30 -29.32
CA SER A 120 23.44 -33.41 -29.73
C SER A 120 24.89 -32.97 -29.81
N GLY A 121 25.79 -33.90 -29.58
CA GLY A 121 27.23 -33.63 -29.68
C GLY A 121 27.74 -32.64 -28.65
N LEU A 122 27.47 -32.89 -27.38
CA LEU A 122 28.01 -32.04 -26.33
C LEU A 122 29.39 -32.56 -25.98
N PRO A 123 30.30 -31.65 -25.61
CA PRO A 123 31.68 -32.06 -25.28
C PRO A 123 31.79 -32.90 -24.00
N GLU A 124 32.62 -33.94 -24.04
CA GLU A 124 32.77 -34.89 -22.92
C GLU A 124 33.40 -34.22 -21.71
N SER A 125 33.93 -33.02 -21.90
CA SER A 125 34.58 -32.28 -20.82
C SER A 125 33.62 -31.79 -19.72
N LEU A 126 32.33 -31.74 -20.01
CA LEU A 126 31.35 -31.17 -19.07
C LEU A 126 31.25 -31.89 -17.76
N THR A 127 31.24 -31.10 -16.71
CA THR A 127 31.03 -31.58 -15.36
C THR A 127 29.72 -31.07 -14.77
N GLU A 128 29.24 -29.91 -15.26
CA GLU A 128 27.91 -29.45 -14.87
C GLU A 128 27.10 -29.09 -16.11
N LEU A 129 25.89 -29.63 -16.20
CA LEU A 129 24.94 -29.34 -17.30
C LEU A 129 23.57 -29.04 -16.77
N SER A 130 23.01 -27.89 -17.14
CA SER A 130 21.67 -27.51 -16.68
C SER A 130 20.76 -27.23 -17.85
N LEU A 131 19.71 -28.05 -17.94
CA LEU A 131 18.72 -27.91 -18.99
C LEU A 131 17.33 -27.69 -18.41
N ILE A 132 17.26 -27.02 -17.26
CA ILE A 132 15.96 -26.81 -16.60
C ILE A 132 15.12 -25.83 -17.42
N GLN A 133 13.79 -25.93 -17.31
CA GLN A 133 12.81 -25.07 -18.03
C GLN A 133 12.90 -25.11 -19.56
N ASN A 134 12.84 -26.31 -20.10
CA ASN A 134 12.78 -26.49 -21.55
C ASN A 134 11.63 -27.45 -21.85
N ASN A 135 11.63 -28.04 -23.04
CA ASN A 135 10.61 -28.98 -23.49
C ASN A 135 11.24 -30.33 -23.89
N ILE A 136 12.07 -30.85 -22.98
CA ILE A 136 12.77 -32.09 -23.21
C ILE A 136 11.99 -33.24 -22.56
N TYR A 137 11.43 -34.11 -23.41
CA TYR A 137 10.57 -35.22 -22.97
C TYR A 137 11.25 -36.58 -23.07
N ASN A 138 12.35 -36.63 -23.84
CA ASN A 138 13.16 -37.83 -23.99
C ASN A 138 14.55 -37.61 -23.37
N ILE A 139 14.87 -38.37 -22.33
CA ILE A 139 16.24 -38.38 -21.82
C ILE A 139 16.94 -39.57 -22.44
N THR A 140 17.68 -39.29 -23.50
CA THR A 140 18.27 -40.34 -24.31
C THR A 140 19.72 -40.49 -24.01
N LYS A 141 20.21 -41.73 -24.11
CA LYS A 141 21.61 -41.96 -24.34
C LYS A 141 21.87 -41.14 -25.60
N GLU A 142 23.11 -40.87 -25.95
CA GLU A 142 23.40 -40.12 -27.17
C GLU A 142 23.30 -38.65 -26.83
N GLY A 143 22.22 -38.27 -26.15
CA GLY A 143 22.15 -36.96 -25.52
C GLY A 143 23.19 -36.75 -24.43
N ILE A 144 23.21 -37.62 -23.43
CA ILE A 144 24.04 -37.41 -22.22
C ILE A 144 24.99 -38.55 -21.84
N SER A 145 24.62 -39.79 -22.16
CA SER A 145 25.47 -40.94 -21.81
C SER A 145 26.72 -40.63 -22.60
N ARG A 146 27.87 -40.97 -22.04
CA ARG A 146 29.17 -40.68 -22.64
C ARG A 146 29.67 -39.28 -22.26
N LEU A 147 28.87 -38.46 -21.56
CA LEU A 147 29.40 -37.31 -20.82
C LEU A 147 29.84 -37.83 -19.48
N ILE A 148 30.81 -38.71 -19.51
CA ILE A 148 31.16 -39.51 -18.37
C ILE A 148 31.62 -38.66 -17.19
N ASN A 149 32.15 -37.48 -17.49
CA ASN A 149 32.60 -36.54 -16.45
C ASN A 149 31.53 -35.69 -15.72
N LEU A 150 30.28 -35.74 -16.14
CA LEU A 150 29.23 -35.06 -15.42
C LEU A 150 29.23 -35.41 -13.94
N LYS A 151 29.30 -34.36 -13.11
CA LYS A 151 29.04 -34.45 -11.67
C LYS A 151 27.62 -34.00 -11.31
N ASN A 152 27.15 -32.89 -11.89
CA ASN A 152 25.84 -32.30 -11.59
C ASN A 152 24.98 -32.17 -12.82
N LEU A 153 23.84 -32.85 -12.86
CA LEU A 153 22.96 -32.78 -14.01
C LEU A 153 21.58 -32.30 -13.56
N TYR A 154 21.13 -31.21 -14.15
CA TYR A 154 19.85 -30.62 -13.80
C TYR A 154 18.87 -30.74 -14.96
N LEU A 155 17.81 -31.51 -14.79
CA LEU A 155 16.81 -31.68 -15.84
C LEU A 155 15.41 -31.33 -15.38
N ALA A 156 15.31 -30.56 -14.29
CA ALA A 156 14.02 -30.22 -13.72
C ALA A 156 13.23 -29.27 -14.60
N TRP A 157 11.92 -29.31 -14.40
CA TRP A 157 10.96 -28.44 -15.07
C TRP A 157 10.76 -28.63 -16.57
N ASN A 158 11.22 -29.73 -17.14
CA ASN A 158 10.98 -29.91 -18.55
C ASN A 158 9.60 -30.39 -19.02
N CYS A 159 8.96 -31.28 -18.28
CA CYS A 159 7.62 -31.70 -18.66
C CYS A 159 6.66 -31.41 -17.51
N TYR A 160 6.45 -30.13 -17.17
CA TYR A 160 5.47 -29.74 -16.19
C TYR A 160 4.02 -29.76 -16.71
N PHE A 161 3.09 -29.42 -15.83
CA PHE A 161 1.67 -29.49 -16.16
C PHE A 161 1.30 -28.75 -17.45
N ASN A 162 1.83 -27.55 -17.61
CA ASN A 162 1.53 -26.79 -18.80
C ASN A 162 2.12 -27.46 -20.03
N LYS A 163 1.34 -27.44 -21.11
CA LYS A 163 1.67 -27.97 -22.44
C LYS A 163 1.84 -29.49 -22.63
N VAL A 164 2.52 -29.82 -23.70
CA VAL A 164 2.58 -31.14 -24.30
C VAL A 164 3.07 -32.36 -23.50
N CYS A 165 4.10 -32.24 -22.66
CA CYS A 165 4.69 -33.39 -22.04
C CYS A 165 3.68 -34.12 -21.14
N GLU A 166 3.05 -35.12 -21.72
CA GLU A 166 2.04 -35.88 -21.02
C GLU A 166 2.78 -36.71 -19.98
N LYS A 167 3.89 -37.29 -20.42
CA LYS A 167 4.80 -38.07 -19.55
C LYS A 167 6.23 -37.91 -20.06
N THR A 168 7.20 -38.14 -19.19
CA THR A 168 8.60 -37.93 -19.55
C THR A 168 9.32 -39.26 -19.63
N ASN A 169 9.99 -39.48 -20.75
CA ASN A 169 10.55 -40.77 -21.02
C ASN A 169 12.06 -40.80 -20.82
N ILE A 170 12.50 -41.71 -19.96
CA ILE A 170 13.91 -41.85 -19.66
C ILE A 170 14.42 -43.20 -20.17
N GLU A 171 15.19 -43.16 -21.27
CA GLU A 171 15.75 -44.38 -21.88
C GLU A 171 16.45 -45.23 -20.84
N ASP A 172 16.23 -46.54 -20.88
CA ASP A 172 16.74 -47.40 -19.81
C ASP A 172 18.25 -47.29 -19.69
N GLY A 173 18.74 -47.02 -18.47
CA GLY A 173 20.20 -47.01 -18.18
C GLY A 173 20.97 -45.79 -18.65
N VAL A 174 20.26 -44.76 -19.09
CA VAL A 174 20.91 -43.55 -19.59
C VAL A 174 21.91 -42.97 -18.58
N PHE A 175 21.63 -43.11 -17.29
CA PHE A 175 22.51 -42.58 -16.26
C PHE A 175 23.55 -43.57 -15.73
N GLU A 176 23.40 -44.87 -16.00
CA GLU A 176 24.34 -45.86 -15.44
C GLU A 176 25.79 -45.61 -15.89
N THR A 177 25.94 -45.11 -17.11
CA THR A 177 27.23 -44.67 -17.69
C THR A 177 27.91 -43.45 -17.02
N LEU A 178 27.15 -42.63 -16.29
CA LEU A 178 27.72 -41.43 -15.66
C LEU A 178 28.21 -41.76 -14.26
N THR A 179 29.37 -42.38 -14.17
CA THR A 179 29.79 -42.98 -12.91
C THR A 179 30.48 -41.99 -11.98
N ASN A 180 30.47 -40.71 -12.37
CA ASN A 180 30.91 -39.64 -11.47
C ASN A 180 29.80 -38.70 -11.06
N LEU A 181 28.58 -39.02 -11.50
CA LEU A 181 27.44 -38.17 -11.21
C LEU A 181 27.12 -38.14 -9.70
N GLU A 182 27.17 -36.94 -9.14
CA GLU A 182 26.93 -36.67 -7.73
C GLU A 182 25.58 -36.09 -7.45
N LEU A 183 25.08 -35.33 -8.42
CA LEU A 183 23.80 -34.68 -8.30
C LEU A 183 23.00 -34.93 -9.52
N LEU A 184 21.77 -35.41 -9.31
CA LEU A 184 20.77 -35.56 -10.36
C LEU A 184 19.46 -34.93 -9.92
N SER A 185 18.98 -33.94 -10.70
CA SER A 185 17.70 -33.31 -10.39
C SER A 185 16.72 -33.51 -11.54
N LEU A 186 15.65 -34.23 -11.24
CA LEU A 186 14.56 -34.48 -12.18
C LEU A 186 13.26 -33.92 -11.66
N SER A 187 13.35 -33.05 -10.65
CA SER A 187 12.18 -32.46 -10.08
C SER A 187 11.29 -31.81 -11.16
N PHE A 188 9.97 -31.80 -10.94
CA PHE A 188 9.01 -31.14 -11.85
C PHE A 188 9.07 -31.69 -13.28
N ASN A 189 8.94 -33.00 -13.37
CA ASN A 189 8.70 -33.76 -14.59
C ASN A 189 7.76 -34.88 -14.18
N SER A 190 6.94 -35.35 -15.10
CA SER A 190 6.10 -36.52 -14.83
C SER A 190 6.89 -37.81 -15.08
N LEU A 191 7.14 -38.56 -14.01
CA LEU A 191 7.95 -39.80 -14.07
C LEU A 191 7.18 -41.05 -13.66
N SER A 192 6.28 -40.91 -12.70
CA SER A 192 5.48 -42.04 -12.18
C SER A 192 6.29 -42.99 -11.32
N HIS A 193 7.53 -43.26 -11.70
CA HIS A 193 8.37 -44.15 -10.91
C HIS A 193 9.85 -43.73 -10.96
N VAL A 194 10.56 -43.95 -9.85
CA VAL A 194 12.00 -43.64 -9.79
C VAL A 194 12.74 -44.41 -10.87
N PRO A 195 13.53 -43.72 -11.68
CA PRO A 195 14.17 -44.47 -12.73
C PRO A 195 15.13 -45.53 -12.20
N PRO A 196 15.22 -46.65 -12.91
CA PRO A 196 16.22 -47.68 -12.60
C PRO A 196 17.62 -47.31 -13.14
N LYS A 197 18.64 -48.05 -12.69
CA LYS A 197 20.00 -47.94 -13.23
C LYS A 197 20.59 -46.55 -13.09
N LEU A 198 20.75 -46.18 -11.83
CA LEU A 198 21.31 -44.92 -11.39
C LEU A 198 22.70 -45.21 -10.86
N PRO A 199 23.66 -44.32 -11.17
CA PRO A 199 25.03 -44.55 -10.69
C PRO A 199 25.14 -44.47 -9.18
N SER A 200 26.03 -45.28 -8.61
CA SER A 200 26.20 -45.42 -7.18
C SER A 200 26.78 -44.15 -6.61
N SER A 201 27.48 -43.41 -7.48
CA SER A 201 28.14 -42.14 -7.15
C SER A 201 27.21 -41.04 -6.65
N LEU A 202 25.90 -41.17 -6.93
CA LEU A 202 24.92 -40.16 -6.52
C LEU A 202 24.97 -39.80 -5.06
N ARG A 203 24.95 -38.49 -4.82
CA ARG A 203 24.96 -37.96 -3.47
C ARG A 203 23.68 -37.19 -3.19
N LYS A 204 23.15 -36.54 -4.23
CA LYS A 204 21.93 -35.75 -4.13
C LYS A 204 20.99 -36.09 -5.26
N LEU A 205 19.81 -36.62 -4.93
CA LEU A 205 18.82 -36.99 -5.92
C LEU A 205 17.57 -36.22 -5.64
N PHE A 206 17.18 -35.38 -6.60
CA PHE A 206 16.02 -34.51 -6.42
C PHE A 206 14.90 -35.06 -7.28
N LEU A 207 13.81 -35.48 -6.64
CA LEU A 207 12.66 -35.99 -7.33
C LEU A 207 11.37 -35.31 -6.86
N SER A 208 11.42 -34.00 -6.65
CA SER A 208 10.24 -33.27 -6.20
C SER A 208 9.20 -33.15 -7.30
N ASN A 209 7.93 -33.36 -6.97
CA ASN A 209 6.86 -33.15 -7.94
C ASN A 209 7.10 -33.94 -9.24
N THR A 210 7.15 -35.27 -9.13
CA THR A 210 7.46 -36.12 -10.26
C THR A 210 6.36 -37.14 -10.49
N GLN A 211 5.24 -36.98 -9.80
CA GLN A 211 4.12 -37.90 -9.91
C GLN A 211 4.50 -39.33 -9.51
N ILE A 212 5.41 -39.45 -8.56
CA ILE A 212 5.84 -40.73 -8.08
C ILE A 212 5.08 -41.04 -6.80
N LYS A 213 4.02 -41.83 -6.94
CA LYS A 213 3.14 -42.11 -5.81
C LYS A 213 3.56 -43.35 -5.03
N TYR A 214 4.54 -44.08 -5.53
CA TYR A 214 5.00 -45.30 -4.86
C TYR A 214 6.53 -45.44 -4.89
N ILE A 215 7.10 -45.82 -3.74
CA ILE A 215 8.52 -46.02 -3.63
C ILE A 215 8.78 -47.45 -3.21
N SER A 216 9.42 -48.22 -4.09
CA SER A 216 9.71 -49.62 -3.78
C SER A 216 11.06 -49.79 -3.07
N GLU A 217 11.26 -50.99 -2.52
CA GLU A 217 12.50 -51.35 -1.84
C GLU A 217 13.66 -51.31 -2.82
N GLU A 218 13.35 -51.57 -4.07
CA GLU A 218 14.33 -51.66 -5.15
C GLU A 218 14.70 -50.30 -5.76
N ASP A 219 13.89 -49.27 -5.52
CA ASP A 219 14.08 -48.00 -6.22
C ASP A 219 15.38 -47.33 -5.90
N PHE A 220 15.81 -47.40 -4.65
CA PHE A 220 17.08 -46.78 -4.27
C PHE A 220 18.29 -47.70 -4.13
N LYS A 221 18.08 -49.00 -4.31
CA LYS A 221 19.11 -49.89 -4.81
C LYS A 221 20.45 -49.75 -4.08
N GLY A 222 21.50 -49.43 -4.83
CA GLY A 222 22.85 -49.30 -4.34
C GLY A 222 23.29 -47.87 -4.15
N LEU A 223 22.38 -46.97 -3.85
CA LEU A 223 22.77 -45.58 -3.63
C LEU A 223 23.22 -45.43 -2.20
N ILE A 224 24.37 -46.02 -1.93
CA ILE A 224 24.95 -46.05 -0.59
C ILE A 224 25.64 -44.73 -0.24
N ASN A 225 25.94 -43.92 -1.26
CA ASN A 225 26.59 -42.63 -1.06
C ASN A 225 25.63 -41.47 -0.93
N LEU A 226 24.34 -41.76 -0.92
CA LEU A 226 23.35 -40.72 -1.00
C LEU A 226 23.28 -39.99 0.30
N THR A 227 23.34 -38.66 0.21
CA THR A 227 23.22 -37.79 1.38
C THR A 227 21.96 -36.94 1.35
N LEU A 228 21.41 -36.72 0.16
CA LEU A 228 20.13 -35.96 0.00
C LEU A 228 19.15 -36.67 -0.94
N LEU A 229 17.93 -36.83 -0.42
CA LEU A 229 16.81 -37.29 -1.20
C LEU A 229 15.60 -36.35 -1.09
N ASP A 230 15.07 -35.93 -2.24
CA ASP A 230 13.93 -35.03 -2.32
C ASP A 230 12.73 -35.69 -3.01
N LEU A 231 11.73 -36.06 -2.21
CA LEU A 231 10.49 -36.65 -2.73
C LEU A 231 9.27 -35.76 -2.50
N SER A 232 9.51 -34.51 -2.10
CA SER A 232 8.44 -33.55 -1.83
C SER A 232 7.46 -33.41 -2.98
N GLY A 233 6.20 -33.16 -2.68
CA GLY A 233 5.21 -32.87 -3.73
C GLY A 233 4.78 -34.05 -4.62
N ASN A 234 4.96 -35.26 -4.13
CA ASN A 234 4.36 -36.43 -4.75
C ASN A 234 3.20 -36.87 -3.86
N CYS A 235 2.00 -36.94 -4.45
CA CYS A 235 0.73 -36.97 -3.72
C CYS A 235 0.65 -35.73 -2.84
N PRO A 236 0.53 -34.57 -3.47
CA PRO A 236 0.61 -33.33 -2.72
C PRO A 236 -0.57 -33.11 -1.84
N ARG A 237 -0.36 -32.32 -0.80
CA ARG A 237 -1.44 -31.75 -0.03
C ARG A 237 -1.75 -30.48 -0.77
N CYS A 238 -2.88 -30.54 -1.45
CA CYS A 238 -3.21 -29.65 -2.51
C CYS A 238 -3.88 -28.35 -2.08
N PHE A 239 -4.39 -28.33 -0.87
CA PHE A 239 -5.26 -27.27 -0.38
C PHE A 239 -4.72 -25.85 -0.62
N ASN A 240 -5.54 -25.01 -1.27
CA ASN A 240 -5.27 -23.57 -1.48
C ASN A 240 -3.90 -23.30 -2.12
N ALA A 241 -3.33 -24.29 -2.79
CA ALA A 241 -1.91 -24.26 -3.20
C ALA A 241 -1.64 -23.10 -4.14
N PRO A 242 -0.54 -22.34 -3.91
CA PRO A 242 -0.25 -21.25 -4.84
C PRO A 242 -0.08 -21.74 -6.28
N PHE A 243 0.47 -22.94 -6.48
CA PHE A 243 0.69 -23.47 -7.83
C PHE A 243 -0.11 -24.72 -8.19
N PRO A 244 -0.27 -24.98 -9.49
CA PRO A 244 -1.16 -26.07 -9.87
C PRO A 244 -0.72 -27.38 -9.22
N CYS A 245 -1.69 -28.17 -8.80
CA CYS A 245 -1.45 -29.26 -7.86
C CYS A 245 -2.54 -30.30 -8.04
N VAL A 246 -2.18 -31.57 -8.01
CA VAL A 246 -3.14 -32.62 -8.27
C VAL A 246 -2.91 -33.75 -7.29
N PRO A 247 -3.83 -33.93 -6.33
CA PRO A 247 -3.54 -34.97 -5.36
C PRO A 247 -3.74 -36.38 -5.92
N CYS A 248 -3.24 -37.37 -5.21
CA CYS A 248 -3.52 -38.77 -5.54
C CYS A 248 -4.95 -39.16 -5.11
N ASP A 249 -5.41 -40.34 -5.54
CA ASP A 249 -6.80 -40.80 -5.34
C ASP A 249 -7.25 -40.76 -3.87
N GLY A 250 -8.30 -40.00 -3.59
CA GLY A 250 -8.73 -39.75 -2.21
C GLY A 250 -7.78 -38.75 -1.62
N GLY A 251 -7.63 -38.74 -0.30
CA GLY A 251 -6.59 -37.92 0.34
C GLY A 251 -5.29 -38.70 0.52
N ALA A 252 -5.01 -39.61 -0.42
CA ALA A 252 -3.99 -40.63 -0.21
C ALA A 252 -2.57 -40.06 -0.18
N SER A 253 -1.79 -40.53 0.79
CA SER A 253 -0.41 -40.14 0.91
C SER A 253 0.45 -40.90 -0.09
N ILE A 254 1.64 -40.38 -0.34
CA ILE A 254 2.65 -41.11 -1.07
C ILE A 254 2.76 -42.49 -0.43
N ASN A 255 3.12 -43.49 -1.24
CA ASN A 255 3.30 -44.84 -0.72
C ASN A 255 4.77 -45.28 -0.72
N ILE A 256 5.36 -45.39 0.47
CA ILE A 256 6.79 -45.67 0.60
C ILE A 256 6.99 -46.96 1.34
N ASP A 257 7.55 -47.93 0.62
CA ASP A 257 7.79 -49.25 1.16
C ASP A 257 8.61 -49.17 2.44
N ARG A 258 8.33 -50.08 3.37
CA ARG A 258 9.02 -50.13 4.68
C ARG A 258 10.56 -50.08 4.54
N PHE A 259 11.08 -50.75 3.51
CA PHE A 259 12.51 -50.94 3.34
C PHE A 259 13.06 -50.08 2.19
N ALA A 260 12.25 -49.12 1.75
CA ALA A 260 12.65 -48.25 0.65
C ALA A 260 13.97 -47.56 0.92
N PHE A 261 14.23 -47.23 2.19
CA PHE A 261 15.42 -46.48 2.61
C PHE A 261 16.41 -47.25 3.45
N GLN A 262 16.36 -48.56 3.41
CA GLN A 262 17.18 -49.34 4.34
C GLN A 262 18.69 -49.22 4.05
N ASN A 263 19.07 -49.03 2.79
CA ASN A 263 20.49 -48.96 2.42
C ASN A 263 21.01 -47.52 2.20
N LEU A 264 20.24 -46.51 2.61
CA LEU A 264 20.66 -45.11 2.46
C LEU A 264 21.32 -44.60 3.74
N THR A 265 22.42 -45.23 4.12
CA THR A 265 22.98 -44.98 5.46
C THR A 265 23.61 -43.60 5.60
N GLN A 266 23.96 -43.01 4.48
CA GLN A 266 24.60 -41.71 4.49
C GLN A 266 23.62 -40.51 4.50
N LEU A 267 22.33 -40.74 4.28
CA LEU A 267 21.38 -39.67 4.11
C LEU A 267 21.44 -38.67 5.25
N ARG A 268 21.58 -37.39 4.87
CA ARG A 268 21.59 -36.26 5.81
C ARG A 268 20.37 -35.36 5.65
N TYR A 269 19.86 -35.29 4.43
CA TYR A 269 18.77 -34.39 4.07
C TYR A 269 17.68 -35.20 3.42
N LEU A 270 16.51 -35.22 4.06
CA LEU A 270 15.33 -35.86 3.50
C LEU A 270 14.15 -34.87 3.46
N ASN A 271 13.62 -34.70 2.25
CA ASN A 271 12.50 -33.81 2.04
C ASN A 271 11.28 -34.60 1.60
N LEU A 272 10.29 -34.66 2.52
CA LEU A 272 8.99 -35.29 2.27
C LEU A 272 7.81 -34.31 2.33
N SER A 273 8.10 -33.04 2.09
CA SER A 273 7.07 -32.01 2.14
C SER A 273 5.98 -32.30 1.12
N SER A 274 4.75 -32.03 1.52
CA SER A 274 3.60 -32.11 0.61
C SER A 274 3.58 -33.48 -0.07
N THR A 275 3.47 -34.53 0.76
CA THR A 275 3.26 -35.88 0.28
C THR A 275 2.03 -36.51 0.94
N SER A 276 1.21 -35.66 1.52
CA SER A 276 -0.07 -36.06 2.11
C SER A 276 0.06 -37.11 3.20
N LEU A 277 1.19 -37.10 3.90
CA LEU A 277 1.50 -38.15 4.88
C LEU A 277 0.66 -38.03 6.14
N ARG A 278 0.01 -39.14 6.51
CA ARG A 278 -0.67 -39.25 7.81
C ARG A 278 0.19 -39.98 8.84
N LYS A 279 0.96 -40.95 8.33
CA LYS A 279 1.79 -41.82 9.17
C LYS A 279 3.22 -41.77 8.69
N ILE A 280 4.14 -41.73 9.63
CA ILE A 280 5.55 -41.82 9.32
C ILE A 280 6.14 -43.10 9.89
N ASN A 281 6.52 -43.99 8.98
CA ASN A 281 7.08 -45.27 9.33
C ASN A 281 8.46 -45.07 9.98
N ALA A 282 8.58 -45.42 11.25
CA ALA A 282 9.84 -45.23 11.99
C ALA A 282 10.99 -46.11 11.44
N ALA A 283 10.63 -47.16 10.72
CA ALA A 283 11.61 -48.06 10.13
C ALA A 283 12.37 -47.44 8.97
N TRP A 284 11.80 -46.36 8.41
CA TRP A 284 12.45 -45.62 7.35
C TRP A 284 13.79 -45.04 7.80
N PHE A 285 13.90 -44.78 9.11
CA PHE A 285 15.09 -44.17 9.72
C PHE A 285 15.98 -45.12 10.53
N LYS A 286 15.64 -46.41 10.53
CA LYS A 286 16.39 -47.40 11.31
C LYS A 286 17.87 -47.35 10.93
N ASN A 287 18.13 -47.30 9.62
CA ASN A 287 19.50 -47.35 9.07
C ASN A 287 20.01 -46.03 8.56
N MET A 288 19.64 -44.95 9.24
CA MET A 288 19.82 -43.60 8.73
C MET A 288 20.28 -42.72 9.87
N PRO A 289 21.36 -43.13 10.54
CA PRO A 289 21.79 -42.51 11.80
C PRO A 289 22.28 -41.06 11.75
N HIS A 290 22.54 -40.52 10.55
CA HIS A 290 23.12 -39.18 10.43
C HIS A 290 22.14 -38.12 9.99
N LEU A 291 20.88 -38.50 9.79
CA LEU A 291 19.91 -37.57 9.24
C LEU A 291 19.95 -36.26 10.02
N LYS A 292 20.18 -35.20 9.24
CA LYS A 292 20.41 -33.87 9.77
C LYS A 292 19.20 -32.96 9.61
N VAL A 293 18.56 -33.03 8.45
CA VAL A 293 17.47 -32.13 8.10
C VAL A 293 16.31 -32.93 7.52
N LEU A 294 15.13 -32.66 8.06
CA LEU A 294 13.95 -33.44 7.70
C LEU A 294 12.78 -32.49 7.47
N ASP A 295 12.33 -32.41 6.22
CA ASP A 295 11.22 -31.54 5.80
C ASP A 295 9.91 -32.32 5.73
N LEU A 296 8.95 -31.96 6.58
CA LEU A 296 7.65 -32.58 6.56
C LEU A 296 6.52 -31.54 6.51
N GLU A 297 6.79 -30.41 5.85
CA GLU A 297 5.81 -29.35 5.66
C GLU A 297 4.68 -29.87 4.80
N PHE A 298 3.47 -29.36 5.04
CA PHE A 298 2.33 -29.62 4.17
C PHE A 298 1.92 -31.08 4.06
N ASN A 299 1.80 -31.74 5.21
CA ASN A 299 1.31 -33.10 5.26
C ASN A 299 0.12 -33.10 6.22
N TYR A 300 -0.25 -34.24 6.80
CA TYR A 300 -1.33 -34.29 7.78
C TYR A 300 -0.87 -34.99 9.06
N LEU A 301 0.17 -34.46 9.69
CA LEU A 301 0.87 -35.17 10.77
C LEU A 301 0.53 -34.70 12.17
N VAL A 302 -0.66 -34.16 12.33
CA VAL A 302 -1.08 -33.71 13.67
C VAL A 302 -1.06 -34.91 14.66
N GLY A 303 -1.58 -36.05 14.19
CA GLY A 303 -1.60 -37.27 14.99
C GLY A 303 -0.21 -37.73 15.29
N GLU A 304 0.60 -37.83 14.25
CA GLU A 304 1.99 -38.25 14.40
C GLU A 304 2.80 -37.34 15.32
N ILE A 305 2.47 -36.06 15.36
CA ILE A 305 3.14 -35.13 16.27
C ILE A 305 2.80 -35.43 17.72
N ALA A 306 1.61 -35.97 17.93
CA ALA A 306 1.12 -36.27 19.27
C ALA A 306 1.71 -37.57 19.81
N SER A 307 1.86 -38.56 18.93
CA SER A 307 2.43 -39.87 19.29
C SER A 307 3.89 -39.96 18.89
N GLY A 308 4.14 -40.22 17.61
CA GLY A 308 5.45 -39.96 17.01
C GLY A 308 6.52 -40.96 17.39
N ALA A 309 6.33 -42.19 16.92
CA ALA A 309 7.33 -43.22 17.09
C ALA A 309 8.63 -42.78 16.46
N PHE A 310 8.51 -42.32 15.21
CA PHE A 310 9.67 -41.93 14.44
C PHE A 310 10.60 -40.96 15.16
N LEU A 311 10.13 -40.25 16.18
CA LEU A 311 10.94 -39.21 16.84
C LEU A 311 12.11 -39.78 17.63
N THR A 312 11.97 -41.03 18.07
CA THR A 312 13.03 -41.73 18.77
C THR A 312 14.18 -42.12 17.83
N MET A 313 13.93 -42.12 16.51
CA MET A 313 14.89 -42.60 15.50
C MET A 313 15.78 -41.52 14.88
N LEU A 314 15.89 -40.35 15.53
CA LEU A 314 16.51 -39.18 14.88
C LEU A 314 17.35 -38.40 15.87
N PRO A 315 18.34 -39.07 16.44
CA PRO A 315 19.16 -38.46 17.48
C PRO A 315 20.16 -37.41 16.97
N ARG A 316 20.40 -37.40 15.64
CA ARG A 316 21.31 -36.46 15.00
C ARG A 316 20.62 -35.34 14.19
N LEU A 317 19.30 -35.39 14.11
CA LEU A 317 18.52 -34.34 13.48
C LEU A 317 18.75 -32.96 14.10
N GLU A 318 19.09 -32.01 13.24
CA GLU A 318 19.34 -30.64 13.66
C GLU A 318 18.18 -29.69 13.30
N ILE A 319 17.51 -29.98 12.19
CA ILE A 319 16.41 -29.16 11.71
C ILE A 319 15.23 -30.02 11.37
N LEU A 320 14.09 -29.73 12.00
CA LEU A 320 12.82 -30.42 11.76
C LEU A 320 11.75 -29.39 11.35
N ASP A 321 11.18 -29.58 10.17
CA ASP A 321 10.07 -28.72 9.74
C ASP A 321 8.76 -29.48 9.61
N LEU A 322 7.85 -29.16 10.54
CA LEU A 322 6.54 -29.79 10.62
C LEU A 322 5.46 -28.76 10.34
N SER A 323 5.78 -27.80 9.49
CA SER A 323 4.89 -26.69 9.24
C SER A 323 3.68 -27.06 8.37
N PHE A 324 2.57 -26.36 8.63
CA PHE A 324 1.36 -26.42 7.82
C PHE A 324 0.84 -27.83 7.75
N ASN A 325 0.74 -28.46 8.91
CA ASN A 325 0.07 -29.75 9.02
C ASN A 325 -1.30 -29.67 9.67
N TYR A 326 -1.82 -28.44 9.73
CA TYR A 326 -3.13 -28.14 10.31
C TYR A 326 -4.17 -29.01 9.64
N ILE A 327 -5.26 -29.26 10.36
CA ILE A 327 -6.43 -29.95 9.79
C ILE A 327 -7.49 -28.91 9.38
N LYS A 328 -8.10 -29.10 8.22
CA LYS A 328 -9.06 -28.12 7.68
C LYS A 328 -10.12 -27.79 8.74
N GLY A 329 -10.28 -26.51 9.05
CA GLY A 329 -11.35 -26.08 9.92
C GLY A 329 -11.13 -26.44 11.37
N SER A 330 -9.94 -26.94 11.71
CA SER A 330 -9.66 -27.30 13.08
C SER A 330 -8.82 -26.26 13.78
N TYR A 331 -9.30 -25.81 14.93
CA TYR A 331 -8.67 -24.73 15.67
C TYR A 331 -8.68 -25.16 17.12
N PRO A 332 -8.03 -26.30 17.40
CA PRO A 332 -8.03 -26.89 18.74
C PRO A 332 -7.52 -25.94 19.77
N GLN A 333 -7.98 -26.08 21.01
CA GLN A 333 -7.50 -25.26 22.13
C GLN A 333 -6.00 -25.36 22.29
N HIS A 334 -5.49 -26.58 22.15
CA HIS A 334 -4.12 -26.86 22.53
C HIS A 334 -3.40 -27.65 21.48
N ILE A 335 -2.09 -27.43 21.42
CA ILE A 335 -1.21 -28.27 20.63
C ILE A 335 -0.84 -29.51 21.48
N ASN A 336 -0.79 -30.68 20.86
CA ASN A 336 -0.32 -31.92 21.52
C ASN A 336 1.06 -32.40 20.99
N ILE A 337 2.10 -32.11 21.77
CA ILE A 337 3.48 -32.45 21.43
C ILE A 337 3.88 -33.74 22.11
N SER A 338 4.21 -34.77 21.33
CA SER A 338 4.74 -36.00 21.91
C SER A 338 5.91 -35.79 22.88
N ARG A 339 5.98 -36.65 23.90
CA ARG A 339 7.15 -36.63 24.78
C ARG A 339 8.41 -37.06 24.03
N ASN A 340 8.21 -37.83 22.95
CA ASN A 340 9.32 -38.31 22.12
C ASN A 340 10.15 -37.20 21.45
N PHE A 341 9.65 -35.96 21.43
CA PHE A 341 10.44 -34.79 21.02
C PHE A 341 11.70 -34.61 21.86
N SER A 342 11.68 -35.09 23.10
CA SER A 342 12.88 -35.00 23.95
C SER A 342 14.02 -35.92 23.50
N LYS A 343 13.73 -36.81 22.56
CA LYS A 343 14.74 -37.67 21.94
C LYS A 343 15.44 -37.07 20.71
N LEU A 344 15.07 -35.84 20.34
CA LEU A 344 15.74 -35.12 19.26
C LEU A 344 16.89 -34.32 19.88
N LEU A 345 17.93 -35.02 20.27
CA LEU A 345 18.95 -34.44 21.13
C LEU A 345 19.77 -33.39 20.41
N SER A 346 19.99 -33.63 19.13
CA SER A 346 20.78 -32.70 18.33
C SER A 346 20.00 -31.51 17.76
N LEU A 347 18.71 -31.40 18.07
CA LEU A 347 17.84 -30.40 17.45
C LEU A 347 18.29 -28.96 17.72
N ARG A 348 18.50 -28.22 16.62
CA ARG A 348 18.87 -26.83 16.67
C ARG A 348 17.69 -25.89 16.36
N ALA A 349 16.85 -26.29 15.41
CA ALA A 349 15.73 -25.46 14.97
C ALA A 349 14.47 -26.28 14.75
N LEU A 350 13.40 -25.91 15.43
CA LEU A 350 12.07 -26.51 15.21
C LEU A 350 11.10 -25.55 14.50
N HIS A 351 10.61 -25.94 13.34
CA HIS A 351 9.64 -25.11 12.63
C HIS A 351 8.24 -25.71 12.67
N LEU A 352 7.35 -25.06 13.41
CA LEU A 352 6.01 -25.53 13.61
C LEU A 352 5.00 -24.47 13.23
N ARG A 353 5.11 -23.97 12.01
CA ARG A 353 4.16 -23.01 11.54
C ARG A 353 2.90 -23.75 11.18
N GLY A 354 1.78 -23.05 11.28
CA GLY A 354 0.55 -23.50 10.64
C GLY A 354 0.03 -24.82 11.11
N TYR A 355 0.17 -25.07 12.40
CA TYR A 355 -0.51 -26.19 13.03
C TYR A 355 -1.88 -25.63 13.36
N VAL A 356 -1.89 -24.45 13.99
CA VAL A 356 -3.07 -23.62 14.24
C VAL A 356 -3.78 -24.12 15.45
N PHE A 357 -3.62 -23.36 16.52
CA PHE A 357 -4.22 -23.69 17.78
C PHE A 357 -4.23 -22.45 18.60
N GLN A 358 -5.02 -22.49 19.68
CA GLN A 358 -5.36 -21.29 20.42
C GLN A 358 -4.49 -20.96 21.59
N GLU A 359 -3.96 -21.98 22.26
CA GLU A 359 -3.25 -21.70 23.49
C GLU A 359 -1.96 -22.52 23.62
N LEU A 360 -0.91 -21.85 24.10
CA LEU A 360 0.35 -22.52 24.41
C LEU A 360 0.64 -22.44 25.90
N ARG A 361 0.57 -23.61 26.55
CA ARG A 361 0.86 -23.72 27.99
C ARG A 361 2.29 -24.21 28.22
N GLU A 362 2.83 -23.84 29.38
CA GLU A 362 4.13 -24.32 29.87
C GLU A 362 4.34 -25.79 29.60
N ASP A 363 3.40 -26.58 30.08
CA ASP A 363 3.49 -28.01 30.06
C ASP A 363 3.57 -28.59 28.62
N ASP A 364 2.90 -27.95 27.67
CA ASP A 364 2.85 -28.44 26.26
C ASP A 364 4.23 -28.54 25.60
N PHE A 365 5.17 -27.73 26.09
CA PHE A 365 6.53 -27.60 25.54
C PHE A 365 7.64 -28.17 26.46
N GLN A 366 7.24 -28.96 27.45
CA GLN A 366 8.18 -29.56 28.36
C GLN A 366 9.26 -30.37 27.61
N PRO A 367 8.89 -31.25 26.64
CA PRO A 367 9.91 -32.08 25.94
C PRO A 367 11.06 -31.31 25.28
N LEU A 368 10.78 -30.09 24.85
CA LEU A 368 11.75 -29.27 24.14
C LEU A 368 12.69 -28.54 25.09
N MET A 369 12.30 -28.46 26.36
CA MET A 369 13.06 -27.68 27.33
C MET A 369 14.40 -28.31 27.68
N GLN A 370 14.52 -29.60 27.38
CA GLN A 370 15.70 -30.37 27.74
C GLN A 370 16.61 -30.65 26.54
N LEU A 371 16.29 -30.11 25.37
CA LEU A 371 17.13 -30.29 24.18
C LEU A 371 18.23 -29.25 24.23
N PRO A 372 19.50 -29.67 24.33
CA PRO A 372 20.58 -28.72 24.68
C PRO A 372 20.89 -27.63 23.64
N ASN A 373 20.66 -27.92 22.36
CA ASN A 373 21.10 -27.03 21.26
C ASN A 373 19.96 -26.35 20.49
N LEU A 374 18.73 -26.50 20.96
CA LEU A 374 17.59 -25.86 20.36
C LEU A 374 17.71 -24.33 20.49
N SER A 375 18.02 -23.67 19.38
CA SER A 375 18.15 -22.20 19.37
C SER A 375 17.05 -21.45 18.61
N THR A 376 16.32 -22.16 17.73
CA THR A 376 15.19 -21.58 17.02
C THR A 376 13.89 -22.37 17.21
N ILE A 377 12.88 -21.69 17.78
CA ILE A 377 11.49 -22.18 17.80
C ILE A 377 10.65 -21.28 16.94
N ASN A 378 10.10 -21.85 15.87
CA ASN A 378 9.34 -21.08 14.92
C ASN A 378 7.88 -21.46 14.97
N LEU A 379 7.10 -20.58 15.59
CA LEU A 379 5.67 -20.79 15.72
C LEU A 379 4.84 -19.78 14.91
N GLY A 380 5.36 -19.34 13.78
CA GLY A 380 4.64 -18.38 12.96
C GLY A 380 3.33 -18.94 12.43
N ILE A 381 2.35 -18.05 12.27
CA ILE A 381 1.13 -18.38 11.55
C ILE A 381 0.38 -19.54 12.22
N ASN A 382 0.16 -19.42 13.53
CA ASN A 382 -0.64 -20.39 14.27
C ASN A 382 -1.89 -19.80 14.90
N PHE A 383 -2.03 -18.48 14.79
CA PHE A 383 -3.23 -17.79 15.28
C PHE A 383 -3.45 -18.12 16.76
N ILE A 384 -2.35 -18.13 17.50
CA ILE A 384 -2.40 -18.42 18.92
C ILE A 384 -2.90 -17.21 19.67
N LYS A 385 -3.93 -17.41 20.50
CA LYS A 385 -4.53 -16.33 21.31
C LYS A 385 -3.74 -16.03 22.58
N GLN A 386 -3.23 -17.05 23.24
CA GLN A 386 -2.36 -16.77 24.37
C GLN A 386 -1.27 -17.80 24.58
N ILE A 387 -0.16 -17.29 25.08
CA ILE A 387 1.01 -18.09 25.34
C ILE A 387 1.42 -17.86 26.78
N ASP A 388 1.75 -18.93 27.46
CA ASP A 388 2.35 -18.83 28.78
C ASP A 388 3.85 -18.47 28.62
N PHE A 389 4.13 -17.17 28.46
CA PHE A 389 5.47 -16.67 28.09
C PHE A 389 6.65 -17.07 29.03
N LYS A 390 6.36 -17.33 30.30
CA LYS A 390 7.41 -17.77 31.24
C LYS A 390 8.09 -19.06 30.76
N LEU A 391 7.38 -19.87 29.96
CA LEU A 391 7.91 -21.15 29.49
C LEU A 391 9.20 -21.02 28.68
N PHE A 392 9.40 -19.88 28.05
CA PHE A 392 10.66 -19.65 27.30
C PHE A 392 11.84 -19.34 28.19
N GLN A 393 11.63 -19.19 29.50
CA GLN A 393 12.78 -19.02 30.39
C GLN A 393 13.52 -20.34 30.56
N ASN A 394 12.80 -21.45 30.37
CA ASN A 394 13.33 -22.80 30.62
C ASN A 394 14.19 -23.34 29.46
N PHE A 395 14.75 -22.48 28.62
CA PHE A 395 15.56 -22.94 27.48
C PHE A 395 16.97 -22.33 27.50
N SER A 396 17.99 -23.18 27.53
CA SER A 396 19.38 -22.73 27.72
C SER A 396 20.04 -22.07 26.51
N ASN A 397 19.55 -22.35 25.32
CA ASN A 397 20.18 -21.86 24.10
C ASN A 397 19.24 -21.21 23.09
N LEU A 398 18.03 -20.80 23.51
CA LEU A 398 17.13 -20.07 22.62
C LEU A 398 17.73 -18.75 22.18
N GLU A 399 17.86 -18.58 20.88
CA GLU A 399 18.30 -17.32 20.32
C GLU A 399 17.13 -16.63 19.55
N ILE A 400 16.16 -17.45 19.11
CA ILE A 400 15.09 -17.00 18.26
C ILE A 400 13.73 -17.56 18.64
N ILE A 401 12.85 -16.69 19.11
CA ILE A 401 11.46 -17.03 19.33
C ILE A 401 10.62 -16.32 18.29
N TYR A 402 10.14 -17.06 17.30
CA TYR A 402 9.42 -16.47 16.18
C TYR A 402 7.91 -16.69 16.27
N LEU A 403 7.20 -15.63 16.64
CA LEU A 403 5.77 -15.69 16.93
C LEU A 403 4.92 -14.80 16.04
N SER A 404 5.42 -14.46 14.86
CA SER A 404 4.67 -13.63 13.93
C SER A 404 3.40 -14.31 13.51
N GLU A 405 2.40 -13.49 13.15
CA GLU A 405 1.09 -13.99 12.66
C GLU A 405 0.42 -14.94 13.65
N ASN A 406 0.37 -14.51 14.88
CA ASN A 406 -0.48 -15.14 15.87
C ASN A 406 -1.44 -14.07 16.37
N ARG A 407 -2.18 -14.36 17.44
CA ARG A 407 -3.23 -13.47 17.92
C ARG A 407 -3.04 -13.06 19.38
N ILE A 408 -1.81 -12.75 19.75
CA ILE A 408 -1.54 -12.28 21.09
C ILE A 408 -2.21 -10.91 21.27
N SER A 409 -2.92 -10.78 22.39
CA SER A 409 -3.66 -9.56 22.73
C SER A 409 -2.88 -8.75 23.78
N PRO A 410 -3.39 -7.56 24.11
CA PRO A 410 -2.74 -6.86 25.21
C PRO A 410 -2.97 -7.62 26.51
N LEU A 411 -1.91 -7.65 27.33
CA LEU A 411 -1.87 -8.44 28.56
C LEU A 411 -2.08 -7.55 29.78
N VAL A 412 -3.22 -7.79 30.42
CA VAL A 412 -3.58 -7.17 31.71
C VAL A 412 -3.73 -8.23 32.80
N PHE A 439 8.02 -20.36 -10.98
CA PHE A 439 8.83 -19.27 -10.47
C PHE A 439 10.26 -19.79 -10.34
N ASP A 440 11.13 -19.06 -9.62
CA ASP A 440 12.57 -19.45 -9.54
C ASP A 440 12.72 -20.93 -9.22
N PRO A 441 13.46 -21.70 -10.06
CA PRO A 441 13.47 -23.14 -9.82
C PRO A 441 14.57 -23.52 -8.85
N HIS A 442 15.42 -22.57 -8.48
CA HIS A 442 16.60 -22.85 -7.67
C HIS A 442 16.37 -22.40 -6.23
N SER A 443 15.12 -22.21 -5.88
CA SER A 443 14.74 -21.86 -4.52
C SER A 443 14.13 -23.08 -3.90
N ASN A 444 14.24 -23.19 -2.58
CA ASN A 444 13.39 -24.10 -1.84
C ASN A 444 11.94 -23.64 -2.00
N PHE A 445 11.12 -24.51 -2.56
CA PHE A 445 9.72 -24.27 -2.95
C PHE A 445 8.79 -24.39 -1.73
N TYR A 446 9.16 -25.20 -0.72
CA TYR A 446 8.26 -25.58 0.41
C TYR A 446 8.73 -25.05 1.73
N HIS A 447 10.03 -24.77 1.85
CA HIS A 447 10.59 -24.20 3.06
C HIS A 447 11.13 -22.81 2.77
N PHE A 448 10.35 -21.84 3.19
CA PHE A 448 10.65 -20.41 3.01
C PHE A 448 11.99 -20.02 3.68
N THR A 449 12.84 -19.40 2.87
CA THR A 449 14.29 -19.54 2.98
C THR A 449 15.11 -18.39 3.62
N ARG A 450 14.60 -17.15 3.63
CA ARG A 450 15.32 -16.01 4.22
C ARG A 450 15.31 -16.07 5.75
N PRO A 451 16.20 -15.33 6.42
CA PRO A 451 16.17 -15.40 7.88
C PRO A 451 14.84 -15.00 8.44
N LEU A 452 14.37 -15.75 9.44
CA LEU A 452 13.13 -15.42 10.10
C LEU A 452 13.15 -14.03 10.68
N ILE A 453 14.29 -13.60 11.19
CA ILE A 453 14.42 -12.30 11.85
C ILE A 453 15.60 -11.60 11.25
N LYS A 454 15.52 -10.28 11.10
CA LYS A 454 16.60 -9.58 10.40
C LYS A 454 17.90 -9.87 11.13
N PRO A 455 18.92 -10.31 10.39
CA PRO A 455 20.19 -10.62 11.03
C PRO A 455 20.72 -9.48 11.90
N GLN A 456 20.56 -8.24 11.45
CA GLN A 456 21.15 -7.15 12.22
C GLN A 456 20.44 -6.90 13.52
N CYS A 457 19.24 -7.44 13.66
CA CYS A 457 18.50 -7.39 14.93
C CYS A 457 18.90 -8.57 15.81
N ALA A 458 18.90 -9.76 15.24
CA ALA A 458 19.21 -10.97 16.01
C ALA A 458 20.68 -11.03 16.48
N ALA A 459 21.59 -10.41 15.73
CA ALA A 459 22.99 -10.19 16.17
C ALA A 459 23.16 -9.67 17.61
N TYR A 460 22.22 -8.87 18.11
CA TYR A 460 22.36 -8.30 19.43
C TYR A 460 22.00 -9.28 20.52
N GLY A 461 21.32 -10.37 20.18
CA GLY A 461 20.93 -11.27 21.23
C GLY A 461 19.65 -12.01 20.98
N LYS A 462 19.04 -12.44 22.08
CA LYS A 462 17.79 -13.18 22.02
C LYS A 462 16.79 -12.31 21.32
N ALA A 463 16.10 -12.91 20.34
CA ALA A 463 15.16 -12.20 19.51
C ALA A 463 13.77 -12.77 19.71
N LEU A 464 12.82 -11.86 19.91
CA LEU A 464 11.42 -12.20 20.02
C LEU A 464 10.67 -11.45 18.93
N ASP A 465 9.92 -12.17 18.09
CA ASP A 465 9.19 -11.53 17.01
C ASP A 465 7.70 -11.71 17.25
N LEU A 466 7.06 -10.61 17.61
CA LEU A 466 5.63 -10.57 17.88
C LEU A 466 4.88 -9.72 16.84
N SER A 467 5.47 -9.61 15.65
CA SER A 467 4.88 -8.86 14.56
C SER A 467 3.58 -9.52 14.13
N LEU A 468 2.67 -8.69 13.61
CA LEU A 468 1.40 -9.17 13.07
C LEU A 468 0.55 -9.98 14.06
N ASN A 469 0.46 -9.47 15.28
CA ASN A 469 -0.43 -10.04 16.28
C ASN A 469 -1.56 -9.03 16.61
N SER A 470 -2.20 -9.14 17.76
CA SER A 470 -3.32 -8.26 18.16
C SER A 470 -2.95 -7.30 19.28
N ILE A 471 -1.73 -6.83 19.32
CA ILE A 471 -1.31 -6.04 20.43
C ILE A 471 -1.62 -4.60 20.16
N PHE A 472 -2.90 -4.26 20.26
CA PHE A 472 -3.36 -2.93 19.89
C PHE A 472 -2.98 -1.86 20.92
N PHE A 473 -2.76 -2.29 22.15
CA PHE A 473 -1.94 -1.47 23.06
C PHE A 473 -1.00 -2.38 23.84
N ILE A 474 -0.01 -1.78 24.50
CA ILE A 474 0.94 -2.51 25.33
C ILE A 474 0.37 -2.64 26.71
N GLY A 475 -0.04 -3.85 27.09
CA GLY A 475 -0.58 -4.09 28.43
C GLY A 475 0.52 -3.96 29.46
N PRO A 476 0.16 -3.69 30.73
CA PRO A 476 1.23 -3.62 31.73
C PRO A 476 2.00 -4.94 31.90
N ASN A 477 1.35 -6.08 31.68
CA ASN A 477 1.99 -7.39 31.81
C ASN A 477 2.51 -7.98 30.50
N GLN A 478 2.72 -7.13 29.51
CA GLN A 478 3.02 -7.62 28.17
C GLN A 478 4.29 -8.48 28.12
N PHE A 479 5.30 -8.02 28.84
CA PHE A 479 6.63 -8.62 28.79
C PHE A 479 7.09 -9.24 30.11
N GLU A 480 6.20 -9.25 31.10
CA GLU A 480 6.38 -10.04 32.31
C GLU A 480 6.78 -11.49 31.96
N ASN A 481 7.75 -12.03 32.67
CA ASN A 481 8.15 -13.44 32.50
C ASN A 481 8.91 -13.79 31.24
N LEU A 482 9.28 -12.79 30.43
CA LEU A 482 10.14 -13.07 29.28
C LEU A 482 11.58 -13.22 29.75
N PRO A 483 12.37 -14.03 29.03
CA PRO A 483 13.81 -13.92 29.20
C PRO A 483 14.32 -12.55 28.79
N ASP A 484 15.62 -12.37 28.90
CA ASP A 484 16.22 -11.11 28.56
C ASP A 484 16.28 -11.02 27.05
N ILE A 485 15.46 -10.14 26.50
CA ILE A 485 15.35 -9.94 25.06
C ILE A 485 16.23 -8.78 24.61
N ALA A 486 16.98 -9.02 23.53
CA ALA A 486 17.82 -7.98 22.91
C ALA A 486 17.24 -7.43 21.62
N CYS A 487 16.46 -8.27 20.94
CA CYS A 487 15.84 -7.94 19.63
C CYS A 487 14.35 -8.18 19.70
N LEU A 488 13.56 -7.15 19.42
CA LEU A 488 12.10 -7.27 19.59
C LEU A 488 11.36 -6.67 18.43
N ASN A 489 10.48 -7.46 17.83
CA ASN A 489 9.69 -7.01 16.70
C ASN A 489 8.25 -6.89 17.08
N LEU A 490 7.76 -5.65 17.01
CA LEU A 490 6.35 -5.39 17.28
C LEU A 490 5.68 -4.91 16.02
N SER A 491 6.32 -5.09 14.88
CA SER A 491 5.79 -4.53 13.65
C SER A 491 4.36 -4.93 13.40
N ALA A 492 3.54 -3.96 13.00
CA ALA A 492 2.21 -4.22 12.48
C ALA A 492 1.25 -4.83 13.46
N ASN A 493 1.05 -4.17 14.59
CA ASN A 493 0.03 -4.60 15.55
C ASN A 493 -1.08 -3.60 15.77
N SER A 494 -1.16 -2.61 14.91
CA SER A 494 -2.13 -1.55 15.06
C SER A 494 -2.06 -0.91 16.44
N ASN A 495 -0.83 -0.79 16.93
CA ASN A 495 -0.58 -0.47 18.31
C ASN A 495 -0.56 1.03 18.49
N ALA A 496 -1.41 1.52 19.40
CA ALA A 496 -1.64 2.95 19.52
C ALA A 496 -1.18 3.48 20.86
N GLN A 497 -0.27 2.75 21.48
CA GLN A 497 0.21 3.08 22.80
C GLN A 497 0.73 4.51 22.84
N VAL A 498 0.38 5.21 23.92
CA VAL A 498 1.05 6.47 24.24
C VAL A 498 2.25 6.09 25.08
N LEU A 499 3.43 6.11 24.45
CA LEU A 499 4.65 5.71 25.12
C LEU A 499 4.99 6.72 26.20
N SER A 500 5.26 6.18 27.40
CA SER A 500 5.43 6.96 28.60
C SER A 500 6.67 6.60 29.44
N GLY A 501 7.43 5.60 29.03
CA GLY A 501 8.69 5.26 29.68
C GLY A 501 8.60 4.12 30.67
N THR A 502 7.50 3.37 30.63
CA THR A 502 7.28 2.27 31.57
C THR A 502 6.92 0.96 30.85
N GLU A 503 6.62 1.05 29.57
CA GLU A 503 6.02 -0.07 28.84
C GLU A 503 6.98 -1.28 28.72
N PHE A 504 8.27 -0.98 28.61
CA PHE A 504 9.29 -2.00 28.32
C PHE A 504 10.21 -2.34 29.48
N SER A 505 9.82 -1.95 30.69
CA SER A 505 10.73 -2.04 31.83
C SER A 505 11.01 -3.49 32.25
N ALA A 506 10.17 -4.43 31.82
CA ALA A 506 10.39 -5.85 32.14
C ALA A 506 11.44 -6.53 31.23
N ILE A 507 11.79 -5.88 30.13
CA ILE A 507 12.83 -6.34 29.21
C ILE A 507 13.68 -5.12 28.86
N PRO A 508 14.42 -4.62 29.85
CA PRO A 508 15.04 -3.30 29.69
C PRO A 508 16.29 -3.29 28.86
N HIS A 509 16.72 -4.47 28.42
CA HIS A 509 17.97 -4.58 27.69
C HIS A 509 17.77 -4.82 26.21
N VAL A 510 16.64 -4.36 25.69
CA VAL A 510 16.38 -4.41 24.27
C VAL A 510 17.33 -3.44 23.58
N LYS A 511 17.95 -3.90 22.50
CA LYS A 511 18.93 -3.10 21.75
C LYS A 511 18.39 -2.69 20.39
N TYR A 512 17.56 -3.55 19.81
CA TYR A 512 16.99 -3.35 18.48
C TYR A 512 15.48 -3.51 18.62
N LEU A 513 14.77 -2.42 18.38
CA LEU A 513 13.32 -2.39 18.53
C LEU A 513 12.70 -1.98 17.21
N ASP A 514 11.90 -2.88 16.65
CA ASP A 514 11.12 -2.61 15.45
C ASP A 514 9.68 -2.34 15.85
N LEU A 515 9.25 -1.10 15.65
CA LEU A 515 7.88 -0.67 15.94
C LEU A 515 7.13 -0.24 14.67
N THR A 516 7.67 -0.60 13.51
CA THR A 516 7.10 -0.17 12.22
C THR A 516 5.63 -0.55 12.04
N ASN A 517 4.89 0.24 11.26
CA ASN A 517 3.45 -0.02 11.02
C ASN A 517 2.60 -0.17 12.23
N ASN A 518 2.82 0.72 13.16
CA ASN A 518 1.92 0.87 14.29
C ASN A 518 1.40 2.30 14.31
N ARG A 519 0.68 2.66 15.36
CA ARG A 519 0.03 3.95 15.43
C ARG A 519 0.33 4.57 16.77
N LEU A 520 1.61 4.53 17.09
CA LEU A 520 2.12 4.94 18.37
C LEU A 520 2.23 6.43 18.52
N ASP A 521 2.11 6.88 19.76
CA ASP A 521 2.37 8.25 20.12
C ASP A 521 3.64 8.32 20.94
N PHE A 522 4.63 9.04 20.44
CA PHE A 522 5.87 9.19 21.18
C PHE A 522 6.06 10.66 21.50
N ASP A 523 4.96 11.38 21.74
CA ASP A 523 5.08 12.80 22.04
C ASP A 523 5.70 12.97 23.44
N ASN A 524 5.40 12.06 24.37
CA ASN A 524 5.99 12.17 25.69
C ASN A 524 7.52 12.07 25.55
N ALA A 525 8.24 12.98 26.18
CA ALA A 525 9.70 12.95 26.12
C ALA A 525 10.28 11.73 26.83
N SER A 526 9.55 11.14 27.76
CA SER A 526 10.00 9.91 28.42
C SER A 526 9.81 8.63 27.59
N ALA A 527 9.25 8.74 26.40
CA ALA A 527 8.94 7.57 25.59
C ALA A 527 10.16 6.69 25.41
N LEU A 528 10.04 5.39 25.74
CA LEU A 528 11.11 4.40 25.48
C LEU A 528 12.42 4.62 26.30
N THR A 529 12.40 5.57 27.22
CA THR A 529 13.59 5.87 27.99
C THR A 529 13.98 4.76 28.95
N GLU A 530 13.02 3.89 29.28
CA GLU A 530 13.32 2.70 30.06
C GLU A 530 14.31 1.72 29.35
N LEU A 531 14.50 1.87 28.04
CA LEU A 531 15.45 1.06 27.29
C LEU A 531 16.74 1.84 27.14
N SER A 532 17.47 2.01 28.24
CA SER A 532 18.67 2.85 28.21
C SER A 532 19.79 2.26 27.36
N ASP A 533 19.71 0.98 27.03
CA ASP A 533 20.71 0.33 26.18
C ASP A 533 20.34 0.29 24.70
N LEU A 534 19.20 0.89 24.33
CA LEU A 534 18.73 0.86 22.91
C LEU A 534 19.75 1.42 21.91
N GLU A 535 20.02 0.66 20.84
CA GLU A 535 20.89 1.12 19.74
C GLU A 535 20.15 1.38 18.43
N VAL A 536 19.12 0.60 18.13
CA VAL A 536 18.40 0.75 16.87
C VAL A 536 16.93 0.87 17.12
N LEU A 537 16.32 1.92 16.58
CA LEU A 537 14.88 2.12 16.72
C LEU A 537 14.26 2.36 15.35
N ASP A 538 13.27 1.54 14.98
CA ASP A 538 12.58 1.69 13.70
C ASP A 538 11.14 2.07 13.95
N LEU A 539 10.82 3.33 13.67
CA LEU A 539 9.45 3.82 13.75
C LEU A 539 8.86 4.09 12.34
N SER A 540 9.40 3.42 11.33
CA SER A 540 8.91 3.59 9.99
C SER A 540 7.42 3.39 9.93
N TYR A 541 6.75 4.21 9.13
CA TYR A 541 5.34 3.99 8.82
C TYR A 541 4.45 4.07 10.04
N ASN A 542 4.70 5.05 10.87
CA ASN A 542 3.91 5.17 12.06
C ASN A 542 2.96 6.31 11.83
N SER A 543 1.67 6.08 12.02
CA SER A 543 0.66 7.13 11.77
C SER A 543 -0.46 7.01 12.79
N HIS A 544 -1.37 7.98 12.82
CA HIS A 544 -2.49 7.92 13.77
C HIS A 544 -3.46 6.79 13.43
N TYR A 545 -4.16 6.26 14.45
CA TYR A 545 -5.07 5.12 14.27
C TYR A 545 -6.08 5.35 13.17
N PHE A 546 -6.69 6.53 13.19
CA PHE A 546 -7.80 6.89 12.30
C PHE A 546 -7.35 7.38 10.93
N ARG A 547 -6.06 7.27 10.62
CA ARG A 547 -5.52 7.66 9.32
C ARG A 547 -5.89 9.11 8.97
N ILE A 548 -6.36 9.85 9.98
CA ILE A 548 -6.59 11.28 9.83
C ILE A 548 -5.20 11.92 9.82
N ALA A 549 -5.01 12.89 8.94
CA ALA A 549 -3.73 13.58 8.78
C ALA A 549 -3.63 14.72 9.82
N GLY A 550 -2.62 15.56 9.68
CA GLY A 550 -2.43 16.65 10.62
C GLY A 550 -1.68 16.26 11.89
N VAL A 551 -1.05 15.08 11.87
CA VAL A 551 -0.36 14.53 13.05
C VAL A 551 0.83 15.40 13.47
N THR A 552 0.87 15.86 14.73
CA THR A 552 2.04 16.62 15.28
C THR A 552 3.00 15.72 16.05
N HIS A 553 4.26 16.11 16.09
CA HIS A 553 5.31 15.29 16.69
C HIS A 553 6.16 16.03 17.71
N HIS A 554 6.64 15.28 18.68
CA HIS A 554 7.58 15.78 19.67
C HIS A 554 8.69 14.73 19.80
N LEU A 555 9.91 15.10 19.43
CA LEU A 555 11.02 14.14 19.32
C LEU A 555 12.08 14.38 20.37
N GLU A 556 11.67 14.90 21.51
CA GLU A 556 12.63 15.15 22.57
C GLU A 556 13.20 13.86 23.18
N PHE A 557 12.41 12.78 23.23
CA PHE A 557 12.82 11.50 23.86
C PHE A 557 14.15 10.95 23.33
N ILE A 558 14.50 11.32 22.11
CA ILE A 558 15.73 10.91 21.48
C ILE A 558 16.97 11.21 22.31
N GLN A 559 17.07 12.42 22.84
CA GLN A 559 18.32 12.85 23.54
C GLN A 559 18.64 12.05 24.81
N ASN A 560 17.64 11.40 25.38
CA ASN A 560 17.86 10.64 26.60
C ASN A 560 18.79 9.45 26.42
N PHE A 561 18.80 8.84 25.24
CA PHE A 561 19.66 7.66 24.99
C PHE A 561 21.09 8.07 24.74
N THR A 562 22.00 7.48 25.50
CA THR A 562 23.41 7.80 25.32
C THR A 562 24.07 6.86 24.32
N ASN A 563 23.35 5.81 23.89
CA ASN A 563 23.90 4.88 22.91
C ASN A 563 22.99 4.54 21.74
N LEU A 564 22.06 5.41 21.43
CA LEU A 564 21.21 5.20 20.25
C LEU A 564 22.00 5.52 18.97
N LYS A 565 22.06 4.56 18.05
CA LYS A 565 22.91 4.65 16.85
C LYS A 565 22.13 4.92 15.57
N VAL A 566 21.04 4.16 15.40
CA VAL A 566 20.24 4.23 14.18
C VAL A 566 18.79 4.52 14.55
N LEU A 567 18.23 5.57 13.95
CA LEU A 567 16.81 5.91 14.14
C LEU A 567 16.13 6.06 12.80
N ASN A 568 15.00 5.39 12.65
CA ASN A 568 14.26 5.44 11.39
C ASN A 568 12.86 6.01 11.62
N LEU A 569 12.69 7.25 11.12
CA LEU A 569 11.42 7.94 11.19
C LEU A 569 10.75 8.00 9.81
N SER A 570 11.08 7.08 8.93
CA SER A 570 10.65 7.18 7.56
C SER A 570 9.14 7.09 7.48
N HIS A 571 8.58 7.88 6.54
CA HIS A 571 7.17 7.80 6.25
C HIS A 571 6.36 7.94 7.50
N ASN A 572 6.69 8.93 8.33
CA ASN A 572 5.86 9.31 9.45
C ASN A 572 5.05 10.56 9.13
N ASN A 573 5.20 11.09 7.92
CA ASN A 573 4.55 12.35 7.53
C ASN A 573 4.69 13.46 8.56
N ILE A 574 5.93 13.65 8.98
CA ILE A 574 6.25 14.67 9.96
C ILE A 574 6.33 15.97 9.19
N TYR A 575 5.48 16.90 9.61
CA TYR A 575 5.47 18.24 9.00
C TYR A 575 5.65 19.34 10.03
N THR A 576 5.61 19.00 11.30
CA THR A 576 5.72 20.01 12.35
C THR A 576 6.06 19.37 13.68
N LEU A 577 6.91 20.06 14.43
CA LEU A 577 7.31 19.64 15.76
C LEU A 577 6.80 20.62 16.80
N THR A 578 6.38 20.10 17.94
CA THR A 578 5.76 20.95 18.97
C THR A 578 6.77 21.29 20.07
N ASP A 579 6.95 22.58 20.37
CA ASP A 579 7.76 23.06 21.51
C ASP A 579 9.28 22.99 21.32
N LYS A 580 9.76 21.87 20.79
CA LYS A 580 11.17 21.70 20.54
C LYS A 580 11.35 21.44 19.08
N TYR A 581 12.22 22.23 18.48
CA TYR A 581 12.37 22.26 17.04
C TYR A 581 13.72 21.68 16.65
N ASN A 582 14.46 21.16 17.63
CA ASN A 582 15.76 20.55 17.39
C ASN A 582 15.83 19.11 17.85
N LEU A 583 16.25 18.24 16.93
CA LEU A 583 16.65 16.90 17.31
C LEU A 583 18.04 17.03 17.91
N GLU A 584 18.25 16.34 19.03
CA GLU A 584 19.52 16.38 19.73
C GLU A 584 19.99 14.98 20.17
N SER A 585 21.21 14.60 19.74
CA SER A 585 21.83 13.36 20.18
C SER A 585 23.33 13.38 20.02
N LYS A 586 24.00 12.92 21.08
CA LYS A 586 25.43 12.79 21.08
C LYS A 586 25.88 11.47 20.44
N SER A 587 24.97 10.50 20.39
CA SER A 587 25.33 9.16 19.95
C SER A 587 24.91 8.82 18.54
N LEU A 588 23.87 9.46 18.04
CA LEU A 588 23.24 9.03 16.81
C LEU A 588 24.15 9.19 15.64
N VAL A 589 24.15 8.14 14.82
CA VAL A 589 25.03 8.00 13.68
C VAL A 589 24.21 8.02 12.39
N GLU A 590 23.02 7.43 12.43
CA GLU A 590 22.15 7.35 11.26
C GLU A 590 20.70 7.78 11.53
N LEU A 591 20.26 8.79 10.79
CA LEU A 591 18.87 9.21 10.82
C LEU A 591 18.25 9.00 9.47
N VAL A 592 17.21 8.20 9.43
CA VAL A 592 16.43 8.06 8.22
C VAL A 592 15.15 8.92 8.35
N PHE A 593 15.09 9.96 7.52
CA PHE A 593 13.98 10.88 7.59
C PHE A 593 13.13 10.90 6.32
N SER A 594 13.26 9.89 5.49
CA SER A 594 12.56 9.89 4.21
C SER A 594 11.07 9.92 4.40
N GLY A 595 10.33 10.43 3.41
CA GLY A 595 8.87 10.38 3.43
C GLY A 595 8.22 11.22 4.52
N ASN A 596 8.84 12.35 4.83
CA ASN A 596 8.26 13.30 5.76
C ASN A 596 8.17 14.61 4.99
N ARG A 597 7.96 15.73 5.70
CA ARG A 597 7.66 16.98 5.04
C ARG A 597 8.62 18.06 5.46
N LEU A 598 9.88 17.84 5.13
CA LEU A 598 10.86 18.89 5.33
C LEU A 598 10.57 20.11 4.45
N ASP A 599 9.86 19.92 3.33
CA ASP A 599 9.43 21.07 2.53
C ASP A 599 8.60 22.03 3.38
N ILE A 600 7.64 21.51 4.13
CA ILE A 600 6.86 22.32 5.07
C ILE A 600 7.69 22.82 6.24
N LEU A 601 8.48 21.93 6.83
CA LEU A 601 9.32 22.31 7.97
C LEU A 601 10.27 23.46 7.62
N TRP A 602 10.85 23.44 6.43
CA TRP A 602 11.85 24.45 6.05
C TRP A 602 11.30 25.70 5.36
N ASN A 603 10.06 25.65 4.90
CA ASN A 603 9.39 26.86 4.39
C ASN A 603 8.66 27.57 5.50
N ASP A 604 8.98 27.21 6.74
CA ASP A 604 8.45 27.86 7.93
C ASP A 604 8.77 29.33 7.91
N ASP A 605 7.73 30.15 8.09
CA ASP A 605 7.85 31.60 7.98
C ASP A 605 8.76 32.18 9.06
N ASP A 606 8.73 31.58 10.26
CA ASP A 606 9.62 32.00 11.36
C ASP A 606 11.03 31.37 11.33
N ASN A 607 11.32 30.55 10.31
CA ASN A 607 12.56 29.78 10.27
C ASN A 607 12.81 28.97 11.58
N ARG A 608 11.75 28.37 12.14
CA ARG A 608 11.86 27.60 13.39
C ARG A 608 12.71 26.36 13.31
N TYR A 609 12.85 25.78 12.11
CA TYR A 609 13.54 24.50 11.91
C TYR A 609 14.81 24.61 11.08
N ILE A 610 15.42 25.78 11.09
CA ILE A 610 16.70 25.99 10.42
C ILE A 610 17.81 25.08 11.01
N SER A 611 17.71 24.73 12.30
CA SER A 611 18.73 23.92 12.98
C SER A 611 18.27 22.52 13.39
N ILE A 612 17.27 22.01 12.70
CA ILE A 612 16.51 20.85 13.17
C ILE A 612 17.42 19.67 13.48
N PHE A 613 18.39 19.43 12.59
CA PHE A 613 19.29 18.30 12.74
C PHE A 613 20.66 18.65 13.32
N LYS A 614 20.97 19.94 13.42
CA LYS A 614 22.32 20.38 13.85
C LYS A 614 22.74 19.73 15.18
N GLY A 615 21.78 19.52 16.07
CA GLY A 615 22.06 18.90 17.37
C GLY A 615 22.42 17.42 17.37
N LEU A 616 22.43 16.80 16.19
CA LEU A 616 22.88 15.41 16.04
C LEU A 616 24.35 15.45 15.73
N LYS A 617 25.18 15.67 16.74
CA LYS A 617 26.58 16.11 16.55
C LYS A 617 27.43 15.03 15.94
N ASN A 618 27.05 13.77 16.15
CA ASN A 618 27.83 12.63 15.66
C ASN A 618 27.27 11.95 14.39
N LEU A 619 26.30 12.57 13.75
CA LEU A 619 25.59 11.94 12.64
C LEU A 619 26.46 11.86 11.40
N THR A 620 26.55 10.67 10.84
CA THR A 620 27.33 10.48 9.64
C THR A 620 26.48 10.14 8.41
N ARG A 621 25.30 9.54 8.59
CA ARG A 621 24.41 9.24 7.48
C ARG A 621 23.02 9.84 7.67
N LEU A 622 22.55 10.56 6.66
CA LEU A 622 21.23 11.19 6.69
C LEU A 622 20.51 10.93 5.39
N ASP A 623 19.29 10.42 5.52
CA ASP A 623 18.41 10.15 4.40
C ASP A 623 17.25 11.16 4.40
N LEU A 624 17.27 12.04 3.39
CA LEU A 624 16.24 13.07 3.24
C LEU A 624 15.35 12.85 2.05
N SER A 625 15.42 11.65 1.49
CA SER A 625 14.69 11.33 0.28
C SER A 625 13.19 11.47 0.50
N LEU A 626 12.45 11.64 -0.58
CA LEU A 626 10.98 11.69 -0.52
C LEU A 626 10.47 12.68 0.52
N ASN A 627 10.98 13.91 0.48
CA ASN A 627 10.49 14.95 1.35
C ASN A 627 9.89 16.11 0.55
N ARG A 628 9.65 15.89 -0.74
CA ARG A 628 9.02 16.91 -1.60
C ARG A 628 9.78 18.23 -1.57
N LEU A 629 11.09 18.14 -1.53
CA LEU A 629 11.93 19.32 -1.44
C LEU A 629 12.14 19.95 -2.80
N LYS A 630 11.82 21.24 -2.88
CA LYS A 630 12.07 22.04 -4.08
C LYS A 630 13.35 22.86 -3.91
N HIS A 631 13.58 23.30 -2.68
CA HIS A 631 14.63 24.25 -2.40
C HIS A 631 14.94 24.08 -0.93
N ILE A 632 16.20 23.80 -0.62
CA ILE A 632 16.65 23.85 0.76
C ILE A 632 17.23 25.25 1.07
N PRO A 633 16.59 25.99 1.99
CA PRO A 633 17.16 27.26 2.41
C PRO A 633 18.65 27.10 2.67
N ASN A 634 19.47 28.02 2.16
CA ASN A 634 20.93 27.93 2.34
C ASN A 634 21.38 27.71 3.78
N GLU A 635 20.83 28.46 4.72
CA GLU A 635 21.31 28.32 6.10
C GLU A 635 20.78 27.05 6.75
N ALA A 636 19.69 26.47 6.25
CA ALA A 636 19.23 25.15 6.75
C ALA A 636 20.17 24.03 6.38
N PHE A 637 20.63 24.09 5.13
CA PHE A 637 21.60 23.13 4.65
C PHE A 637 22.92 23.23 5.43
N LEU A 638 23.35 24.45 5.73
CA LEU A 638 24.60 24.66 6.47
C LEU A 638 24.57 24.10 7.89
N ASN A 639 23.36 24.00 8.45
CA ASN A 639 23.13 23.47 9.79
C ASN A 639 22.83 21.96 9.83
N LEU A 640 23.01 21.29 8.71
CA LEU A 640 23.13 19.85 8.74
C LEU A 640 24.49 19.53 9.40
N PRO A 641 24.55 18.43 10.19
CA PRO A 641 25.74 18.09 10.96
C PRO A 641 26.98 18.03 10.07
N ALA A 642 28.05 18.67 10.54
CA ALA A 642 29.29 18.75 9.79
C ALA A 642 29.94 17.37 9.68
N SER A 643 29.59 16.51 10.62
CA SER A 643 30.10 15.15 10.64
C SER A 643 29.65 14.29 9.48
N LEU A 644 28.69 14.77 8.68
CA LEU A 644 28.10 13.90 7.69
C LEU A 644 29.13 13.31 6.76
N THR A 645 28.86 12.05 6.43
CA THR A 645 29.64 11.23 5.53
C THR A 645 28.85 10.79 4.29
N GLU A 646 27.54 10.63 4.45
CA GLU A 646 26.64 10.21 3.38
C GLU A 646 25.36 11.01 3.49
N LEU A 647 25.03 11.72 2.41
CA LEU A 647 23.84 12.53 2.39
C LEU A 647 23.00 12.13 1.22
N HIS A 648 21.77 11.71 1.48
CA HIS A 648 20.84 11.39 0.42
C HIS A 648 19.72 12.41 0.38
N ILE A 649 19.58 13.06 -0.76
CA ILE A 649 18.45 13.96 -0.98
C ILE A 649 17.71 13.58 -2.27
N ASN A 650 17.78 12.31 -2.62
CA ASN A 650 17.19 11.84 -3.84
C ASN A 650 15.67 11.82 -3.78
N ASP A 651 15.07 11.64 -4.98
CA ASP A 651 13.64 11.61 -5.12
C ASP A 651 12.96 12.74 -4.35
N ASN A 652 13.41 13.95 -4.61
CA ASN A 652 12.72 15.15 -4.21
C ASN A 652 12.38 15.91 -5.52
N MET A 653 12.14 17.23 -5.46
CA MET A 653 11.94 18.05 -6.69
C MET A 653 12.90 19.23 -6.74
N LEU A 654 14.17 18.99 -6.39
CA LEU A 654 15.14 20.08 -6.34
C LEU A 654 15.38 20.68 -7.71
N LYS A 655 15.19 21.99 -7.81
CA LYS A 655 15.41 22.73 -9.05
C LYS A 655 16.83 23.31 -9.09
N PHE A 656 17.40 23.55 -7.92
CA PHE A 656 18.72 24.15 -7.82
C PHE A 656 19.48 23.52 -6.65
N PHE A 657 20.80 23.44 -6.76
CA PHE A 657 21.61 23.00 -5.61
C PHE A 657 22.80 23.93 -5.38
N ASN A 658 22.94 24.46 -4.16
CA ASN A 658 24.01 25.41 -3.89
C ASN A 658 25.30 24.68 -3.62
N TRP A 659 26.01 24.35 -4.67
CA TRP A 659 27.24 23.57 -4.54
C TRP A 659 28.23 24.19 -3.59
N THR A 660 28.20 25.52 -3.44
CA THR A 660 29.16 26.23 -2.57
C THR A 660 29.20 25.69 -1.13
N LEU A 661 28.06 25.21 -0.63
CA LEU A 661 27.92 24.88 0.79
C LEU A 661 28.67 23.61 1.16
N LEU A 662 29.07 22.84 0.17
CA LEU A 662 29.82 21.64 0.43
C LEU A 662 31.13 21.89 1.22
N GLN A 663 31.62 23.13 1.22
CA GLN A 663 32.76 23.51 2.05
C GLN A 663 32.56 23.27 3.53
N GLN A 664 31.32 23.45 3.97
CA GLN A 664 30.92 23.17 5.36
C GLN A 664 30.93 21.66 5.70
N PHE A 665 31.18 20.78 4.73
CA PHE A 665 31.24 19.35 5.00
C PHE A 665 32.54 18.73 4.53
N PRO A 666 33.57 18.85 5.38
CA PRO A 666 34.92 18.38 5.09
C PRO A 666 35.05 16.85 5.17
N ARG A 667 34.04 16.20 5.73
CA ARG A 667 34.03 14.75 5.78
C ARG A 667 33.06 14.06 4.78
N LEU A 668 32.25 14.84 4.05
CA LEU A 668 31.25 14.25 3.15
C LEU A 668 31.85 13.43 2.00
N GLU A 669 31.51 12.14 1.96
CA GLU A 669 32.04 11.21 0.99
C GLU A 669 31.04 10.84 -0.11
N LEU A 670 29.75 10.80 0.23
CA LEU A 670 28.70 10.43 -0.73
C LEU A 670 27.54 11.42 -0.75
N LEU A 671 27.20 11.90 -1.94
CA LEU A 671 26.12 12.87 -2.12
C LEU A 671 25.17 12.35 -3.20
N ASP A 672 23.95 12.09 -2.77
CA ASP A 672 22.98 11.42 -3.61
C ASP A 672 21.81 12.38 -3.89
N LEU A 673 21.78 12.81 -5.15
CA LEU A 673 20.82 13.79 -5.62
C LEU A 673 20.00 13.23 -6.79
N ARG A 674 19.94 11.91 -6.89
CA ARG A 674 19.18 11.27 -7.96
C ARG A 674 17.71 11.64 -7.94
N GLY A 675 17.08 11.65 -9.10
CA GLY A 675 15.63 11.82 -9.19
C GLY A 675 15.19 13.19 -8.69
N ASN A 676 15.82 14.24 -9.18
CA ASN A 676 15.41 15.60 -8.88
C ASN A 676 15.13 16.35 -10.19
N LYS A 677 15.16 17.69 -10.15
CA LYS A 677 14.93 18.51 -11.35
C LYS A 677 16.10 19.46 -11.60
N LEU A 678 17.31 19.04 -11.28
CA LEU A 678 18.47 19.95 -11.36
C LEU A 678 18.94 20.24 -12.79
N LEU A 679 19.38 21.47 -13.01
CA LEU A 679 19.65 21.96 -14.38
C LEU A 679 21.12 22.17 -14.73
N PHE A 680 21.98 22.51 -13.78
CA PHE A 680 23.41 22.65 -14.12
C PHE A 680 24.39 22.47 -12.96
N LEU A 681 25.65 22.25 -13.32
CA LEU A 681 26.72 21.94 -12.37
C LEU A 681 27.71 23.08 -12.26
N THR A 682 28.17 23.33 -11.05
CA THR A 682 29.14 24.38 -10.85
C THR A 682 30.38 24.13 -11.71
N ASP A 683 31.05 25.21 -12.12
CA ASP A 683 32.20 25.10 -13.02
C ASP A 683 33.46 24.58 -12.32
N SER A 684 33.53 24.76 -11.00
CA SER A 684 34.75 24.36 -10.26
C SER A 684 34.43 23.73 -8.90
N LEU A 685 33.95 22.50 -8.98
CA LEU A 685 33.59 21.69 -7.81
C LEU A 685 34.76 21.53 -6.83
N SER A 686 35.96 21.38 -7.38
CA SER A 686 37.16 21.23 -6.58
C SER A 686 37.30 22.32 -5.52
N ASP A 687 36.81 23.51 -5.82
CA ASP A 687 36.87 24.62 -4.87
C ASP A 687 35.94 24.42 -3.67
N PHE A 688 34.93 23.53 -3.79
CA PHE A 688 33.96 23.32 -2.69
C PHE A 688 34.14 22.07 -1.84
N THR A 689 34.86 21.08 -2.36
CA THR A 689 35.13 19.88 -1.58
C THR A 689 36.38 19.21 -2.05
N SER A 690 37.08 18.68 -1.07
CA SER A 690 38.23 17.83 -1.30
C SER A 690 37.97 16.42 -0.76
N SER A 691 36.77 16.16 -0.21
CA SER A 691 36.42 14.85 0.40
C SER A 691 35.48 13.95 -0.43
N LEU A 692 34.68 14.53 -1.32
CA LEU A 692 33.67 13.77 -2.05
C LEU A 692 34.25 12.69 -2.95
N ARG A 693 33.76 11.47 -2.77
CA ARG A 693 34.15 10.34 -3.61
C ARG A 693 33.07 9.99 -4.63
N THR A 694 31.82 10.01 -4.20
CA THR A 694 30.70 9.51 -4.98
C THR A 694 29.60 10.54 -5.09
N LEU A 695 29.26 10.88 -6.32
CA LEU A 695 28.22 11.84 -6.55
C LEU A 695 27.24 11.23 -7.54
N LEU A 696 25.99 11.12 -7.11
CA LEU A 696 25.00 10.46 -7.92
C LEU A 696 24.00 11.48 -8.39
N LEU A 697 23.92 11.63 -9.72
CA LEU A 697 23.06 12.64 -10.33
C LEU A 697 22.12 12.06 -11.36
N SER A 698 21.86 10.75 -11.32
CA SER A 698 20.96 10.12 -12.28
C SER A 698 19.58 10.75 -12.20
N HIS A 699 18.88 10.79 -13.33
CA HIS A 699 17.49 11.24 -13.35
C HIS A 699 17.34 12.67 -12.85
N ASN A 700 18.10 13.54 -13.49
CA ASN A 700 17.97 14.97 -13.35
C ASN A 700 18.05 15.62 -14.73
N ARG A 701 17.88 16.93 -14.77
CA ARG A 701 17.74 17.64 -16.02
C ARG A 701 19.03 18.26 -16.55
N ILE A 702 20.18 17.80 -16.08
CA ILE A 702 21.45 18.40 -16.48
C ILE A 702 21.67 18.23 -17.97
N SER A 703 21.96 19.34 -18.63
CA SER A 703 22.09 19.37 -20.08
C SER A 703 23.46 19.78 -20.54
N HIS A 704 24.24 20.40 -19.66
CA HIS A 704 25.57 20.84 -20.06
C HIS A 704 26.61 20.59 -18.97
N LEU A 705 27.78 20.12 -19.40
CA LEU A 705 28.88 19.85 -18.49
C LEU A 705 29.81 21.04 -18.45
N PRO A 706 30.01 21.66 -17.28
CA PRO A 706 30.88 22.83 -17.33
C PRO A 706 32.27 22.47 -17.80
N SER A 707 32.83 23.30 -18.67
CA SER A 707 34.21 23.14 -19.05
C SER A 707 35.03 23.44 -17.82
N GLY A 708 36.02 22.59 -17.57
CA GLY A 708 36.88 22.71 -16.42
C GLY A 708 36.24 22.06 -15.20
N PHE A 709 35.06 21.51 -15.38
CA PHE A 709 34.45 20.71 -14.33
C PHE A 709 34.98 19.31 -14.48
N LEU A 710 34.89 18.50 -13.44
CA LEU A 710 35.53 17.19 -13.46
C LEU A 710 37.01 17.52 -13.52
N SER A 711 37.34 18.69 -12.98
CA SER A 711 38.65 19.28 -13.14
C SER A 711 39.20 19.60 -11.78
N GLU A 712 40.49 19.91 -11.72
CA GLU A 712 41.11 20.31 -10.48
C GLU A 712 41.16 19.14 -9.49
N VAL A 713 40.73 19.38 -8.27
CA VAL A 713 40.72 18.34 -7.28
C VAL A 713 39.83 17.19 -7.76
N SER A 714 40.32 15.99 -7.58
CA SER A 714 39.60 14.84 -8.04
C SER A 714 39.58 13.90 -6.87
N SER A 715 38.75 14.25 -5.90
CA SER A 715 38.50 13.43 -4.74
C SER A 715 37.25 12.70 -5.10
N LEU A 716 36.99 12.69 -6.41
CA LEU A 716 35.80 12.09 -6.94
C LEU A 716 36.14 10.85 -7.68
N LYS A 717 35.64 9.73 -7.19
CA LYS A 717 35.91 8.44 -7.78
C LYS A 717 34.76 7.99 -8.65
N HIS A 718 33.53 8.28 -8.22
CA HIS A 718 32.31 7.78 -8.89
C HIS A 718 31.25 8.88 -9.22
N LEU A 719 31.06 9.09 -10.53
CA LEU A 719 30.16 10.11 -11.04
C LEU A 719 29.06 9.49 -11.88
N ASP A 720 27.83 9.61 -11.40
CA ASP A 720 26.68 9.05 -12.09
C ASP A 720 25.83 10.17 -12.67
N LEU A 721 25.92 10.30 -14.00
CA LEU A 721 25.12 11.26 -14.75
C LEU A 721 24.12 10.58 -15.68
N SER A 722 23.87 9.30 -15.44
CA SER A 722 22.89 8.55 -16.22
C SER A 722 21.52 9.23 -16.17
N SER A 723 20.73 8.96 -17.20
CA SER A 723 19.39 9.49 -17.30
C SER A 723 19.33 10.99 -16.97
N ASN A 724 20.12 11.77 -17.71
CA ASN A 724 19.97 13.22 -17.74
C ASN A 724 19.66 13.69 -19.17
N LEU A 725 19.96 14.95 -19.47
CA LEU A 725 19.65 15.53 -20.77
C LEU A 725 20.89 15.98 -21.54
N LEU A 726 21.99 15.26 -21.37
CA LEU A 726 23.22 15.61 -22.06
C LEU A 726 23.16 15.23 -23.53
N LYS A 727 23.40 16.19 -24.41
CA LYS A 727 23.47 15.93 -25.85
C LYS A 727 24.89 15.59 -26.28
N THR A 728 25.87 16.14 -25.60
CA THR A 728 27.26 15.78 -25.88
C THR A 728 28.14 16.09 -24.69
N ILE A 729 29.39 15.69 -24.77
CA ILE A 729 30.38 16.04 -23.77
C ILE A 729 31.58 16.75 -24.45
N ASN A 730 31.77 18.01 -24.05
CA ASN A 730 32.84 18.90 -24.57
C ASN A 730 34.24 18.50 -24.15
N LYS A 731 35.22 19.29 -24.57
CA LYS A 731 36.51 19.21 -23.94
C LYS A 731 36.31 19.59 -22.49
N SER A 732 36.82 18.75 -21.57
CA SER A 732 36.64 18.92 -20.12
C SER A 732 35.27 18.39 -19.63
N THR A 740 42.38 13.08 -13.40
CA THR A 740 41.37 12.92 -12.35
C THR A 740 41.40 11.51 -11.80
N LYS A 741 41.16 11.38 -10.50
CA LYS A 741 41.11 10.08 -9.82
C LYS A 741 39.77 9.37 -10.06
N LEU A 742 39.04 9.84 -11.07
CA LEU A 742 37.76 9.28 -11.47
C LEU A 742 38.01 7.86 -11.88
N SER A 743 37.15 6.96 -11.43
CA SER A 743 37.22 5.57 -11.83
C SER A 743 35.88 4.95 -12.27
N MET A 744 34.75 5.63 -12.06
CA MET A 744 33.50 5.21 -12.66
C MET A 744 32.69 6.41 -13.09
N LEU A 745 32.27 6.39 -14.35
CA LEU A 745 31.47 7.43 -14.94
C LEU A 745 30.26 6.78 -15.59
N GLU A 746 29.06 7.06 -15.09
CA GLU A 746 27.85 6.48 -15.65
C GLU A 746 27.14 7.52 -16.51
N LEU A 747 26.86 7.16 -17.77
CA LEU A 747 26.29 8.09 -18.73
C LEU A 747 25.08 7.61 -19.50
N HIS A 748 24.77 6.32 -19.45
CA HIS A 748 23.60 5.75 -20.13
C HIS A 748 22.32 6.59 -19.93
N GLY A 749 21.47 6.64 -20.95
CA GLY A 749 20.16 7.29 -20.86
C GLY A 749 20.16 8.78 -21.14
N ASN A 750 21.24 9.27 -21.74
CA ASN A 750 21.31 10.66 -22.15
C ASN A 750 21.06 10.71 -23.65
N PRO A 751 20.37 11.77 -24.13
CA PRO A 751 20.05 11.88 -25.54
C PRO A 751 21.26 12.40 -26.33
N PHE A 752 22.25 11.56 -26.53
CA PHE A 752 23.47 11.97 -27.19
C PHE A 752 23.21 12.30 -28.64
N GLU A 753 23.86 13.36 -29.08
CA GLU A 753 23.80 13.84 -30.43
C GLU A 753 25.02 13.29 -31.16
N CYS A 754 24.80 12.15 -31.82
CA CYS A 754 25.85 11.30 -32.42
C CYS A 754 26.53 11.85 -33.69
N THR A 755 26.31 13.11 -33.97
CA THR A 755 27.00 13.82 -35.03
C THR A 755 28.42 14.17 -34.62
N CYS A 756 29.21 14.67 -35.55
CA CYS A 756 30.68 14.55 -35.42
C CYS A 756 31.36 15.20 -34.19
N ASP A 757 30.69 16.15 -33.52
CA ASP A 757 31.27 16.84 -32.35
C ASP A 757 31.60 15.91 -31.21
N ILE A 758 30.82 14.87 -31.02
CA ILE A 758 31.06 13.90 -29.98
C ILE A 758 32.45 13.33 -30.08
N GLY A 759 32.89 13.06 -31.30
CA GLY A 759 34.24 12.54 -31.53
C GLY A 759 35.24 12.93 -30.45
N ASP A 760 35.11 14.14 -29.87
CA ASP A 760 35.94 14.55 -28.73
C ASP A 760 35.86 13.55 -27.60
N PHE A 761 34.62 13.27 -27.20
CA PHE A 761 34.37 12.41 -26.05
C PHE A 761 34.78 10.98 -26.35
N ARG A 762 34.39 10.49 -27.52
CA ARG A 762 34.85 9.18 -27.97
C ARG A 762 36.34 9.01 -27.79
N ARG A 763 37.13 9.95 -28.34
CA ARG A 763 38.57 9.85 -28.22
C ARG A 763 39.01 9.84 -26.75
N TRP A 764 38.44 10.74 -25.94
CA TRP A 764 38.65 10.74 -24.49
C TRP A 764 38.45 9.35 -23.82
N MET A 765 37.47 8.59 -24.28
CA MET A 765 37.20 7.26 -23.73
C MET A 765 38.33 6.29 -23.97
N ASP A 766 38.85 6.34 -25.20
CA ASP A 766 39.95 5.48 -25.60
C ASP A 766 41.23 5.86 -24.87
N GLU A 767 41.39 7.15 -24.59
CA GLU A 767 42.57 7.68 -23.88
C GLU A 767 42.45 7.61 -22.34
N HIS A 768 41.34 7.08 -21.82
CA HIS A 768 41.21 6.87 -20.37
C HIS A 768 40.52 5.55 -20.07
N LEU A 769 41.25 4.47 -20.30
CA LEU A 769 40.69 3.13 -20.19
C LEU A 769 40.45 2.71 -18.74
N ASN A 770 41.21 3.28 -17.82
CA ASN A 770 41.04 3.09 -16.38
C ASN A 770 39.60 3.38 -15.91
N VAL A 771 39.03 4.49 -16.40
CA VAL A 771 37.71 4.96 -16.03
C VAL A 771 36.67 3.96 -16.53
N LYS A 772 35.95 3.35 -15.61
CA LYS A 772 34.96 2.35 -16.01
C LYS A 772 33.68 3.07 -16.42
N ILE A 773 33.11 2.73 -17.57
CA ILE A 773 31.80 3.24 -17.94
C ILE A 773 30.85 2.04 -18.15
N PRO A 774 29.93 1.81 -17.21
CA PRO A 774 29.03 0.67 -17.37
C PRO A 774 27.91 0.92 -18.37
N ARG A 775 27.32 -0.18 -18.83
CA ARG A 775 26.14 -0.16 -19.68
C ARG A 775 26.42 0.57 -20.97
N LEU A 776 27.63 0.46 -21.51
CA LEU A 776 27.93 1.11 -22.78
C LEU A 776 26.86 0.85 -23.86
N VAL A 777 26.29 -0.36 -23.83
CA VAL A 777 25.21 -0.74 -24.72
C VAL A 777 24.04 0.21 -24.59
N ASP A 778 23.88 0.83 -23.42
CA ASP A 778 22.76 1.75 -23.20
C ASP A 778 23.16 3.22 -23.26
N VAL A 779 24.39 3.50 -23.73
CA VAL A 779 24.85 4.87 -23.98
C VAL A 779 24.56 5.16 -25.46
N ILE A 780 23.43 5.82 -25.68
CA ILE A 780 22.71 5.73 -26.94
C ILE A 780 22.57 7.06 -27.66
N CYS A 781 22.80 7.02 -28.98
CA CYS A 781 22.51 8.12 -29.88
C CYS A 781 21.02 8.41 -29.92
N ALA A 782 20.65 9.67 -29.75
CA ALA A 782 19.26 10.08 -29.88
C ALA A 782 19.06 10.68 -31.25
N SER A 783 20.10 11.35 -31.73
CA SER A 783 20.09 11.97 -33.03
C SER A 783 21.46 11.84 -33.64
N PRO A 784 21.56 11.97 -34.97
CA PRO A 784 20.49 12.14 -35.93
C PRO A 784 19.94 10.79 -36.34
N GLY A 785 18.70 10.76 -36.79
CA GLY A 785 18.12 9.52 -37.24
C GLY A 785 19.06 8.86 -38.23
N ASP A 786 19.14 7.53 -38.08
CA ASP A 786 20.04 6.49 -38.69
C ASP A 786 21.14 6.17 -37.69
N GLN A 787 21.38 7.09 -36.76
CA GLN A 787 22.28 6.85 -35.66
C GLN A 787 21.50 6.60 -34.39
N ARG A 788 20.25 7.07 -34.37
CA ARG A 788 19.41 6.92 -33.20
C ARG A 788 19.27 5.44 -32.85
N GLY A 789 19.39 5.15 -31.56
CA GLY A 789 19.29 3.80 -31.05
C GLY A 789 20.55 2.97 -31.17
N LYS A 790 21.60 3.53 -31.76
CA LYS A 790 22.89 2.84 -31.81
C LYS A 790 23.68 3.28 -30.60
N SER A 791 24.43 2.36 -29.99
CA SER A 791 25.39 2.76 -28.96
C SER A 791 26.43 3.68 -29.58
N ILE A 792 26.82 4.73 -28.87
CA ILE A 792 27.75 5.74 -29.43
C ILE A 792 29.11 5.16 -29.76
N VAL A 793 29.46 4.09 -29.08
CA VAL A 793 30.72 3.42 -29.37
C VAL A 793 30.66 2.79 -30.75
N SER A 794 29.45 2.43 -31.16
CA SER A 794 29.15 1.85 -32.48
C SER A 794 29.55 2.76 -33.65
N LEU A 795 29.36 4.06 -33.47
CA LEU A 795 29.64 5.04 -34.50
C LEU A 795 31.05 4.96 -35.02
N GLU A 796 31.21 5.23 -36.31
CA GLU A 796 32.55 5.25 -36.91
C GLU A 796 33.21 6.59 -36.58
N SER B 11 -18.73 32.89 -22.90
CA SER B 11 -18.96 33.12 -21.44
C SER B 11 -17.62 33.05 -20.68
N TYR B 12 -16.92 34.18 -20.66
CA TYR B 12 -15.61 34.29 -20.02
C TYR B 12 -15.56 35.59 -19.22
N PRO B 13 -14.50 35.81 -18.42
CA PRO B 13 -13.44 34.86 -18.10
C PRO B 13 -13.99 33.66 -17.33
N CYS B 14 -14.97 33.91 -16.46
CA CYS B 14 -15.75 32.86 -15.77
C CYS B 14 -16.60 32.04 -16.76
N ASP B 15 -16.93 30.80 -16.42
CA ASP B 15 -18.06 30.12 -17.08
C ASP B 15 -19.31 30.77 -16.48
N GLU B 16 -20.35 31.06 -17.26
CA GLU B 16 -21.58 31.61 -16.71
C GLU B 16 -22.73 30.66 -17.00
N LYS B 17 -23.51 30.30 -15.97
CA LYS B 17 -24.60 29.32 -16.12
C LYS B 17 -25.93 29.59 -15.39
N LYS B 18 -27.00 29.00 -15.92
CA LYS B 18 -28.35 29.07 -15.35
C LYS B 18 -28.36 28.18 -14.13
N GLN B 19 -29.03 28.63 -13.08
CA GLN B 19 -29.61 27.75 -12.05
C GLN B 19 -30.84 28.47 -11.49
N ASN B 20 -31.96 27.78 -11.41
CA ASN B 20 -33.17 28.38 -10.83
C ASN B 20 -33.52 29.63 -11.62
N ASP B 21 -33.79 30.73 -10.92
CA ASP B 21 -34.02 32.01 -11.59
C ASP B 21 -32.75 32.86 -11.58
N SER B 22 -31.62 32.28 -11.15
CA SER B 22 -30.39 33.02 -10.94
C SER B 22 -29.26 32.53 -11.83
N VAL B 23 -28.49 33.45 -12.40
CA VAL B 23 -27.35 33.08 -13.25
C VAL B 23 -26.04 33.23 -12.46
N ILE B 24 -25.17 32.26 -12.65
CA ILE B 24 -24.06 31.96 -11.75
C ILE B 24 -22.76 32.02 -12.51
N ALA B 25 -21.73 32.55 -11.87
CA ALA B 25 -20.41 32.65 -12.47
C ALA B 25 -19.40 31.84 -11.66
N GLU B 26 -18.87 30.77 -12.24
CA GLU B 26 -17.85 29.97 -11.58
C GLU B 26 -16.50 30.50 -11.97
N CYS B 27 -15.87 31.25 -11.08
CA CYS B 27 -14.51 31.70 -11.29
C CYS B 27 -13.48 31.16 -10.30
N SER B 28 -13.72 29.97 -9.76
CA SER B 28 -12.80 29.41 -8.78
C SER B 28 -11.50 28.85 -9.39
N ASN B 29 -10.44 28.76 -8.61
CA ASN B 29 -9.20 28.04 -8.97
C ASN B 29 -8.64 28.28 -10.38
N ARG B 30 -8.42 29.54 -10.71
CA ARG B 30 -7.97 29.90 -12.07
C ARG B 30 -6.81 30.93 -12.07
N ARG B 31 -6.04 30.97 -10.99
CA ARG B 31 -4.87 31.82 -10.94
C ARG B 31 -5.15 33.30 -11.25
N LEU B 32 -6.36 33.79 -10.93
CA LEU B 32 -6.69 35.21 -11.18
C LEU B 32 -6.00 36.11 -10.15
N GLN B 33 -5.45 37.23 -10.63
CA GLN B 33 -4.76 38.17 -9.75
C GLN B 33 -5.61 39.42 -9.50
N GLU B 34 -6.79 39.48 -10.07
CA GLU B 34 -7.73 40.58 -9.78
C GLU B 34 -9.17 40.20 -10.11
N VAL B 35 -10.11 40.91 -9.51
CA VAL B 35 -11.52 40.69 -9.76
C VAL B 35 -11.78 41.09 -11.20
N PRO B 36 -12.19 40.15 -12.05
CA PRO B 36 -12.35 40.52 -13.45
C PRO B 36 -13.41 41.58 -13.68
N GLN B 37 -13.23 42.36 -14.75
CA GLN B 37 -14.27 43.28 -15.23
C GLN B 37 -14.98 42.67 -16.44
N THR B 38 -14.57 41.47 -16.83
CA THR B 38 -15.15 40.72 -17.95
C THR B 38 -16.26 39.78 -17.49
N VAL B 39 -16.95 40.15 -16.41
CA VAL B 39 -17.97 39.30 -15.80
C VAL B 39 -19.34 39.69 -16.33
N GLY B 40 -20.14 38.66 -16.64
CA GLY B 40 -21.50 38.84 -17.17
C GLY B 40 -22.33 39.76 -16.28
N LYS B 41 -23.16 40.62 -16.89
CA LYS B 41 -23.97 41.59 -16.13
C LYS B 41 -25.19 40.96 -15.47
N TYR B 42 -25.61 39.81 -16.00
CA TYR B 42 -26.75 39.06 -15.46
C TYR B 42 -26.44 38.32 -14.15
N VAL B 43 -25.15 38.18 -13.85
CA VAL B 43 -24.69 37.34 -12.75
C VAL B 43 -25.17 37.87 -11.40
N THR B 44 -25.74 36.97 -10.60
CA THR B 44 -26.10 37.30 -9.21
C THR B 44 -25.24 36.59 -8.19
N GLU B 45 -24.54 35.53 -8.57
CA GLU B 45 -23.65 34.84 -7.65
C GLU B 45 -22.29 34.64 -8.29
N LEU B 46 -21.25 35.05 -7.58
CA LEU B 46 -19.91 35.08 -8.12
C LEU B 46 -18.95 34.29 -7.22
N ASP B 47 -18.38 33.23 -7.77
CA ASP B 47 -17.44 32.41 -7.02
C ASP B 47 -16.02 32.70 -7.53
N LEU B 48 -15.29 33.51 -6.77
CA LEU B 48 -13.90 33.83 -7.06
C LEU B 48 -12.90 33.10 -6.18
N SER B 49 -13.31 31.97 -5.60
CA SER B 49 -12.50 31.32 -4.58
C SER B 49 -11.25 30.69 -5.14
N ASP B 50 -10.28 30.46 -4.25
CA ASP B 50 -9.08 29.70 -4.56
C ASP B 50 -8.30 30.29 -5.75
N ASN B 51 -8.13 31.62 -5.72
CA ASN B 51 -7.36 32.36 -6.74
C ASN B 51 -6.13 33.08 -6.13
N PHE B 52 -5.60 34.07 -6.85
CA PHE B 52 -4.45 34.86 -6.39
C PHE B 52 -4.81 36.33 -6.21
N ILE B 53 -6.02 36.61 -5.75
CA ILE B 53 -6.46 37.99 -5.61
C ILE B 53 -5.94 38.57 -4.30
N THR B 54 -5.42 39.79 -4.37
CA THR B 54 -4.77 40.45 -3.24
C THR B 54 -5.53 41.70 -2.77
N HIS B 55 -6.16 42.42 -3.70
CA HIS B 55 -6.87 43.64 -3.34
C HIS B 55 -8.30 43.62 -3.78
N ILE B 56 -9.17 44.03 -2.86
CA ILE B 56 -10.57 44.29 -3.16
C ILE B 56 -10.82 45.75 -2.83
N THR B 57 -11.23 46.52 -3.83
CA THR B 57 -11.53 47.92 -3.65
C THR B 57 -13.02 48.15 -3.95
N ASN B 58 -13.49 49.39 -3.83
CA ASN B 58 -14.86 49.71 -4.23
C ASN B 58 -15.02 49.79 -5.76
N GLU B 59 -13.92 49.62 -6.48
CA GLU B 59 -13.93 49.50 -7.94
C GLU B 59 -13.96 48.04 -8.40
N SER B 60 -13.61 47.12 -7.52
CA SER B 60 -13.55 45.70 -7.84
C SER B 60 -14.89 45.20 -8.32
N PHE B 61 -15.97 45.69 -7.70
CA PHE B 61 -17.34 45.26 -8.00
C PHE B 61 -18.20 46.42 -8.53
N GLN B 62 -17.58 47.41 -9.13
CA GLN B 62 -18.32 48.61 -9.57
C GLN B 62 -19.47 48.34 -10.54
N GLY B 63 -20.57 49.05 -10.29
CA GLY B 63 -21.70 49.07 -11.20
C GLY B 63 -22.36 47.71 -11.32
N LEU B 64 -22.39 46.94 -10.24
CA LEU B 64 -22.97 45.59 -10.28
C LEU B 64 -24.00 45.38 -9.20
N GLN B 65 -25.09 46.15 -9.28
CA GLN B 65 -26.10 46.17 -8.24
C GLN B 65 -26.59 44.77 -7.94
N ASN B 66 -26.70 43.96 -8.99
CA ASN B 66 -27.40 42.68 -8.89
C ASN B 66 -26.75 41.62 -7.98
N LEU B 67 -25.44 41.66 -7.80
CA LEU B 67 -24.80 40.60 -7.04
C LEU B 67 -25.48 40.33 -5.69
N THR B 68 -25.76 39.05 -5.45
CA THR B 68 -26.44 38.58 -4.26
C THR B 68 -25.55 37.71 -3.36
N LYS B 69 -24.59 37.03 -3.98
CA LYS B 69 -23.62 36.21 -3.24
C LYS B 69 -22.21 36.35 -3.85
N ILE B 70 -21.21 36.53 -2.98
CA ILE B 70 -19.81 36.54 -3.39
C ILE B 70 -19.02 35.58 -2.52
N ASN B 71 -18.23 34.74 -3.17
CA ASN B 71 -17.30 33.86 -2.50
C ASN B 71 -15.89 34.29 -2.83
N LEU B 72 -15.18 34.80 -1.84
CA LEU B 72 -13.77 35.17 -2.02
C LEU B 72 -12.83 34.25 -1.24
N ASN B 73 -13.33 33.10 -0.81
CA ASN B 73 -12.51 32.17 -0.02
C ASN B 73 -11.12 31.87 -0.60
N HIS B 74 -10.16 31.65 0.29
CA HIS B 74 -8.84 31.16 -0.08
C HIS B 74 -8.04 32.07 -1.02
N ASN B 75 -8.36 33.37 -1.02
CA ASN B 75 -7.55 34.36 -1.74
C ASN B 75 -6.60 35.12 -0.82
N PRO B 76 -5.31 35.18 -1.15
CA PRO B 76 -4.58 34.52 -2.24
C PRO B 76 -3.81 33.26 -1.77
N ASN B 77 -3.25 32.50 -2.72
CA ASN B 77 -2.57 31.20 -2.41
C ASN B 77 -1.01 31.15 -2.53
N VAL B 78 -0.45 30.03 -2.07
CA VAL B 78 0.97 29.67 -2.26
C VAL B 78 1.93 30.71 -1.69
N ASN B 90 1.60 37.98 2.55
CA ASN B 90 0.50 38.87 2.92
C ASN B 90 -0.85 38.27 2.52
N GLY B 91 -1.90 38.62 3.27
CA GLY B 91 -3.28 38.24 2.96
C GLY B 91 -4.05 39.16 2.04
N LEU B 92 -5.37 39.19 2.21
CA LEU B 92 -6.26 39.90 1.28
C LEU B 92 -6.54 41.29 1.81
N ASN B 93 -6.31 42.28 0.96
CA ASN B 93 -6.51 43.69 1.31
C ASN B 93 -7.87 44.15 0.82
N ILE B 94 -8.77 44.42 1.76
CA ILE B 94 -10.12 44.89 1.44
C ILE B 94 -10.36 46.29 1.97
N THR B 95 -10.57 47.25 1.06
CA THR B 95 -10.74 48.63 1.48
C THR B 95 -11.97 48.78 2.35
N ASP B 96 -12.05 49.91 3.04
CA ASP B 96 -13.23 50.26 3.80
C ASP B 96 -14.39 50.48 2.83
N GLY B 97 -15.57 49.96 3.16
CA GLY B 97 -16.75 50.12 2.32
C GLY B 97 -16.64 49.57 0.90
N ALA B 98 -15.73 48.62 0.70
CA ALA B 98 -15.51 48.00 -0.63
C ALA B 98 -16.76 47.32 -1.17
N PHE B 99 -17.56 46.77 -0.26
CA PHE B 99 -18.80 46.09 -0.60
C PHE B 99 -20.05 46.93 -0.39
N LEU B 100 -19.89 48.13 0.18
CA LEU B 100 -21.05 48.91 0.58
C LEU B 100 -21.99 49.21 -0.59
N ASN B 101 -21.43 49.36 -1.77
CA ASN B 101 -22.20 49.65 -2.99
C ASN B 101 -23.32 48.67 -3.30
N LEU B 102 -23.07 47.39 -3.00
CA LEU B 102 -23.91 46.28 -3.47
C LEU B 102 -25.16 46.13 -2.60
N LYS B 103 -26.24 46.78 -3.04
CA LYS B 103 -27.48 46.88 -2.26
C LYS B 103 -28.17 45.55 -2.00
N ASN B 104 -27.86 44.55 -2.82
CA ASN B 104 -28.54 43.25 -2.76
C ASN B 104 -27.69 42.12 -2.22
N LEU B 105 -26.52 42.43 -1.66
CA LEU B 105 -25.61 41.38 -1.22
C LEU B 105 -26.15 40.73 0.06
N ARG B 106 -26.46 39.44 -0.06
CA ARG B 106 -27.00 38.65 1.06
C ARG B 106 -25.94 37.79 1.73
N GLU B 107 -25.15 37.11 0.88
CA GLU B 107 -24.21 36.09 1.31
C GLU B 107 -22.79 36.46 0.89
N LEU B 108 -21.92 36.65 1.86
CA LEU B 108 -20.54 36.99 1.59
C LEU B 108 -19.63 36.01 2.29
N LEU B 109 -18.82 35.29 1.52
CA LEU B 109 -17.88 34.31 2.08
C LEU B 109 -16.44 34.82 1.98
N LEU B 110 -15.79 34.95 3.13
CA LEU B 110 -14.44 35.49 3.21
C LEU B 110 -13.59 34.58 4.08
N GLU B 111 -13.50 33.32 3.68
CA GLU B 111 -12.78 32.33 4.47
C GLU B 111 -11.34 32.21 4.01
N ASP B 112 -10.43 31.94 4.94
CA ASP B 112 -9.03 31.69 4.60
C ASP B 112 -8.41 32.82 3.79
N ASN B 113 -8.58 34.04 4.27
CA ASN B 113 -8.09 35.23 3.57
C ASN B 113 -6.99 35.96 4.32
N GLN B 114 -6.51 35.38 5.41
CA GLN B 114 -5.52 36.08 6.24
C GLN B 114 -5.98 37.49 6.57
N LEU B 115 -7.24 37.63 6.96
CA LEU B 115 -7.76 38.93 7.39
C LEU B 115 -7.36 39.22 8.84
N PRO B 116 -6.96 40.47 9.13
CA PRO B 116 -6.58 40.92 10.47
C PRO B 116 -7.71 41.52 11.31
N GLN B 117 -8.78 41.95 10.63
CA GLN B 117 -9.94 42.58 11.27
C GLN B 117 -11.16 42.33 10.38
N ILE B 118 -12.35 42.38 10.97
CA ILE B 118 -13.58 42.29 10.18
C ILE B 118 -13.56 43.49 9.24
N PRO B 119 -13.80 43.28 7.95
CA PRO B 119 -13.85 44.42 7.06
C PRO B 119 -14.83 45.48 7.55
N SER B 120 -14.47 46.73 7.34
CA SER B 120 -15.31 47.84 7.75
C SER B 120 -16.28 48.19 6.64
N GLY B 121 -17.45 48.69 7.01
CA GLY B 121 -18.44 49.13 6.05
C GLY B 121 -19.02 48.01 5.20
N LEU B 122 -19.51 46.98 5.86
CA LEU B 122 -20.19 45.90 5.15
C LEU B 122 -21.65 46.30 4.97
N PRO B 123 -22.26 45.91 3.84
CA PRO B 123 -23.65 46.26 3.58
C PRO B 123 -24.64 45.59 4.53
N GLU B 124 -25.64 46.35 4.96
CA GLU B 124 -26.64 45.87 5.93
C GLU B 124 -27.50 44.77 5.34
N SER B 125 -27.43 44.59 4.03
CA SER B 125 -28.26 43.60 3.34
C SER B 125 -27.92 42.18 3.75
N LEU B 126 -26.70 41.97 4.24
CA LEU B 126 -26.18 40.62 4.45
C LEU B 126 -27.01 39.81 5.43
N THR B 127 -27.27 38.57 5.03
CA THR B 127 -27.92 37.58 5.85
C THR B 127 -26.98 36.45 6.23
N GLU B 128 -25.96 36.19 5.41
CA GLU B 128 -24.94 35.23 5.78
C GLU B 128 -23.55 35.82 5.60
N LEU B 129 -22.71 35.72 6.65
CA LEU B 129 -21.32 36.18 6.61
C LEU B 129 -20.39 35.13 7.19
N SER B 130 -19.37 34.73 6.43
CA SER B 130 -18.40 33.74 6.90
C SER B 130 -16.99 34.31 6.86
N LEU B 131 -16.40 34.40 8.05
CA LEU B 131 -15.04 34.91 8.19
C LEU B 131 -14.15 33.87 8.84
N ILE B 132 -14.41 32.58 8.59
CA ILE B 132 -13.64 31.51 9.23
C ILE B 132 -12.22 31.50 8.65
N GLN B 133 -11.26 31.02 9.45
CA GLN B 133 -9.84 30.90 9.07
C GLN B 133 -9.20 32.22 8.69
N ASN B 134 -9.29 33.18 9.59
CA ASN B 134 -8.57 34.44 9.44
C ASN B 134 -7.84 34.73 10.75
N ASN B 135 -7.42 35.99 10.92
CA ASN B 135 -6.68 36.45 12.10
C ASN B 135 -7.44 37.55 12.82
N ILE B 136 -8.71 37.31 13.06
CA ILE B 136 -9.59 38.30 13.66
C ILE B 136 -9.71 37.98 15.16
N TYR B 137 -9.14 38.86 15.98
CA TYR B 137 -9.16 38.65 17.44
C TYR B 137 -10.07 39.62 18.18
N ASN B 138 -10.52 40.65 17.48
CA ASN B 138 -11.48 41.61 18.01
C ASN B 138 -12.80 41.46 17.27
N ILE B 139 -13.85 41.05 17.98
CA ILE B 139 -15.19 41.08 17.43
C ILE B 139 -15.84 42.35 17.89
N THR B 140 -15.81 43.37 17.03
CA THR B 140 -16.22 44.70 17.42
C THR B 140 -17.58 45.02 16.86
N LYS B 141 -18.37 45.75 17.65
CA LYS B 141 -19.51 46.43 17.11
C LYS B 141 -18.94 47.42 16.13
N GLU B 142 -19.73 47.83 15.14
CA GLU B 142 -19.22 48.54 13.98
C GLU B 142 -18.81 47.56 12.90
N GLY B 143 -17.94 46.63 13.26
CA GLY B 143 -17.63 45.52 12.36
C GLY B 143 -18.91 44.83 11.91
N ILE B 144 -19.70 44.38 12.88
CA ILE B 144 -20.88 43.56 12.58
C ILE B 144 -22.19 44.11 13.12
N SER B 145 -22.12 44.89 14.20
CA SER B 145 -23.28 45.57 14.72
C SER B 145 -23.85 46.39 13.61
N ARG B 146 -25.16 46.42 13.49
CA ARG B 146 -25.70 47.16 12.35
C ARG B 146 -26.02 46.27 11.18
N LEU B 147 -25.40 45.08 11.12
CA LEU B 147 -25.80 44.12 10.11
C LEU B 147 -26.95 43.35 10.69
N ILE B 148 -28.04 44.07 10.92
CA ILE B 148 -29.16 43.53 11.67
C ILE B 148 -29.76 42.30 10.98
N ASN B 149 -29.75 42.31 9.65
CA ASN B 149 -30.32 41.21 8.88
C ASN B 149 -29.54 39.88 8.90
N LEU B 150 -28.33 39.84 9.50
CA LEU B 150 -27.59 38.58 9.66
C LEU B 150 -28.42 37.49 10.31
N LYS B 151 -28.53 36.36 9.59
CA LYS B 151 -29.09 35.11 10.13
C LYS B 151 -27.99 34.15 10.56
N ASN B 152 -26.95 33.99 9.73
CA ASN B 152 -25.87 33.04 9.99
C ASN B 152 -24.53 33.74 10.01
N LEU B 153 -23.82 33.67 11.13
CA LEU B 153 -22.52 34.31 11.24
C LEU B 153 -21.47 33.29 11.67
N TYR B 154 -20.43 33.16 10.84
CA TYR B 154 -19.37 32.18 11.05
C TYR B 154 -18.05 32.89 11.34
N LEU B 155 -17.56 32.70 12.57
CA LEU B 155 -16.30 33.27 13.00
C LEU B 155 -15.32 32.23 13.56
N ALA B 156 -15.51 30.95 13.24
CA ALA B 156 -14.66 29.92 13.79
C ALA B 156 -13.25 29.93 13.23
N TRP B 157 -12.33 29.30 13.96
CA TRP B 157 -10.90 29.18 13.61
C TRP B 157 -10.18 30.52 13.42
N ASN B 158 -10.29 31.45 14.35
CA ASN B 158 -9.49 32.66 14.23
C ASN B 158 -8.37 32.84 15.24
N CYS B 159 -8.63 32.47 16.50
CA CYS B 159 -7.61 32.64 17.54
C CYS B 159 -7.18 31.21 17.93
N TYR B 160 -6.93 30.39 16.92
CA TYR B 160 -6.44 29.06 17.14
C TYR B 160 -4.97 29.10 17.64
N PHE B 161 -4.55 28.01 18.26
CA PHE B 161 -3.28 27.94 18.98
C PHE B 161 -2.08 28.37 18.18
N ASN B 162 -2.08 28.07 16.90
CA ASN B 162 -1.02 28.58 16.08
C ASN B 162 -1.11 30.10 16.13
N LYS B 163 0.02 30.74 16.43
CA LYS B 163 0.21 32.22 16.49
C LYS B 163 -0.41 33.07 17.64
N VAL B 164 -0.58 34.36 17.32
CA VAL B 164 -0.71 35.48 18.25
C VAL B 164 -1.90 35.66 19.22
N CYS B 165 -3.14 35.30 18.86
CA CYS B 165 -4.25 35.56 19.77
C CYS B 165 -4.36 34.64 20.99
N GLU B 166 -4.09 35.21 22.16
CA GLU B 166 -4.23 34.50 23.42
C GLU B 166 -5.70 34.31 23.75
N LYS B 167 -6.49 35.36 23.55
CA LYS B 167 -7.94 35.31 23.80
C LYS B 167 -8.62 36.13 22.74
N THR B 168 -9.88 35.82 22.46
CA THR B 168 -10.59 36.52 21.43
C THR B 168 -11.43 37.50 22.17
N ASN B 169 -11.23 38.76 21.81
CA ASN B 169 -11.88 39.82 22.51
C ASN B 169 -13.19 40.08 21.84
N ILE B 170 -14.27 39.81 22.55
CA ILE B 170 -15.60 40.03 22.00
C ILE B 170 -16.22 41.22 22.72
N GLU B 171 -16.27 42.37 22.05
CA GLU B 171 -16.81 43.60 22.63
C GLU B 171 -18.19 43.35 23.25
N ASP B 172 -18.43 43.90 24.43
CA ASP B 172 -19.67 43.57 25.14
C ASP B 172 -20.90 43.92 24.28
N GLY B 173 -21.80 42.95 24.11
CA GLY B 173 -23.09 43.16 23.44
C GLY B 173 -23.06 43.25 21.93
N VAL B 174 -21.92 42.95 21.34
CA VAL B 174 -21.79 43.05 19.89
C VAL B 174 -22.88 42.26 19.14
N PHE B 175 -23.35 41.15 19.72
CA PHE B 175 -24.39 40.35 19.09
C PHE B 175 -25.82 40.67 19.52
N GLU B 176 -26.01 41.44 20.59
CA GLU B 176 -27.38 41.74 21.07
C GLU B 176 -28.21 42.49 20.02
N THR B 177 -27.56 43.34 19.24
CA THR B 177 -28.14 44.04 18.07
C THR B 177 -28.59 43.18 16.87
N LEU B 178 -28.07 41.96 16.74
CA LEU B 178 -28.43 41.08 15.63
C LEU B 178 -29.63 40.22 15.99
N THR B 179 -30.82 40.81 15.93
CA THR B 179 -31.99 40.17 16.50
C THR B 179 -32.69 39.18 15.55
N ASN B 180 -32.06 38.94 14.41
CA ASN B 180 -32.47 37.85 13.52
C ASN B 180 -31.44 36.75 13.39
N LEU B 181 -30.37 36.85 14.16
CA LEU B 181 -29.33 35.85 14.13
C LEU B 181 -29.80 34.47 14.62
N GLU B 182 -29.70 33.49 13.73
CA GLU B 182 -30.15 32.12 13.98
C GLU B 182 -28.98 31.18 14.26
N LEU B 183 -27.84 31.50 13.64
CA LEU B 183 -26.66 30.67 13.77
C LEU B 183 -25.49 31.53 14.09
N LEU B 184 -24.79 31.15 15.16
CA LEU B 184 -23.53 31.77 15.55
C LEU B 184 -22.48 30.69 15.80
N SER B 185 -21.39 30.73 15.05
CA SER B 185 -20.31 29.76 15.24
C SER B 185 -19.02 30.46 15.62
N LEU B 186 -18.57 30.18 16.85
CA LEU B 186 -17.33 30.72 17.36
C LEU B 186 -16.36 29.60 17.69
N SER B 187 -16.63 28.41 17.16
CA SER B 187 -15.80 27.25 17.41
C SER B 187 -14.33 27.53 17.06
N PHE B 188 -13.41 26.92 17.78
CA PHE B 188 -11.95 27.05 17.52
C PHE B 188 -11.46 28.52 17.59
N ASN B 189 -11.77 29.14 18.72
CA ASN B 189 -11.22 30.42 19.17
C ASN B 189 -11.07 30.30 20.68
N SER B 190 -10.11 31.02 21.25
CA SER B 190 -10.00 31.08 22.72
C SER B 190 -10.97 32.12 23.29
N LEU B 191 -11.95 31.68 24.06
CA LEU B 191 -12.95 32.55 24.66
C LEU B 191 -12.97 32.52 26.19
N SER B 192 -12.70 31.36 26.78
CA SER B 192 -12.74 31.19 28.24
C SER B 192 -14.15 31.14 28.80
N HIS B 193 -15.04 31.98 28.28
CA HIS B 193 -16.41 32.00 28.79
C HIS B 193 -17.39 32.33 27.67
N VAL B 194 -18.60 31.75 27.77
CA VAL B 194 -19.65 32.01 26.80
C VAL B 194 -19.93 33.49 26.80
N PRO B 195 -20.00 34.11 25.62
CA PRO B 195 -20.18 35.55 25.65
C PRO B 195 -21.57 35.92 26.16
N PRO B 196 -21.66 37.06 26.84
CA PRO B 196 -22.94 37.54 27.29
C PRO B 196 -23.65 38.28 26.18
N LYS B 197 -24.94 38.54 26.38
CA LYS B 197 -25.73 39.39 25.48
C LYS B 197 -25.77 38.83 24.07
N LEU B 198 -26.40 37.66 24.01
CA LEU B 198 -26.65 36.92 22.79
C LEU B 198 -28.12 37.06 22.44
N PRO B 199 -28.43 37.22 21.15
CA PRO B 199 -29.83 37.40 20.76
C PRO B 199 -30.65 36.13 20.99
N SER B 200 -31.90 36.32 21.38
CA SER B 200 -32.81 35.25 21.72
C SER B 200 -33.13 34.40 20.49
N SER B 201 -32.96 35.03 19.31
CA SER B 201 -33.25 34.43 18.01
C SER B 201 -32.39 33.22 17.67
N LEU B 202 -31.26 33.07 18.37
CA LEU B 202 -30.34 31.97 18.11
C LEU B 202 -31.02 30.63 18.11
N ARG B 203 -30.65 29.82 17.13
CA ARG B 203 -31.14 28.46 17.01
C ARG B 203 -29.99 27.45 17.10
N LYS B 204 -28.81 27.84 16.59
CA LYS B 204 -27.62 26.99 16.59
C LYS B 204 -26.41 27.76 17.06
N LEU B 205 -25.85 27.33 18.19
CA LEU B 205 -24.71 28.05 18.77
C LEU B 205 -23.58 27.04 18.85
N PHE B 206 -22.50 27.32 18.12
CA PHE B 206 -21.38 26.40 18.05
C PHE B 206 -20.24 26.99 18.85
N LEU B 207 -19.86 26.29 19.92
CA LEU B 207 -18.78 26.73 20.78
C LEU B 207 -17.77 25.62 21.02
N SER B 208 -17.45 24.87 19.96
CA SER B 208 -16.51 23.76 20.08
C SER B 208 -15.09 24.27 20.23
N ASN B 209 -14.32 23.69 21.16
CA ASN B 209 -12.89 24.03 21.30
C ASN B 209 -12.68 25.54 21.51
N THR B 210 -13.24 26.07 22.58
CA THR B 210 -13.20 27.52 22.83
C THR B 210 -12.56 27.83 24.18
N GLN B 211 -11.97 26.83 24.80
CA GLN B 211 -11.36 26.98 26.11
C GLN B 211 -12.36 27.44 27.19
N ILE B 212 -13.61 27.01 27.05
CA ILE B 212 -14.64 27.33 28.02
C ILE B 212 -14.79 26.16 28.98
N LYS B 213 -14.16 26.30 30.15
CA LYS B 213 -14.12 25.22 31.13
C LYS B 213 -15.29 25.28 32.13
N TYR B 214 -16.08 26.36 32.08
CA TYR B 214 -17.22 26.52 32.98
C TYR B 214 -18.45 27.09 32.29
N ILE B 215 -19.60 26.52 32.58
CA ILE B 215 -20.86 26.97 32.04
C ILE B 215 -21.79 27.39 33.18
N SER B 216 -22.14 28.68 33.23
CA SER B 216 -23.04 29.17 34.28
C SER B 216 -24.52 29.07 33.89
N GLU B 217 -25.37 29.24 34.88
CA GLU B 217 -26.82 29.25 34.71
C GLU B 217 -27.22 30.41 33.81
N GLU B 218 -26.42 31.48 33.88
CA GLU B 218 -26.69 32.73 33.19
C GLU B 218 -26.18 32.74 31.73
N ASP B 219 -25.35 31.77 31.36
CA ASP B 219 -24.71 31.77 30.05
C ASP B 219 -25.67 31.57 28.88
N PHE B 220 -26.67 30.73 29.06
CA PHE B 220 -27.69 30.52 28.05
C PHE B 220 -29.12 30.86 28.47
N LYS B 221 -29.30 31.66 29.51
CA LYS B 221 -30.64 31.81 30.07
C LYS B 221 -31.67 32.28 29.04
N GLY B 222 -31.29 33.21 28.19
CA GLY B 222 -32.25 33.71 27.20
C GLY B 222 -32.77 32.74 26.16
N LEU B 223 -31.93 31.83 25.73
CA LEU B 223 -31.99 31.27 24.40
C LEU B 223 -33.04 30.22 24.31
N ILE B 224 -34.29 30.65 24.31
CA ILE B 224 -35.38 29.71 24.26
C ILE B 224 -35.51 28.98 22.93
N ASN B 225 -35.12 29.64 21.86
CA ASN B 225 -35.31 29.11 20.52
C ASN B 225 -34.20 28.14 20.09
N LEU B 226 -33.27 27.85 21.00
CA LEU B 226 -32.06 27.12 20.63
C LEU B 226 -32.42 25.66 20.38
N THR B 227 -31.98 25.15 19.24
CA THR B 227 -32.15 23.74 18.88
C THR B 227 -30.84 22.96 18.87
N LEU B 228 -29.72 23.68 18.68
CA LEU B 228 -28.38 23.07 18.68
C LEU B 228 -27.37 23.83 19.53
N LEU B 229 -26.71 23.08 20.42
CA LEU B 229 -25.61 23.59 21.21
C LEU B 229 -24.38 22.68 21.10
N ASP B 230 -23.23 23.27 20.75
CA ASP B 230 -21.98 22.55 20.59
C ASP B 230 -20.93 23.06 21.57
N LEU B 231 -20.67 22.25 22.60
CA LEU B 231 -19.62 22.54 23.57
C LEU B 231 -18.46 21.54 23.52
N SER B 232 -18.43 20.70 22.48
CA SER B 232 -17.39 19.68 22.31
C SER B 232 -15.97 20.24 22.38
N GLY B 233 -15.05 19.46 22.90
CA GLY B 233 -13.63 19.89 22.95
C GLY B 233 -13.24 21.00 23.92
N ASN B 234 -14.03 21.22 24.96
CA ASN B 234 -13.63 22.10 26.05
C ASN B 234 -13.33 21.20 27.25
N CYS B 235 -12.10 21.33 27.75
CA CYS B 235 -11.49 20.33 28.64
C CYS B 235 -11.46 19.02 27.88
N PRO B 236 -10.69 19.00 26.80
CA PRO B 236 -10.68 17.84 25.92
C PRO B 236 -10.10 16.62 26.57
N ARG B 237 -10.48 15.45 26.07
CA ARG B 237 -9.75 14.23 26.35
C ARG B 237 -8.69 14.20 25.26
N CYS B 238 -7.57 14.82 25.59
CA CYS B 238 -6.46 15.06 24.68
C CYS B 238 -5.55 13.86 24.76
N PHE B 239 -5.92 12.75 24.11
CA PHE B 239 -5.07 11.58 24.06
C PHE B 239 -4.39 11.66 22.71
N ASN B 240 -4.33 10.56 21.96
CA ASN B 240 -3.69 10.61 20.64
C ASN B 240 -4.60 11.26 19.59
N ALA B 241 -4.71 12.58 19.65
CA ALA B 241 -5.52 13.33 18.75
C ALA B 241 -4.53 14.03 17.87
N PRO B 242 -4.73 13.93 16.56
CA PRO B 242 -3.82 14.58 15.63
C PRO B 242 -3.70 16.08 15.91
N PHE B 243 -4.83 16.71 16.16
CA PHE B 243 -4.83 18.15 16.36
C PHE B 243 -4.34 18.44 17.76
N PRO B 244 -3.82 19.64 18.00
CA PRO B 244 -3.29 20.01 19.31
C PRO B 244 -4.37 19.82 20.36
N CYS B 245 -4.00 19.23 21.49
CA CYS B 245 -4.98 18.82 22.48
C CYS B 245 -4.37 19.21 23.86
N VAL B 246 -5.07 20.01 24.66
CA VAL B 246 -4.56 20.49 25.96
C VAL B 246 -5.65 20.40 27.00
N PRO B 247 -5.55 19.42 27.90
CA PRO B 247 -6.68 19.27 28.79
C PRO B 247 -6.66 20.33 29.88
N CYS B 248 -7.77 20.46 30.58
CA CYS B 248 -7.82 21.33 31.74
C CYS B 248 -6.96 20.63 32.78
N ASP B 249 -6.65 21.33 33.87
CA ASP B 249 -5.64 20.84 34.83
C ASP B 249 -6.03 19.47 35.43
N GLY B 250 -5.11 18.52 35.29
CA GLY B 250 -5.41 17.12 35.60
C GLY B 250 -6.27 16.57 34.47
N GLY B 251 -7.04 15.53 34.75
CA GLY B 251 -8.02 15.02 33.78
C GLY B 251 -9.37 15.67 33.98
N ALA B 252 -9.39 16.94 34.35
CA ALA B 252 -10.63 17.58 34.83
C ALA B 252 -11.63 17.79 33.70
N SER B 253 -12.90 17.46 33.97
CA SER B 253 -13.95 17.63 32.97
C SER B 253 -14.39 19.08 32.90
N ILE B 254 -15.06 19.42 31.81
CA ILE B 254 -15.77 20.69 31.73
C ILE B 254 -16.68 20.83 32.96
N ASN B 255 -16.90 22.07 33.39
CA ASN B 255 -17.81 22.34 34.52
C ASN B 255 -19.13 23.02 34.10
N ILE B 256 -20.23 22.30 34.19
CA ILE B 256 -21.53 22.78 33.73
C ILE B 256 -22.53 22.85 34.87
N ASP B 257 -22.94 24.07 35.19
CA ASP B 257 -23.88 24.31 36.26
C ASP B 257 -25.15 23.50 36.10
N ARG B 258 -25.74 23.09 37.22
CA ARG B 258 -26.97 22.29 37.24
C ARG B 258 -28.10 22.86 36.37
N PHE B 259 -28.22 24.17 36.36
CA PHE B 259 -29.31 24.87 35.69
C PHE B 259 -28.85 25.57 34.41
N ALA B 260 -27.65 25.23 33.95
CA ALA B 260 -27.09 25.84 32.75
C ALA B 260 -28.03 25.73 31.57
N PHE B 261 -28.77 24.62 31.50
CA PHE B 261 -29.66 24.30 30.37
C PHE B 261 -31.14 24.32 30.69
N GLN B 262 -31.55 24.99 31.76
CA GLN B 262 -32.94 24.86 32.19
C GLN B 262 -33.94 25.50 31.24
N ASN B 263 -33.54 26.58 30.56
CA ASN B 263 -34.48 27.27 29.66
C ASN B 263 -34.28 26.90 28.18
N LEU B 264 -33.51 25.84 27.89
CA LEU B 264 -33.27 25.43 26.49
C LEU B 264 -34.25 24.36 26.06
N THR B 265 -35.54 24.67 26.07
CA THR B 265 -36.57 23.64 25.92
C THR B 265 -36.65 23.08 24.51
N GLN B 266 -36.13 23.85 23.56
CA GLN B 266 -36.19 23.45 22.16
C GLN B 266 -35.00 22.55 21.69
N LEU B 267 -33.96 22.43 22.52
CA LEU B 267 -32.73 21.76 22.09
C LEU B 267 -33.01 20.38 21.54
N ARG B 268 -32.51 20.15 20.33
CA ARG B 268 -32.58 18.86 19.67
C ARG B 268 -31.22 18.19 19.56
N TYR B 269 -30.15 19.01 19.43
CA TYR B 269 -28.80 18.56 19.19
C TYR B 269 -27.93 19.11 20.26
N LEU B 270 -27.35 18.21 21.06
CA LEU B 270 -26.34 18.58 22.05
C LEU B 270 -25.07 17.80 21.81
N ASN B 271 -23.97 18.53 21.64
CA ASN B 271 -22.66 17.95 21.46
C ASN B 271 -21.71 18.27 22.62
N LEU B 272 -21.42 17.23 23.41
CA LEU B 272 -20.48 17.30 24.55
C LEU B 272 -19.26 16.40 24.37
N SER B 273 -18.92 16.11 23.14
CA SER B 273 -17.79 15.25 22.84
C SER B 273 -16.49 15.87 23.37
N SER B 274 -15.61 15.01 23.90
CA SER B 274 -14.28 15.42 24.31
C SER B 274 -14.39 16.62 25.26
N THR B 275 -15.09 16.39 26.37
CA THR B 275 -15.16 17.34 27.46
C THR B 275 -14.76 16.66 28.77
N SER B 276 -14.11 15.51 28.65
CA SER B 276 -13.51 14.81 29.77
C SER B 276 -14.51 14.44 30.86
N LEU B 277 -15.76 14.24 30.47
CA LEU B 277 -16.84 14.04 31.43
C LEU B 277 -16.76 12.67 32.09
N ARG B 278 -16.82 12.67 33.44
CA ARG B 278 -16.99 11.44 34.23
C ARG B 278 -18.43 11.26 34.70
N LYS B 279 -19.13 12.37 34.94
CA LYS B 279 -20.50 12.37 35.45
C LYS B 279 -21.40 13.23 34.56
N ILE B 280 -22.61 12.74 34.32
CA ILE B 280 -23.60 13.49 33.55
C ILE B 280 -24.80 13.81 34.42
N ASN B 281 -24.96 15.09 34.70
CA ASN B 281 -26.06 15.59 35.53
C ASN B 281 -27.39 15.39 34.83
N ALA B 282 -28.25 14.54 35.38
CA ALA B 282 -29.56 14.24 34.76
C ALA B 282 -30.50 15.46 34.72
N ALA B 283 -30.23 16.44 35.58
CA ALA B 283 -31.02 17.66 35.65
C ALA B 283 -30.81 18.56 34.42
N TRP B 284 -29.71 18.34 33.70
CA TRP B 284 -29.41 19.07 32.46
C TRP B 284 -30.50 18.88 31.43
N PHE B 285 -31.16 17.72 31.49
CA PHE B 285 -32.19 17.31 30.54
C PHE B 285 -33.63 17.37 31.06
N LYS B 286 -33.81 17.86 32.28
CA LYS B 286 -35.13 17.93 32.87
C LYS B 286 -36.06 18.71 31.94
N ASN B 287 -35.59 19.86 31.45
CA ASN B 287 -36.40 20.77 30.63
C ASN B 287 -36.08 20.70 29.14
N MET B 288 -35.80 19.50 28.65
CA MET B 288 -35.23 19.34 27.34
C MET B 288 -35.86 18.11 26.68
N PRO B 289 -37.19 18.10 26.60
CA PRO B 289 -37.96 16.92 26.21
C PRO B 289 -37.84 16.46 24.74
N HIS B 290 -37.25 17.28 23.86
CA HIS B 290 -37.17 16.94 22.44
C HIS B 290 -35.77 16.54 21.98
N LEU B 291 -34.82 16.50 22.91
CA LEU B 291 -33.46 16.18 22.54
C LEU B 291 -33.44 14.93 21.68
N LYS B 292 -32.84 15.11 20.51
CA LYS B 292 -32.86 14.10 19.45
C LYS B 292 -31.50 13.40 19.32
N VAL B 293 -30.43 14.18 19.41
CA VAL B 293 -29.09 13.70 19.14
C VAL B 293 -28.18 14.20 20.24
N LEU B 294 -27.43 13.25 20.80
CA LEU B 294 -26.58 13.54 21.94
C LEU B 294 -25.20 12.90 21.71
N ASP B 295 -24.19 13.77 21.54
CA ASP B 295 -22.81 13.33 21.28
C ASP B 295 -22.00 13.34 22.57
N LEU B 296 -21.58 12.15 23.00
CA LEU B 296 -20.73 12.03 24.17
C LEU B 296 -19.49 11.19 23.90
N GLU B 297 -18.98 11.29 22.67
CA GLU B 297 -17.73 10.66 22.27
C GLU B 297 -16.55 11.25 23.06
N PHE B 298 -15.52 10.43 23.31
CA PHE B 298 -14.25 10.88 23.87
C PHE B 298 -14.39 11.53 25.24
N ASN B 299 -15.11 10.86 26.13
CA ASN B 299 -15.21 11.27 27.52
C ASN B 299 -14.75 10.11 28.40
N TYR B 300 -15.14 10.04 29.67
CA TYR B 300 -14.77 8.89 30.53
C TYR B 300 -16.02 8.32 31.22
N LEU B 301 -16.99 7.91 30.42
CA LEU B 301 -18.33 7.61 30.94
C LEU B 301 -18.61 6.13 31.10
N VAL B 302 -17.56 5.32 31.29
CA VAL B 302 -17.76 3.90 31.49
C VAL B 302 -18.66 3.66 32.70
N GLY B 303 -18.40 4.42 33.79
CA GLY B 303 -19.19 4.35 34.99
C GLY B 303 -20.61 4.76 34.74
N GLU B 304 -20.75 5.94 34.13
CA GLU B 304 -22.07 6.47 33.81
C GLU B 304 -22.87 5.56 32.90
N ILE B 305 -22.21 4.82 32.02
CA ILE B 305 -22.90 3.84 31.16
C ILE B 305 -23.45 2.68 31.98
N ALA B 306 -22.78 2.36 33.09
CA ALA B 306 -23.19 1.25 33.92
C ALA B 306 -24.36 1.63 34.83
N SER B 307 -24.35 2.87 35.34
CA SER B 307 -25.43 3.37 36.23
C SER B 307 -26.43 4.21 35.44
N GLY B 308 -26.09 5.47 35.19
CA GLY B 308 -26.75 6.25 34.13
C GLY B 308 -28.13 6.73 34.49
N ALA B 309 -28.18 7.64 35.45
CA ALA B 309 -29.41 8.32 35.82
C ALA B 309 -29.96 9.04 34.62
N PHE B 310 -29.10 9.81 33.98
CA PHE B 310 -29.49 10.63 32.84
C PHE B 310 -30.25 9.86 31.74
N LEU B 311 -30.15 8.54 31.71
CA LEU B 311 -30.77 7.76 30.63
C LEU B 311 -32.31 7.73 30.70
N THR B 312 -32.83 7.91 31.89
CA THR B 312 -34.27 8.02 32.09
C THR B 312 -34.84 9.36 31.56
N MET B 313 -33.97 10.36 31.33
CA MET B 313 -34.38 11.72 30.95
C MET B 313 -34.41 12.01 29.44
N LEU B 314 -34.44 10.97 28.61
CA LEU B 314 -34.20 11.17 27.16
C LEU B 314 -35.10 10.28 26.34
N PRO B 315 -36.41 10.48 26.47
CA PRO B 315 -37.39 9.58 25.89
C PRO B 315 -37.57 9.80 24.40
N ARG B 316 -37.07 10.94 23.90
CA ARG B 316 -37.14 11.27 22.48
C ARG B 316 -35.82 11.19 21.73
N LEU B 317 -34.75 10.87 22.45
CA LEU B 317 -33.45 10.65 21.82
C LEU B 317 -33.50 9.57 20.76
N GLU B 318 -33.00 9.94 19.58
CA GLU B 318 -32.95 9.02 18.43
C GLU B 318 -31.54 8.49 18.17
N ILE B 319 -30.53 9.33 18.44
CA ILE B 319 -29.15 8.99 18.22
C ILE B 319 -28.30 9.30 19.45
N LEU B 320 -27.64 8.26 19.97
CA LEU B 320 -26.74 8.39 21.13
C LEU B 320 -25.36 7.92 20.74
N ASP B 321 -24.37 8.79 20.90
CA ASP B 321 -22.98 8.40 20.65
C ASP B 321 -22.15 8.43 21.91
N LEU B 322 -21.79 7.22 22.37
CA LEU B 322 -20.98 7.02 23.57
C LEU B 322 -19.63 6.42 23.21
N SER B 323 -19.13 6.78 22.04
CA SER B 323 -17.90 6.20 21.53
C SER B 323 -16.63 6.70 22.21
N PHE B 324 -15.65 5.80 22.27
CA PHE B 324 -14.31 6.09 22.73
C PHE B 324 -14.33 6.63 24.15
N ASN B 325 -15.07 5.94 25.01
CA ASN B 325 -15.04 6.21 26.43
C ASN B 325 -14.27 5.15 27.23
N TYR B 326 -13.45 4.37 26.51
CA TYR B 326 -12.58 3.36 27.10
C TYR B 326 -11.71 3.96 28.18
N ILE B 327 -11.30 3.13 29.14
CA ILE B 327 -10.32 3.57 30.16
C ILE B 327 -8.93 3.13 29.72
N LYS B 328 -7.96 4.01 29.84
CA LYS B 328 -6.65 3.70 29.31
C LYS B 328 -6.12 2.46 30.02
N GLY B 329 -5.68 1.49 29.23
CA GLY B 329 -5.15 0.23 29.75
C GLY B 329 -6.17 -0.83 30.17
N SER B 330 -7.46 -0.53 30.01
CA SER B 330 -8.51 -1.42 30.49
C SER B 330 -9.19 -2.18 29.38
N TYR B 331 -9.22 -3.49 29.54
CA TYR B 331 -9.72 -4.40 28.51
C TYR B 331 -10.60 -5.40 29.22
N PRO B 332 -11.65 -4.89 29.89
CA PRO B 332 -12.51 -5.71 30.72
C PRO B 332 -13.15 -6.83 29.95
N GLN B 333 -13.45 -7.91 30.64
CA GLN B 333 -14.10 -9.07 30.02
C GLN B 333 -15.39 -8.66 29.39
N HIS B 334 -16.14 -7.82 30.09
CA HIS B 334 -17.53 -7.57 29.73
C HIS B 334 -17.82 -6.11 29.75
N ILE B 335 -18.77 -5.72 28.89
CA ILE B 335 -19.34 -4.40 28.91
C ILE B 335 -20.50 -4.38 29.95
N ASN B 336 -20.60 -3.30 30.71
CA ASN B 336 -21.69 -3.12 31.67
C ASN B 336 -22.67 -2.01 31.23
N ILE B 337 -23.80 -2.45 30.68
CA ILE B 337 -24.87 -1.57 30.16
C ILE B 337 -25.95 -1.38 31.21
N SER B 338 -26.14 -0.14 31.67
CA SER B 338 -27.27 0.13 32.55
C SER B 338 -28.62 -0.42 32.06
N ARG B 339 -29.49 -0.81 32.99
CA ARG B 339 -30.87 -1.18 32.61
C ARG B 339 -31.64 0.03 32.13
N ASN B 340 -31.20 1.22 32.55
CA ASN B 340 -31.83 2.48 32.16
C ASN B 340 -31.78 2.79 30.65
N PHE B 341 -30.94 2.07 29.90
CA PHE B 341 -31.00 2.12 28.43
C PHE B 341 -32.37 1.73 27.87
N SER B 342 -33.14 0.91 28.60
CA SER B 342 -34.49 0.54 28.15
C SER B 342 -35.49 1.72 28.17
N LYS B 343 -35.08 2.83 28.78
CA LYS B 343 -35.86 4.08 28.81
C LYS B 343 -35.58 5.03 27.62
N LEU B 344 -34.70 4.63 26.72
CA LEU B 344 -34.46 5.39 25.50
C LEU B 344 -35.41 4.88 24.43
N LEU B 345 -36.68 5.22 24.56
CA LEU B 345 -37.72 4.55 23.80
C LEU B 345 -37.65 4.89 22.34
N SER B 346 -37.23 6.12 22.05
CA SER B 346 -37.16 6.59 20.67
C SER B 346 -35.86 6.22 19.94
N LEU B 347 -34.95 5.52 20.60
CA LEU B 347 -33.59 5.29 20.07
C LEU B 347 -33.59 4.52 18.76
N ARG B 348 -32.97 5.13 17.75
CA ARG B 348 -32.85 4.56 16.42
C ARG B 348 -31.45 4.01 16.19
N ALA B 349 -30.45 4.72 16.69
CA ALA B 349 -29.06 4.37 16.48
C ALA B 349 -28.23 4.53 17.74
N LEU B 350 -27.58 3.44 18.17
CA LEU B 350 -26.61 3.50 19.28
C LEU B 350 -25.17 3.33 18.82
N HIS B 351 -24.32 4.30 19.09
CA HIS B 351 -22.91 4.20 18.71
C HIS B 351 -22.02 3.98 19.92
N LEU B 352 -21.48 2.78 20.04
CA LEU B 352 -20.63 2.41 21.17
C LEU B 352 -19.28 1.90 20.70
N ARG B 353 -18.59 2.72 19.91
CA ARG B 353 -17.26 2.37 19.49
C ARG B 353 -16.32 2.62 20.63
N GLY B 354 -15.24 1.85 20.67
CA GLY B 354 -14.11 2.17 21.49
C GLY B 354 -14.36 2.22 22.97
N TYR B 355 -15.22 1.33 23.44
CA TYR B 355 -15.35 1.08 24.87
C TYR B 355 -14.24 0.11 25.19
N VAL B 356 -14.18 -0.95 24.37
CA VAL B 356 -13.09 -1.93 24.37
C VAL B 356 -13.29 -2.93 25.47
N PHE B 357 -13.73 -4.11 25.06
CA PHE B 357 -13.99 -5.18 25.97
C PHE B 357 -13.98 -6.44 25.18
N GLN B 358 -13.89 -7.57 25.88
CA GLN B 358 -13.57 -8.86 25.27
C GLN B 358 -14.74 -9.70 24.87
N GLU B 359 -15.83 -9.61 25.61
CA GLU B 359 -16.95 -10.50 25.35
C GLU B 359 -18.32 -9.81 25.40
N LEU B 360 -19.18 -10.17 24.45
CA LEU B 360 -20.56 -9.71 24.44
C LEU B 360 -21.51 -10.89 24.64
N ARG B 361 -22.18 -10.91 25.79
CA ARG B 361 -23.16 -11.94 26.11
C ARG B 361 -24.57 -11.44 25.87
N GLU B 362 -25.46 -12.38 25.59
CA GLU B 362 -26.91 -12.14 25.47
C GLU B 362 -27.42 -11.15 26.50
N ASP B 363 -27.15 -11.49 27.75
CA ASP B 363 -27.68 -10.76 28.89
C ASP B 363 -27.20 -9.28 28.95
N ASP B 364 -25.98 -9.01 28.50
CA ASP B 364 -25.41 -7.64 28.53
C ASP B 364 -26.22 -6.61 27.72
N PHE B 365 -26.96 -7.09 26.73
CA PHE B 365 -27.72 -6.25 25.79
C PHE B 365 -29.25 -6.39 25.94
N GLN B 366 -29.68 -6.98 27.07
CA GLN B 366 -31.10 -7.13 27.32
C GLN B 366 -31.86 -5.79 27.24
N PRO B 367 -31.36 -4.70 27.88
CA PRO B 367 -32.11 -3.41 27.84
C PRO B 367 -32.45 -2.87 26.45
N LEU B 368 -31.61 -3.18 25.47
CA LEU B 368 -31.75 -2.67 24.14
C LEU B 368 -32.73 -3.50 23.32
N MET B 369 -33.04 -4.70 23.79
CA MET B 369 -33.88 -5.63 23.03
C MET B 369 -35.33 -5.18 22.96
N GLN B 370 -35.71 -4.27 23.87
CA GLN B 370 -37.08 -3.83 23.97
C GLN B 370 -37.31 -2.41 23.40
N LEU B 371 -36.27 -1.81 22.83
CA LEU B 371 -36.41 -0.49 22.21
C LEU B 371 -36.96 -0.69 20.80
N PRO B 372 -38.17 -0.15 20.52
CA PRO B 372 -38.89 -0.56 19.29
C PRO B 372 -38.26 -0.12 17.97
N ASN B 373 -37.53 1.00 17.97
CA ASN B 373 -37.04 1.61 16.73
C ASN B 373 -35.53 1.55 16.52
N LEU B 374 -34.84 0.84 17.42
CA LEU B 374 -33.38 0.69 17.33
C LEU B 374 -33.05 -0.09 16.08
N SER B 375 -32.49 0.61 15.09
CA SER B 375 -32.14 -0.01 13.81
C SER B 375 -30.64 -0.11 13.59
N THR B 376 -29.85 0.70 14.30
CA THR B 376 -28.39 0.68 14.23
C THR B 376 -27.74 0.45 15.59
N ILE B 377 -26.98 -0.64 15.69
CA ILE B 377 -26.02 -0.83 16.79
C ILE B 377 -24.60 -0.79 16.24
N ASN B 378 -23.82 0.19 16.68
CA ASN B 378 -22.47 0.38 16.18
C ASN B 378 -21.44 0.05 17.25
N LEU B 379 -20.83 -1.11 17.08
CA LEU B 379 -19.85 -1.61 18.02
C LEU B 379 -18.45 -1.67 17.42
N GLY B 380 -18.15 -0.78 16.49
CA GLY B 380 -16.85 -0.80 15.83
C GLY B 380 -15.72 -0.52 16.80
N ILE B 381 -14.56 -1.12 16.52
CA ILE B 381 -13.33 -0.77 17.23
C ILE B 381 -13.47 -1.04 18.73
N ASN B 382 -13.92 -2.24 19.09
CA ASN B 382 -13.98 -2.65 20.49
C ASN B 382 -13.09 -3.87 20.82
N PHE B 383 -12.50 -4.44 19.77
CA PHE B 383 -11.57 -5.57 19.92
C PHE B 383 -12.22 -6.73 20.69
N ILE B 384 -13.47 -6.96 20.36
CA ILE B 384 -14.26 -8.00 21.01
C ILE B 384 -13.83 -9.33 20.46
N LYS B 385 -13.49 -10.26 21.36
CA LYS B 385 -13.04 -11.62 20.98
C LYS B 385 -14.21 -12.53 20.67
N GLN B 386 -15.29 -12.44 21.43
CA GLN B 386 -16.47 -13.22 21.07
C GLN B 386 -17.78 -12.56 21.41
N ILE B 387 -18.76 -12.84 20.55
CA ILE B 387 -20.09 -12.32 20.70
C ILE B 387 -21.05 -13.47 20.68
N ASP B 388 -22.01 -13.43 21.59
CA ASP B 388 -23.13 -14.35 21.56
C ASP B 388 -24.14 -13.90 20.45
N PHE B 389 -23.86 -14.29 19.21
CA PHE B 389 -24.58 -13.77 18.03
C PHE B 389 -26.13 -13.99 18.01
N LYS B 390 -26.62 -15.01 18.71
CA LYS B 390 -28.07 -15.23 18.79
C LYS B 390 -28.80 -14.02 19.38
N LEU B 391 -28.11 -13.23 20.21
CA LEU B 391 -28.72 -12.08 20.87
C LEU B 391 -29.31 -11.06 19.89
N PHE B 392 -28.77 -10.98 18.68
CA PHE B 392 -29.31 -10.08 17.67
C PHE B 392 -30.61 -10.59 17.04
N GLN B 393 -31.04 -11.78 17.39
CA GLN B 393 -32.35 -12.23 16.90
C GLN B 393 -33.46 -11.53 17.65
N ASN B 394 -33.15 -11.07 18.87
CA ASN B 394 -34.15 -10.50 19.78
C ASN B 394 -34.44 -9.01 19.52
N PHE B 395 -34.14 -8.53 18.32
CA PHE B 395 -34.38 -7.14 17.98
C PHE B 395 -35.31 -7.04 16.77
N SER B 396 -36.42 -6.33 16.95
CA SER B 396 -37.48 -6.29 15.97
C SER B 396 -37.20 -5.41 14.74
N ASN B 397 -36.30 -4.43 14.87
CA ASN B 397 -36.06 -3.47 13.79
C ASN B 397 -34.59 -3.22 13.44
N LEU B 398 -33.69 -4.12 13.85
CA LEU B 398 -32.27 -3.96 13.48
C LEU B 398 -32.09 -4.01 11.99
N GLU B 399 -31.47 -2.97 11.43
CA GLU B 399 -31.11 -2.95 10.03
C GLU B 399 -29.59 -2.99 9.88
N ILE B 400 -28.87 -2.55 10.90
CA ILE B 400 -27.41 -2.41 10.84
C ILE B 400 -26.71 -2.91 12.11
N ILE B 401 -25.95 -3.99 11.96
CA ILE B 401 -25.05 -4.46 13.01
C ILE B 401 -23.61 -4.20 12.56
N TYR B 402 -22.98 -3.20 13.16
CA TYR B 402 -21.65 -2.78 12.72
C TYR B 402 -20.56 -3.24 13.70
N LEU B 403 -19.81 -4.26 13.28
CA LEU B 403 -18.85 -4.94 14.14
C LEU B 403 -17.44 -4.90 13.58
N SER B 404 -17.14 -3.92 12.73
CA SER B 404 -15.80 -3.78 12.17
C SER B 404 -14.78 -3.54 13.27
N GLU B 405 -13.53 -3.94 13.02
CA GLU B 405 -12.42 -3.74 13.95
C GLU B 405 -12.70 -4.33 15.33
N ASN B 406 -13.13 -5.57 15.34
CA ASN B 406 -13.15 -6.36 16.54
C ASN B 406 -12.27 -7.58 16.30
N ARG B 407 -12.34 -8.58 17.19
CA ARG B 407 -11.44 -9.73 17.11
C ARG B 407 -12.20 -11.05 17.07
N ILE B 408 -13.27 -11.08 16.28
CA ILE B 408 -14.00 -12.32 16.09
C ILE B 408 -13.13 -13.32 15.34
N SER B 409 -13.09 -14.53 15.86
CA SER B 409 -12.25 -15.64 15.36
C SER B 409 -13.12 -16.60 14.58
N PRO B 410 -12.51 -17.61 13.94
CA PRO B 410 -13.35 -18.61 13.32
C PRO B 410 -14.07 -19.38 14.42
N LEU B 411 -15.34 -19.66 14.15
CA LEU B 411 -16.25 -20.26 15.10
C LEU B 411 -16.40 -21.74 14.83
N VAL B 412 -15.87 -22.50 15.78
CA VAL B 412 -16.08 -23.93 15.85
C VAL B 412 -16.82 -24.05 17.18
N PHE B 439 -7.91 20.78 9.61
CA PHE B 439 -8.41 20.33 8.31
C PHE B 439 -9.72 21.04 8.08
N ASP B 440 -10.52 20.55 7.13
CA ASP B 440 -11.76 21.22 6.72
C ASP B 440 -12.60 21.62 7.95
N PRO B 441 -12.96 22.93 8.02
CA PRO B 441 -13.67 23.34 9.23
C PRO B 441 -15.04 22.72 9.33
N HIS B 442 -15.70 22.63 8.19
CA HIS B 442 -17.07 22.12 8.15
C HIS B 442 -17.01 20.59 8.07
N SER B 443 -16.47 19.99 9.13
CA SER B 443 -16.52 18.55 9.31
C SER B 443 -16.88 18.24 10.75
N ASN B 444 -17.59 17.13 10.96
CA ASN B 444 -17.94 16.72 12.30
C ASN B 444 -16.73 15.95 12.86
N PHE B 445 -15.79 16.70 13.40
CA PHE B 445 -14.49 16.17 13.84
C PHE B 445 -14.71 15.00 14.80
N TYR B 446 -15.60 15.18 15.76
CA TYR B 446 -15.77 14.16 16.78
C TYR B 446 -16.60 12.97 16.35
N HIS B 447 -17.54 13.18 15.45
CA HIS B 447 -18.33 12.09 14.92
C HIS B 447 -18.02 11.93 13.42
N PHE B 448 -17.44 10.78 13.12
CA PHE B 448 -17.20 10.31 11.75
C PHE B 448 -18.50 10.02 10.96
N THR B 449 -18.59 10.67 9.80
CA THR B 449 -19.85 11.13 9.21
C THR B 449 -20.48 10.36 8.02
N ARG B 450 -19.69 9.61 7.26
CA ARG B 450 -20.23 8.85 6.12
C ARG B 450 -21.03 7.62 6.61
N PRO B 451 -21.86 7.01 5.73
CA PRO B 451 -22.57 5.84 6.21
C PRO B 451 -21.64 4.73 6.71
N LEU B 452 -22.02 4.08 7.78
CA LEU B 452 -21.23 2.99 8.33
C LEU B 452 -21.09 1.87 7.34
N ILE B 453 -22.14 1.63 6.58
CA ILE B 453 -22.13 0.52 5.64
C ILE B 453 -22.53 1.08 4.31
N LYS B 454 -21.96 0.56 3.24
CA LYS B 454 -22.22 1.18 1.95
C LYS B 454 -23.71 1.14 1.69
N PRO B 455 -24.29 2.30 1.30
CA PRO B 455 -25.74 2.35 1.11
C PRO B 455 -26.23 1.28 0.17
N GLN B 456 -25.45 1.01 -0.88
CA GLN B 456 -25.95 0.10 -1.88
C GLN B 456 -25.99 -1.34 -1.37
N CYS B 457 -25.29 -1.61 -0.27
CA CYS B 457 -25.34 -2.91 0.40
C CYS B 457 -26.50 -2.94 1.38
N ALA B 458 -26.60 -1.94 2.23
CA ALA B 458 -27.62 -1.92 3.26
C ALA B 458 -29.03 -1.77 2.70
N ALA B 459 -29.16 -1.17 1.52
CA ALA B 459 -30.42 -1.14 0.76
C ALA B 459 -31.12 -2.48 0.67
N TYR B 460 -30.35 -3.57 0.60
CA TYR B 460 -30.96 -4.89 0.40
C TYR B 460 -31.57 -5.45 1.66
N GLY B 461 -31.27 -4.86 2.82
CA GLY B 461 -31.77 -5.44 4.04
C GLY B 461 -30.85 -5.33 5.23
N LYS B 462 -31.02 -6.27 6.18
CA LYS B 462 -30.23 -6.35 7.39
C LYS B 462 -28.78 -6.52 7.00
N ALA B 463 -27.94 -5.68 7.58
CA ALA B 463 -26.52 -5.61 7.23
C ALA B 463 -25.68 -5.93 8.44
N LEU B 464 -24.72 -6.80 8.20
CA LEU B 464 -23.76 -7.23 9.21
C LEU B 464 -22.35 -6.94 8.67
N ASP B 465 -21.57 -6.15 9.42
CA ASP B 465 -20.25 -5.79 8.97
C ASP B 465 -19.23 -6.38 9.92
N LEU B 466 -18.54 -7.41 9.43
CA LEU B 466 -17.53 -8.12 10.21
C LEU B 466 -16.13 -7.91 9.62
N SER B 467 -15.96 -6.79 8.95
CA SER B 467 -14.69 -6.47 8.34
C SER B 467 -13.65 -6.23 9.42
N LEU B 468 -12.39 -6.48 9.07
CA LEU B 468 -11.27 -6.21 9.94
C LEU B 468 -11.37 -6.92 11.30
N ASN B 469 -11.74 -8.19 11.24
CA ASN B 469 -11.68 -9.04 12.41
C ASN B 469 -10.69 -10.18 12.17
N SER B 470 -10.76 -11.25 12.96
CA SER B 470 -9.77 -12.33 12.90
C SER B 470 -10.22 -13.57 12.13
N ILE B 471 -11.16 -13.42 11.22
CA ILE B 471 -11.80 -14.59 10.67
C ILE B 471 -10.93 -15.13 9.57
N PHE B 472 -9.86 -15.79 9.99
CA PHE B 472 -8.88 -16.28 9.02
C PHE B 472 -9.38 -17.48 8.23
N PHE B 473 -10.32 -18.23 8.79
CA PHE B 473 -11.16 -19.10 7.93
C PHE B 473 -12.61 -19.02 8.41
N ILE B 474 -13.54 -19.53 7.60
CA ILE B 474 -14.96 -19.54 7.94
C ILE B 474 -15.27 -20.80 8.71
N GLY B 475 -15.52 -20.66 10.00
CA GLY B 475 -15.83 -21.80 10.85
C GLY B 475 -17.18 -22.35 10.50
N PRO B 476 -17.46 -23.64 10.83
CA PRO B 476 -18.77 -24.17 10.49
C PRO B 476 -19.92 -23.44 11.19
N ASN B 477 -19.67 -22.92 12.39
CA ASN B 477 -20.70 -22.21 13.16
C ASN B 477 -20.63 -20.67 13.00
N GLN B 478 -20.00 -20.21 11.94
CA GLN B 478 -19.70 -18.78 11.81
C GLN B 478 -20.97 -17.94 11.85
N PHE B 479 -22.00 -18.42 11.18
CA PHE B 479 -23.24 -17.68 10.99
C PHE B 479 -24.46 -18.31 11.61
N GLU B 480 -24.25 -19.41 12.34
CA GLU B 480 -25.27 -19.99 13.21
C GLU B 480 -25.88 -18.90 14.13
N ASN B 481 -27.19 -18.91 14.28
CA ASN B 481 -27.89 -17.99 15.19
C ASN B 481 -27.95 -16.53 14.77
N LEU B 482 -27.52 -16.21 13.55
CA LEU B 482 -27.73 -14.86 13.03
C LEU B 482 -29.16 -14.71 12.55
N PRO B 483 -29.70 -13.48 12.62
CA PRO B 483 -30.92 -13.22 11.88
C PRO B 483 -30.69 -13.36 10.37
N ASP B 484 -31.73 -13.11 9.59
CA ASP B 484 -31.64 -13.19 8.16
C ASP B 484 -30.89 -11.97 7.66
N ILE B 485 -29.66 -12.19 7.19
CA ILE B 485 -28.79 -11.14 6.73
C ILE B 485 -28.88 -10.99 5.22
N ALA B 486 -29.01 -9.74 4.76
CA ALA B 486 -29.02 -9.42 3.32
C ALA B 486 -27.70 -8.83 2.82
N CYS B 487 -27.00 -8.15 3.73
CA CYS B 487 -25.77 -7.44 3.41
C CYS B 487 -24.70 -7.90 4.39
N LEU B 488 -23.57 -8.39 3.87
CA LEU B 488 -22.52 -8.91 4.71
C LEU B 488 -21.15 -8.44 4.27
N ASN B 489 -20.39 -7.87 5.20
CA ASN B 489 -19.03 -7.45 4.93
C ASN B 489 -18.04 -8.34 5.66
N LEU B 490 -17.23 -9.04 4.90
CA LEU B 490 -16.13 -9.82 5.46
C LEU B 490 -14.79 -9.24 5.06
N SER B 491 -14.78 -8.00 4.57
CA SER B 491 -13.55 -7.44 4.07
C SER B 491 -12.39 -7.54 5.08
N ALA B 492 -11.22 -7.94 4.57
CA ALA B 492 -9.98 -7.80 5.32
C ALA B 492 -9.94 -8.62 6.57
N ASN B 493 -10.15 -9.92 6.42
CA ASN B 493 -9.96 -10.85 7.54
C ASN B 493 -8.85 -11.89 7.32
N SER B 494 -8.03 -11.69 6.29
CA SER B 494 -6.96 -12.63 5.95
C SER B 494 -7.54 -14.03 5.80
N ASN B 495 -8.73 -14.07 5.23
CA ASN B 495 -9.52 -15.28 5.20
C ASN B 495 -9.13 -16.12 3.99
N ALA B 496 -8.73 -17.36 4.26
CA ALA B 496 -8.17 -18.20 3.23
C ALA B 496 -9.05 -19.40 2.93
N GLN B 497 -10.34 -19.27 3.21
CA GLN B 497 -11.30 -20.34 3.01
C GLN B 497 -11.29 -20.84 1.56
N VAL B 498 -11.32 -22.16 1.40
CA VAL B 498 -11.61 -22.76 0.12
C VAL B 498 -13.13 -22.87 0.04
N LEU B 499 -13.73 -21.98 -0.73
CA LEU B 499 -15.18 -21.92 -0.83
C LEU B 499 -15.69 -23.14 -1.56
N SER B 500 -16.70 -23.78 -0.95
CA SER B 500 -17.18 -25.09 -1.37
C SER B 500 -18.71 -25.19 -1.49
N GLY B 501 -19.42 -24.13 -1.16
CA GLY B 501 -20.87 -24.11 -1.36
C GLY B 501 -21.65 -24.43 -0.11
N THR B 502 -20.99 -24.41 1.05
CA THR B 502 -21.63 -24.74 2.32
C THR B 502 -21.40 -23.70 3.41
N GLU B 503 -20.46 -22.78 3.17
CA GLU B 503 -20.01 -21.86 4.21
C GLU B 503 -21.09 -20.88 4.70
N PHE B 504 -21.99 -20.50 3.79
CA PHE B 504 -22.99 -19.44 4.03
C PHE B 504 -24.42 -19.93 4.16
N SER B 505 -24.59 -21.24 4.34
CA SER B 505 -25.91 -21.83 4.23
C SER B 505 -26.82 -21.40 5.39
N ALA B 506 -26.24 -20.90 6.48
CA ALA B 506 -27.05 -20.45 7.63
C ALA B 506 -27.66 -19.05 7.44
N ILE B 507 -27.16 -18.33 6.44
CA ILE B 507 -27.68 -17.01 6.07
C ILE B 507 -27.78 -17.00 4.55
N PRO B 508 -28.70 -17.80 4.00
CA PRO B 508 -28.71 -18.07 2.56
C PRO B 508 -29.28 -16.94 1.73
N HIS B 509 -29.79 -15.90 2.39
CA HIS B 509 -30.46 -14.82 1.68
C HIS B 509 -29.61 -13.57 1.58
N VAL B 510 -28.30 -13.74 1.63
CA VAL B 510 -27.37 -12.63 1.43
C VAL B 510 -27.45 -12.21 -0.03
N LYS B 511 -27.56 -10.90 -0.24
CA LYS B 511 -27.68 -10.32 -1.57
C LYS B 511 -26.42 -9.58 -1.97
N TYR B 512 -25.75 -8.99 -0.99
CA TYR B 512 -24.55 -8.18 -1.23
C TYR B 512 -23.48 -8.71 -0.29
N LEU B 513 -22.43 -9.23 -0.90
CA LEU B 513 -21.35 -9.86 -0.17
C LEU B 513 -20.04 -9.18 -0.55
N ASP B 514 -19.42 -8.57 0.44
CA ASP B 514 -18.09 -7.98 0.29
C ASP B 514 -17.04 -8.91 0.91
N LEU B 515 -16.18 -9.48 0.04
CA LEU B 515 -15.10 -10.38 0.45
C LEU B 515 -13.70 -9.79 0.15
N THR B 516 -13.65 -8.51 -0.14
CA THR B 516 -12.40 -7.85 -0.54
C THR B 516 -11.26 -8.01 0.50
N ASN B 517 -10.02 -7.97 0.03
CA ASN B 517 -8.84 -8.15 0.89
C ASN B 517 -8.87 -9.38 1.72
N ASN B 518 -9.24 -10.49 1.12
CA ASN B 518 -9.06 -11.78 1.73
C ASN B 518 -8.21 -12.66 0.79
N ARG B 519 -8.03 -13.92 1.14
CA ARG B 519 -7.12 -14.80 0.41
C ARG B 519 -7.86 -16.07 0.11
N LEU B 520 -9.08 -15.87 -0.37
CA LEU B 520 -10.02 -16.93 -0.64
C LEU B 520 -9.73 -17.69 -1.91
N ASP B 521 -10.13 -18.96 -1.91
CA ASP B 521 -10.03 -19.80 -3.08
C ASP B 521 -11.45 -20.06 -3.55
N PHE B 522 -11.76 -19.62 -4.77
CA PHE B 522 -13.09 -19.85 -5.37
C PHE B 522 -12.88 -20.65 -6.66
N ASP B 523 -11.97 -21.63 -6.62
CA ASP B 523 -11.76 -22.59 -7.73
C ASP B 523 -12.96 -23.55 -7.85
N ASN B 524 -13.47 -24.03 -6.72
CA ASN B 524 -14.58 -24.98 -6.73
C ASN B 524 -15.76 -24.29 -7.42
N ALA B 525 -16.36 -24.94 -8.42
CA ALA B 525 -17.49 -24.38 -9.17
C ALA B 525 -18.72 -24.22 -8.29
N SER B 526 -18.73 -24.89 -7.14
CA SER B 526 -19.78 -24.72 -6.16
C SER B 526 -19.61 -23.54 -5.21
N ALA B 527 -18.50 -22.80 -5.33
CA ALA B 527 -18.23 -21.70 -4.43
C ALA B 527 -19.41 -20.73 -4.36
N LEU B 528 -19.90 -20.47 -3.15
CA LEU B 528 -20.95 -19.44 -2.91
C LEU B 528 -22.30 -19.75 -3.51
N THR B 529 -22.46 -20.95 -4.08
CA THR B 529 -23.72 -21.31 -4.73
C THR B 529 -24.88 -21.45 -3.73
N GLU B 530 -24.57 -21.66 -2.45
CA GLU B 530 -25.59 -21.66 -1.43
C GLU B 530 -26.34 -20.31 -1.28
N LEU B 531 -25.77 -19.24 -1.83
CA LEU B 531 -26.41 -17.93 -1.83
C LEU B 531 -27.11 -17.73 -3.17
N SER B 532 -28.18 -18.47 -3.41
CA SER B 532 -28.83 -18.42 -4.72
C SER B 532 -29.48 -17.08 -5.00
N ASP B 533 -29.69 -16.26 -3.97
CA ASP B 533 -30.24 -14.91 -4.13
C ASP B 533 -29.20 -13.81 -4.29
N LEU B 534 -27.92 -14.15 -4.33
CA LEU B 534 -26.83 -13.14 -4.44
C LEU B 534 -26.92 -12.23 -5.68
N GLU B 535 -26.86 -10.91 -5.46
CA GLU B 535 -26.84 -9.94 -6.55
C GLU B 535 -25.51 -9.22 -6.73
N VAL B 536 -24.81 -8.94 -5.63
CA VAL B 536 -23.53 -8.23 -5.70
C VAL B 536 -22.42 -8.99 -4.98
N LEU B 537 -21.32 -9.23 -5.68
CA LEU B 537 -20.18 -9.92 -5.11
C LEU B 537 -18.91 -9.11 -5.37
N ASP B 538 -18.21 -8.78 -4.28
CA ASP B 538 -16.96 -8.04 -4.38
C ASP B 538 -15.79 -8.92 -3.93
N LEU B 539 -14.97 -9.37 -4.89
CA LEU B 539 -13.77 -10.15 -4.58
C LEU B 539 -12.50 -9.35 -4.89
N SER B 540 -12.62 -8.03 -4.87
CA SER B 540 -11.48 -7.20 -5.14
C SER B 540 -10.33 -7.57 -4.23
N TYR B 541 -9.12 -7.52 -4.77
CA TYR B 541 -7.92 -7.65 -3.96
C TYR B 541 -7.90 -8.99 -3.25
N ASN B 542 -8.14 -10.05 -3.99
CA ASN B 542 -8.04 -11.35 -3.39
C ASN B 542 -6.85 -12.06 -3.97
N SER B 543 -5.99 -12.55 -3.10
CA SER B 543 -4.77 -13.20 -3.55
C SER B 543 -4.47 -14.35 -2.63
N HIS B 544 -3.51 -15.19 -3.00
CA HIS B 544 -3.12 -16.29 -2.11
C HIS B 544 -2.52 -15.73 -0.80
N TYR B 545 -2.58 -16.53 0.27
CA TYR B 545 -2.05 -16.12 1.58
C TYR B 545 -0.62 -15.60 1.59
N PHE B 546 0.24 -16.30 0.87
CA PHE B 546 1.66 -16.02 0.84
C PHE B 546 2.05 -14.90 -0.16
N ARG B 547 1.07 -14.28 -0.82
CA ARG B 547 1.32 -13.16 -1.72
C ARG B 547 2.40 -13.54 -2.72
N ILE B 548 2.20 -14.66 -3.40
CA ILE B 548 3.23 -15.24 -4.28
C ILE B 548 2.87 -15.16 -5.79
N ALA B 549 3.90 -15.10 -6.63
CA ALA B 549 3.71 -15.13 -8.08
C ALA B 549 3.19 -16.50 -8.48
N GLY B 550 2.23 -16.53 -9.41
CA GLY B 550 1.58 -17.76 -9.87
C GLY B 550 0.11 -17.67 -9.53
N VAL B 551 -0.53 -18.81 -9.22
CA VAL B 551 -1.98 -18.91 -8.98
C VAL B 551 -2.75 -19.17 -10.28
N THR B 552 -3.88 -19.82 -10.15
CA THR B 552 -4.76 -20.06 -11.28
C THR B 552 -6.20 -19.94 -10.82
N HIS B 553 -7.07 -19.60 -11.76
CA HIS B 553 -8.47 -19.32 -11.45
C HIS B 553 -9.44 -20.17 -12.24
N HIS B 554 -10.55 -20.45 -11.59
CA HIS B 554 -11.63 -21.17 -12.19
C HIS B 554 -12.89 -20.39 -11.82
N LEU B 555 -13.55 -19.84 -12.81
CA LEU B 555 -14.66 -18.92 -12.57
C LEU B 555 -15.98 -19.52 -13.00
N GLU B 556 -16.08 -20.83 -12.94
CA GLU B 556 -17.29 -21.48 -13.35
C GLU B 556 -18.46 -21.17 -12.40
N PHE B 557 -18.16 -20.99 -11.11
CA PHE B 557 -19.21 -20.76 -10.08
C PHE B 557 -20.18 -19.62 -10.41
N ILE B 558 -19.71 -18.69 -11.22
CA ILE B 558 -20.50 -17.54 -11.65
C ILE B 558 -21.82 -17.91 -12.29
N GLN B 559 -21.79 -18.87 -13.22
CA GLN B 559 -23.00 -19.19 -13.99
C GLN B 559 -24.16 -19.70 -13.12
N ASN B 560 -23.87 -20.31 -11.97
CA ASN B 560 -24.95 -20.91 -11.18
C ASN B 560 -25.95 -19.89 -10.65
N PHE B 561 -25.52 -18.64 -10.49
CA PHE B 561 -26.44 -17.60 -10.01
C PHE B 561 -27.33 -17.10 -11.12
N THR B 562 -28.62 -17.10 -10.86
CA THR B 562 -29.56 -16.64 -11.86
C THR B 562 -29.89 -15.18 -11.66
N ASN B 563 -29.42 -14.59 -10.55
CA ASN B 563 -29.67 -13.19 -10.31
C ASN B 563 -28.45 -12.38 -9.89
N LEU B 564 -27.25 -12.84 -10.24
CA LEU B 564 -26.05 -12.06 -9.96
C LEU B 564 -25.91 -10.89 -10.93
N LYS B 565 -25.79 -9.67 -10.38
CA LYS B 565 -25.84 -8.43 -11.18
C LYS B 565 -24.47 -7.76 -11.34
N VAL B 566 -23.74 -7.66 -10.23
CA VAL B 566 -22.45 -6.96 -10.19
C VAL B 566 -21.40 -7.89 -9.61
N LEU B 567 -20.32 -8.06 -10.36
CA LEU B 567 -19.19 -8.87 -9.88
C LEU B 567 -17.90 -8.09 -10.01
N ASN B 568 -17.14 -8.04 -8.92
CA ASN B 568 -15.88 -7.30 -8.90
C ASN B 568 -14.70 -8.23 -8.63
N LEU B 569 -13.93 -8.47 -9.69
CA LEU B 569 -12.73 -9.31 -9.64
C LEU B 569 -11.44 -8.48 -9.72
N SER B 570 -11.53 -7.21 -9.36
CA SER B 570 -10.42 -6.31 -9.56
C SER B 570 -9.21 -6.77 -8.77
N HIS B 571 -8.03 -6.58 -9.36
CA HIS B 571 -6.77 -6.82 -8.70
C HIS B 571 -6.71 -8.18 -8.09
N ASN B 572 -7.11 -9.19 -8.86
CA ASN B 572 -6.94 -10.57 -8.50
C ASN B 572 -5.77 -11.17 -9.23
N ASN B 573 -5.10 -10.37 -10.05
CA ASN B 573 -3.99 -10.86 -10.86
C ASN B 573 -4.30 -12.16 -11.58
N ILE B 574 -5.44 -12.15 -12.24
CA ILE B 574 -5.87 -13.27 -13.04
C ILE B 574 -5.13 -13.23 -14.36
N TYR B 575 -4.40 -14.29 -14.63
CA TYR B 575 -3.68 -14.40 -15.90
C TYR B 575 -4.01 -15.67 -16.66
N THR B 576 -4.76 -16.57 -16.03
CA THR B 576 -5.07 -17.84 -16.67
C THR B 576 -6.24 -18.50 -15.97
N LEU B 577 -7.08 -19.12 -16.77
CA LEU B 577 -8.24 -19.86 -16.29
C LEU B 577 -8.11 -21.34 -16.58
N THR B 578 -8.59 -22.16 -15.65
CA THR B 578 -8.43 -23.61 -15.71
C THR B 578 -9.66 -24.34 -16.26
N ASP B 579 -9.45 -25.16 -17.28
CA ASP B 579 -10.49 -26.02 -17.82
C ASP B 579 -11.52 -25.23 -18.62
N LYS B 580 -12.05 -24.17 -18.04
CA LYS B 580 -13.05 -23.38 -18.72
C LYS B 580 -12.52 -21.98 -18.95
N TYR B 581 -12.64 -21.53 -20.20
CA TYR B 581 -12.04 -20.29 -20.65
C TYR B 581 -13.10 -19.22 -20.90
N ASN B 582 -14.36 -19.53 -20.57
CA ASN B 582 -15.45 -18.58 -20.77
C ASN B 582 -16.19 -18.27 -19.49
N LEU B 583 -16.32 -17.00 -19.20
CA LEU B 583 -17.25 -16.56 -18.18
C LEU B 583 -18.61 -16.62 -18.82
N GLU B 584 -19.57 -17.15 -18.07
CA GLU B 584 -20.94 -17.28 -18.55
C GLU B 584 -21.96 -16.84 -17.51
N SER B 585 -22.82 -15.90 -17.91
CA SER B 585 -23.93 -15.47 -17.06
C SER B 585 -25.02 -14.82 -17.86
N LYS B 586 -26.24 -15.26 -17.54
CA LYS B 586 -27.43 -14.73 -18.14
C LYS B 586 -27.87 -13.45 -17.40
N SER B 587 -27.44 -13.29 -16.16
CA SER B 587 -27.94 -12.20 -15.33
C SER B 587 -26.98 -11.02 -15.21
N LEU B 588 -25.69 -11.26 -15.36
CA LEU B 588 -24.69 -10.27 -14.98
C LEU B 588 -24.74 -9.05 -15.86
N VAL B 589 -24.70 -7.91 -15.18
CA VAL B 589 -24.84 -6.60 -15.79
C VAL B 589 -23.52 -5.84 -15.72
N GLU B 590 -22.76 -6.02 -14.63
CA GLU B 590 -21.49 -5.31 -14.43
C GLU B 590 -20.34 -6.22 -14.03
N LEU B 591 -19.28 -6.22 -14.83
CA LEU B 591 -18.06 -6.96 -14.52
C LEU B 591 -16.91 -5.97 -14.35
N VAL B 592 -16.32 -5.94 -13.17
CA VAL B 592 -15.09 -5.18 -12.98
C VAL B 592 -13.88 -6.14 -13.03
N PHE B 593 -13.06 -5.97 -14.06
CA PHE B 593 -11.92 -6.84 -14.28
C PHE B 593 -10.58 -6.12 -14.23
N SER B 594 -10.56 -4.92 -13.67
CA SER B 594 -9.34 -4.13 -13.62
C SER B 594 -8.24 -4.85 -12.82
N GLY B 595 -6.98 -4.53 -13.12
CA GLY B 595 -5.84 -5.09 -12.37
C GLY B 595 -5.67 -6.61 -12.49
N ASN B 596 -5.97 -7.15 -13.66
CA ASN B 596 -5.69 -8.54 -13.94
C ASN B 596 -4.81 -8.55 -15.17
N ARG B 597 -4.67 -9.70 -15.82
CA ARG B 597 -3.70 -9.82 -16.90
C ARG B 597 -4.35 -10.30 -18.19
N LEU B 598 -5.26 -9.49 -18.71
CA LEU B 598 -5.82 -9.76 -20.03
C LEU B 598 -4.77 -9.69 -21.14
N ASP B 599 -3.67 -8.96 -20.92
CA ASP B 599 -2.57 -8.99 -21.86
C ASP B 599 -2.08 -10.44 -22.04
N ILE B 600 -1.86 -11.15 -20.94
CA ILE B 600 -1.46 -12.56 -20.98
C ILE B 600 -2.56 -13.43 -21.53
N LEU B 601 -3.78 -13.25 -21.03
CA LEU B 601 -4.92 -14.03 -21.49
C LEU B 601 -5.16 -13.93 -23.01
N TRP B 602 -4.99 -12.74 -23.58
CA TRP B 602 -5.27 -12.52 -25.01
C TRP B 602 -4.09 -12.74 -25.94
N ASN B 603 -2.87 -12.82 -25.40
CA ASN B 603 -1.69 -13.19 -26.20
C ASN B 603 -1.43 -14.70 -26.13
N ASP B 604 -2.45 -15.42 -25.68
CA ASP B 604 -2.42 -16.88 -25.63
C ASP B 604 -2.16 -17.44 -27.01
N ASP B 605 -1.18 -18.34 -27.10
CA ASP B 605 -0.73 -18.90 -28.37
C ASP B 605 -1.84 -19.71 -29.05
N ASP B 606 -2.66 -20.40 -28.25
CA ASP B 606 -3.82 -21.16 -28.76
C ASP B 606 -5.10 -20.33 -28.95
N ASN B 607 -5.05 -19.02 -28.68
CA ASN B 607 -6.25 -18.17 -28.66
C ASN B 607 -7.39 -18.73 -27.79
N ARG B 608 -7.05 -19.32 -26.65
CA ARG B 608 -8.05 -19.95 -25.76
C ARG B 608 -9.11 -19.00 -25.19
N TYR B 609 -8.77 -17.70 -25.10
CA TYR B 609 -9.61 -16.71 -24.41
C TYR B 609 -10.17 -15.63 -25.32
N ILE B 610 -10.28 -15.94 -26.60
CA ILE B 610 -10.89 -15.04 -27.56
C ILE B 610 -12.37 -14.73 -27.22
N SER B 611 -13.06 -15.65 -26.56
CA SER B 611 -14.49 -15.48 -26.25
C SER B 611 -14.77 -15.39 -24.73
N ILE B 612 -13.77 -14.96 -23.97
CA ILE B 612 -13.80 -15.04 -22.50
C ILE B 612 -15.04 -14.42 -21.86
N PHE B 613 -15.44 -13.24 -22.34
CA PHE B 613 -16.59 -12.51 -21.80
C PHE B 613 -17.86 -12.67 -22.63
N LYS B 614 -17.74 -13.20 -23.84
CA LYS B 614 -18.89 -13.28 -24.77
C LYS B 614 -20.10 -13.91 -24.10
N GLY B 615 -19.86 -14.89 -23.22
CA GLY B 615 -20.93 -15.57 -22.49
C GLY B 615 -21.68 -14.77 -21.43
N LEU B 616 -21.28 -13.52 -21.23
CA LEU B 616 -22.00 -12.61 -20.33
C LEU B 616 -22.99 -11.85 -21.18
N LYS B 617 -24.09 -12.50 -21.52
CA LYS B 617 -24.98 -12.04 -22.62
C LYS B 617 -25.70 -10.73 -22.26
N ASN B 618 -25.90 -10.50 -20.97
CA ASN B 618 -26.62 -9.31 -20.49
C ASN B 618 -25.73 -8.18 -19.94
N LEU B 619 -24.43 -8.23 -20.19
CA LEU B 619 -23.50 -7.27 -19.60
C LEU B 619 -23.60 -5.90 -20.27
N THR B 620 -23.75 -4.86 -19.45
CA THR B 620 -23.78 -3.50 -19.95
C THR B 620 -22.57 -2.65 -19.54
N ARG B 621 -21.91 -2.98 -18.43
CA ARG B 621 -20.71 -2.25 -18.01
C ARG B 621 -19.51 -3.19 -17.82
N LEU B 622 -18.38 -2.86 -18.44
CA LEU B 622 -17.16 -3.63 -18.33
C LEU B 622 -15.94 -2.72 -18.08
N ASP B 623 -15.18 -3.05 -17.03
CA ASP B 623 -13.98 -2.33 -16.65
C ASP B 623 -12.75 -3.20 -16.91
N LEU B 624 -11.96 -2.79 -17.89
CA LEU B 624 -10.77 -3.50 -18.30
C LEU B 624 -9.50 -2.74 -17.97
N SER B 625 -9.64 -1.72 -17.12
CA SER B 625 -8.51 -0.84 -16.78
C SER B 625 -7.38 -1.64 -16.12
N LEU B 626 -6.18 -1.11 -16.18
CA LEU B 626 -5.04 -1.73 -15.50
C LEU B 626 -4.91 -3.20 -15.81
N ASN B 627 -4.90 -3.52 -17.09
CA ASN B 627 -4.63 -4.89 -17.54
C ASN B 627 -3.38 -4.98 -18.43
N ARG B 628 -2.57 -3.93 -18.43
CA ARG B 628 -1.32 -3.92 -19.20
C ARG B 628 -1.54 -4.27 -20.67
N LEU B 629 -2.63 -3.78 -21.23
CA LEU B 629 -2.98 -4.08 -22.61
C LEU B 629 -2.26 -3.15 -23.57
N LYS B 630 -1.55 -3.78 -24.50
CA LYS B 630 -0.88 -3.08 -25.59
C LYS B 630 -1.71 -3.13 -26.85
N HIS B 631 -2.42 -4.24 -27.03
CA HIS B 631 -3.13 -4.53 -28.25
C HIS B 631 -4.20 -5.53 -27.90
N ILE B 632 -5.45 -5.19 -28.21
CA ILE B 632 -6.53 -6.17 -28.14
C ILE B 632 -6.73 -6.84 -29.51
N PRO B 633 -6.47 -8.17 -29.60
CA PRO B 633 -6.75 -8.87 -30.86
C PRO B 633 -8.13 -8.46 -31.38
N ASN B 634 -8.22 -8.12 -32.66
CA ASN B 634 -9.47 -7.64 -33.25
C ASN B 634 -10.62 -8.58 -32.95
N GLU B 635 -10.34 -9.87 -33.10
CA GLU B 635 -11.33 -10.90 -32.89
C GLU B 635 -11.84 -10.80 -31.46
N ALA B 636 -10.93 -10.66 -30.51
CA ALA B 636 -11.30 -10.70 -29.09
C ALA B 636 -12.27 -9.56 -28.83
N PHE B 637 -11.89 -8.38 -29.28
CA PHE B 637 -12.70 -7.18 -29.04
C PHE B 637 -14.12 -7.38 -29.56
N LEU B 638 -14.26 -8.01 -30.73
CA LEU B 638 -15.57 -8.26 -31.32
C LEU B 638 -16.44 -9.22 -30.49
N ASN B 639 -15.78 -10.07 -29.70
CA ASN B 639 -16.46 -11.02 -28.80
C ASN B 639 -16.73 -10.48 -27.38
N LEU B 640 -16.54 -9.17 -27.19
CA LEU B 640 -17.10 -8.50 -26.02
C LEU B 640 -18.62 -8.41 -26.23
N PRO B 641 -19.43 -8.52 -25.13
CA PRO B 641 -20.86 -8.55 -25.25
C PRO B 641 -21.39 -7.34 -26.02
N ALA B 642 -22.28 -7.60 -26.97
CA ALA B 642 -22.84 -6.55 -27.81
C ALA B 642 -23.73 -5.64 -26.99
N SER B 643 -24.22 -6.16 -25.88
CA SER B 643 -25.06 -5.39 -24.97
C SER B 643 -24.36 -4.20 -24.31
N LEU B 644 -23.04 -4.11 -24.45
CA LEU B 644 -22.29 -3.11 -23.68
C LEU B 644 -22.77 -1.69 -23.88
N THR B 645 -22.79 -0.98 -22.76
CA THR B 645 -23.19 0.40 -22.64
C THR B 645 -22.04 1.33 -22.20
N GLU B 646 -21.13 0.77 -21.39
CA GLU B 646 -19.99 1.49 -20.86
C GLU B 646 -18.77 0.57 -20.91
N LEU B 647 -17.73 1.00 -21.60
CA LEU B 647 -16.53 0.21 -21.73
C LEU B 647 -15.35 1.05 -21.29
N HIS B 648 -14.64 0.56 -20.28
CA HIS B 648 -13.43 1.23 -19.80
C HIS B 648 -12.21 0.42 -20.13
N ILE B 649 -11.29 1.01 -20.86
CA ILE B 649 -10.02 0.35 -21.13
C ILE B 649 -8.89 1.29 -20.76
N ASN B 650 -9.15 2.17 -19.81
CA ASN B 650 -8.17 3.16 -19.43
C ASN B 650 -6.99 2.56 -18.67
N ASP B 651 -5.94 3.37 -18.56
CA ASP B 651 -4.71 3.01 -17.85
C ASP B 651 -4.26 1.61 -18.29
N ASN B 652 -4.11 1.45 -19.59
CA ASN B 652 -3.41 0.33 -20.18
C ASN B 652 -2.24 0.94 -20.99
N MET B 653 -1.70 0.22 -21.97
CA MET B 653 -0.65 0.78 -22.84
C MET B 653 -1.01 0.65 -24.32
N LEU B 654 -2.27 0.95 -24.65
CA LEU B 654 -2.74 0.75 -26.01
C LEU B 654 -2.03 1.68 -26.97
N LYS B 655 -1.44 1.09 -28.00
CA LYS B 655 -0.74 1.85 -29.02
C LYS B 655 -1.68 2.13 -30.20
N PHE B 656 -2.68 1.29 -30.39
CA PHE B 656 -3.61 1.42 -31.49
C PHE B 656 -5.01 1.02 -31.04
N PHE B 657 -6.04 1.64 -31.62
CA PHE B 657 -7.41 1.21 -31.35
C PHE B 657 -8.21 1.07 -32.64
N ASN B 658 -8.80 -0.11 -32.86
CA ASN B 658 -9.50 -0.34 -34.11
C ASN B 658 -10.90 0.24 -34.03
N TRP B 659 -11.01 1.53 -34.35
CA TRP B 659 -12.27 2.24 -34.25
C TRP B 659 -13.38 1.56 -35.02
N THR B 660 -12.99 0.84 -36.08
CA THR B 660 -13.92 0.09 -36.93
C THR B 660 -14.94 -0.70 -36.15
N LEU B 661 -14.49 -1.34 -35.06
CA LEU B 661 -15.26 -2.39 -34.40
C LEU B 661 -16.45 -1.83 -33.64
N LEU B 662 -16.45 -0.53 -33.40
CA LEU B 662 -17.54 0.08 -32.68
C LEU B 662 -18.92 -0.19 -33.33
N GLN B 663 -18.97 -0.48 -34.64
CA GLN B 663 -20.30 -0.82 -35.23
C GLN B 663 -20.86 -2.07 -34.61
N GLN B 664 -20.00 -2.97 -34.14
CA GLN B 664 -20.46 -4.13 -33.41
C GLN B 664 -21.20 -3.80 -32.11
N PHE B 665 -21.09 -2.57 -31.61
CA PHE B 665 -21.71 -2.17 -30.34
C PHE B 665 -22.69 -1.04 -30.57
N PRO B 666 -23.90 -1.40 -30.98
CA PRO B 666 -24.90 -0.37 -31.21
C PRO B 666 -25.34 0.34 -29.93
N ARG B 667 -25.21 -0.31 -28.80
CA ARG B 667 -25.71 0.27 -27.56
C ARG B 667 -24.65 1.09 -26.82
N LEU B 668 -23.40 1.07 -27.28
CA LEU B 668 -22.34 1.67 -26.49
C LEU B 668 -22.45 3.19 -26.32
N GLU B 669 -22.55 3.65 -25.08
CA GLU B 669 -22.69 5.09 -24.76
C GLU B 669 -21.42 5.76 -24.25
N LEU B 670 -20.57 5.01 -23.55
CA LEU B 670 -19.36 5.56 -22.96
C LEU B 670 -18.16 4.68 -23.30
N LEU B 671 -17.10 5.32 -23.81
CA LEU B 671 -15.87 4.64 -24.15
C LEU B 671 -14.69 5.37 -23.52
N ASP B 672 -14.01 4.67 -22.63
CA ASP B 672 -13.00 5.29 -21.79
C ASP B 672 -11.65 4.67 -22.12
N LEU B 673 -10.83 5.48 -22.77
CA LEU B 673 -9.52 5.08 -23.26
C LEU B 673 -8.41 5.98 -22.69
N ARG B 674 -8.68 6.61 -21.56
CA ARG B 674 -7.70 7.47 -20.93
C ARG B 674 -6.44 6.73 -20.59
N GLY B 675 -5.32 7.45 -20.56
CA GLY B 675 -4.08 6.89 -20.02
C GLY B 675 -3.57 5.74 -20.81
N ASN B 676 -3.50 5.91 -22.13
CA ASN B 676 -2.94 4.91 -23.00
C ASN B 676 -1.83 5.56 -23.84
N LYS B 677 -1.47 4.93 -24.96
CA LYS B 677 -0.41 5.43 -25.84
C LYS B 677 -0.92 5.61 -27.29
N LEU B 678 -2.18 5.98 -27.44
CA LEU B 678 -2.80 6.08 -28.77
C LEU B 678 -2.31 7.27 -29.57
N LEU B 679 -2.17 7.06 -30.89
CA LEU B 679 -1.53 8.05 -31.77
C LEU B 679 -2.48 8.83 -32.70
N PHE B 680 -3.57 8.22 -33.16
CA PHE B 680 -4.47 8.95 -34.05
C PHE B 680 -5.92 8.46 -34.04
N LEU B 681 -6.78 9.33 -34.52
CA LEU B 681 -8.22 9.10 -34.52
C LEU B 681 -8.68 8.86 -35.93
N THR B 682 -9.74 8.08 -36.07
CA THR B 682 -10.37 7.88 -37.36
C THR B 682 -11.05 9.17 -37.86
N ASP B 683 -11.05 9.39 -39.18
CA ASP B 683 -11.67 10.59 -39.77
C ASP B 683 -13.19 10.48 -39.80
N SER B 684 -13.68 9.25 -39.76
CA SER B 684 -15.08 8.95 -39.95
C SER B 684 -15.65 8.14 -38.78
N LEU B 685 -15.74 8.79 -37.63
CA LEU B 685 -16.34 8.18 -36.47
C LEU B 685 -17.83 7.94 -36.63
N SER B 686 -18.53 8.90 -37.22
CA SER B 686 -19.98 8.81 -37.41
C SER B 686 -20.40 7.52 -38.13
N ASP B 687 -19.56 7.02 -39.02
CA ASP B 687 -19.86 5.74 -39.64
C ASP B 687 -19.94 4.63 -38.59
N PHE B 688 -19.09 4.66 -37.59
CA PHE B 688 -18.90 3.49 -36.75
C PHE B 688 -19.82 3.41 -35.54
N THR B 689 -20.44 4.53 -35.18
CA THR B 689 -21.38 4.52 -34.07
C THR B 689 -22.33 5.67 -34.19
N SER B 690 -23.54 5.39 -33.75
CA SER B 690 -24.55 6.39 -33.51
C SER B 690 -24.83 6.56 -32.03
N SER B 691 -24.30 5.64 -31.23
CA SER B 691 -24.69 5.49 -29.83
C SER B 691 -23.89 6.39 -28.88
N LEU B 692 -22.65 6.65 -29.26
CA LEU B 692 -21.66 7.15 -28.32
C LEU B 692 -21.96 8.56 -27.86
N ARG B 693 -22.03 8.74 -26.56
CA ARG B 693 -22.27 10.06 -25.93
C ARG B 693 -20.97 10.65 -25.37
N THR B 694 -20.16 9.78 -24.75
CA THR B 694 -18.98 10.20 -24.01
C THR B 694 -17.74 9.43 -24.41
N LEU B 695 -16.72 10.16 -24.84
CA LEU B 695 -15.49 9.52 -25.26
C LEU B 695 -14.36 10.21 -24.54
N LEU B 696 -13.62 9.43 -23.77
CA LEU B 696 -12.59 10.00 -22.92
C LEU B 696 -11.24 9.54 -23.45
N LEU B 697 -10.44 10.50 -23.88
CA LEU B 697 -9.15 10.22 -24.48
C LEU B 697 -7.96 10.89 -23.80
N SER B 698 -8.17 11.39 -22.57
CA SER B 698 -7.11 12.09 -21.84
C SER B 698 -5.90 11.21 -21.69
N HIS B 699 -4.73 11.83 -21.69
CA HIS B 699 -3.47 11.11 -21.44
C HIS B 699 -3.22 10.03 -22.46
N ASN B 700 -3.24 10.49 -23.72
CA ASN B 700 -2.79 9.71 -24.85
C ASN B 700 -1.85 10.53 -25.73
N ARG B 701 -1.41 9.96 -26.85
CA ARG B 701 -0.43 10.61 -27.72
C ARG B 701 -1.03 11.22 -29.01
N ILE B 702 -2.32 11.49 -29.01
CA ILE B 702 -2.97 12.02 -30.19
C ILE B 702 -2.42 13.40 -30.52
N SER B 703 -1.99 13.55 -31.78
CA SER B 703 -1.37 14.79 -32.25
C SER B 703 -2.18 15.49 -33.33
N HIS B 704 -3.14 14.81 -33.96
CA HIS B 704 -3.97 15.45 -34.99
C HIS B 704 -5.44 15.06 -34.89
N LEU B 705 -6.36 16.03 -34.99
CA LEU B 705 -7.79 15.76 -35.22
C LEU B 705 -8.12 15.50 -36.71
N SER B 715 -23.32 13.32 -33.08
CA SER B 715 -23.80 12.05 -32.51
C SER B 715 -23.55 11.83 -30.96
N LEU B 716 -22.77 12.73 -30.34
CA LEU B 716 -22.23 12.57 -28.97
C LEU B 716 -22.09 13.87 -28.15
N LYS B 717 -22.00 13.77 -26.83
CA LYS B 717 -22.10 14.92 -25.96
C LYS B 717 -20.84 15.33 -25.20
N HIS B 718 -19.88 14.43 -24.99
CA HIS B 718 -18.67 14.77 -24.19
C HIS B 718 -17.34 14.15 -24.74
N LEU B 719 -16.44 15.05 -25.13
CA LEU B 719 -15.16 14.67 -25.72
C LEU B 719 -14.00 15.22 -24.89
N ASP B 720 -13.20 14.31 -24.34
CA ASP B 720 -12.07 14.66 -23.51
C ASP B 720 -10.79 14.31 -24.22
N LEU B 721 -10.12 15.36 -24.69
CA LEU B 721 -8.82 15.22 -25.34
C LEU B 721 -7.71 15.91 -24.53
N SER B 722 -7.98 16.21 -23.28
CA SER B 722 -6.98 16.82 -22.42
C SER B 722 -5.71 15.96 -22.37
N SER B 723 -4.60 16.61 -22.07
CA SER B 723 -3.33 15.93 -21.93
C SER B 723 -3.06 14.97 -23.06
N ASN B 724 -3.07 15.51 -24.28
CA ASN B 724 -2.54 14.83 -25.46
C ASN B 724 -1.43 15.66 -26.09
N LEU B 725 -1.16 15.46 -27.38
CA LEU B 725 -0.05 16.13 -28.07
C LEU B 725 -0.54 17.01 -29.22
N LEU B 726 -1.69 17.61 -29.05
CA LEU B 726 -2.24 18.44 -30.09
C LEU B 726 -1.50 19.74 -30.14
N LYS B 727 -0.98 20.08 -31.32
CA LYS B 727 -0.38 21.39 -31.56
C LYS B 727 -1.40 22.42 -32.03
N THR B 728 -2.43 21.98 -32.74
CA THR B 728 -3.50 22.90 -33.10
C THR B 728 -4.78 22.18 -33.39
N ILE B 729 -5.83 22.94 -33.60
CA ILE B 729 -7.09 22.39 -34.02
C ILE B 729 -7.54 23.00 -35.34
N ASN B 730 -7.77 22.15 -36.33
CA ASN B 730 -8.32 22.57 -37.60
C ASN B 730 -9.83 22.57 -37.55
N LYS B 731 -10.47 21.80 -38.44
CA LYS B 731 -11.95 21.68 -38.49
C LYS B 731 -12.34 20.52 -39.39
N LEU B 742 -23.10 18.02 -28.97
CA LEU B 742 -21.81 18.14 -28.27
C LEU B 742 -21.71 19.36 -27.35
N SER B 743 -21.56 19.12 -26.05
CA SER B 743 -21.62 20.17 -25.05
C SER B 743 -20.43 20.21 -24.07
N MET B 744 -19.52 19.22 -24.10
CA MET B 744 -18.26 19.36 -23.33
C MET B 744 -17.04 18.86 -24.08
N LEU B 745 -16.09 19.77 -24.23
CA LEU B 745 -14.86 19.49 -24.93
C LEU B 745 -13.73 19.85 -23.97
N GLU B 746 -12.93 18.88 -23.54
CA GLU B 746 -11.81 19.15 -22.64
C GLU B 746 -10.52 19.13 -23.46
N LEU B 747 -9.75 20.21 -23.35
CA LEU B 747 -8.53 20.33 -24.15
C LEU B 747 -7.25 20.69 -23.42
N HIS B 748 -7.36 21.13 -22.17
CA HIS B 748 -6.18 21.53 -21.38
C HIS B 748 -5.06 20.52 -21.50
N GLY B 749 -3.82 21.01 -21.48
CA GLY B 749 -2.63 20.15 -21.38
C GLY B 749 -2.06 19.71 -22.69
N ASN B 750 -2.50 20.37 -23.76
CA ASN B 750 -1.98 20.07 -25.07
C ASN B 750 -0.98 21.16 -25.42
N PRO B 751 0.09 20.81 -26.15
CA PRO B 751 1.12 21.77 -26.50
C PRO B 751 0.71 22.60 -27.70
N PHE B 752 -0.21 23.52 -27.49
CA PHE B 752 -0.73 24.31 -28.58
C PHE B 752 0.33 25.24 -29.13
N GLU B 753 0.38 25.36 -30.44
CA GLU B 753 1.29 26.29 -31.05
C GLU B 753 0.50 27.55 -31.17
N CYS B 754 0.62 28.45 -30.23
CA CYS B 754 -0.20 29.63 -30.27
C CYS B 754 0.38 30.39 -31.42
N THR B 755 -0.46 30.57 -32.41
CA THR B 755 -0.09 31.12 -33.71
C THR B 755 -1.37 31.52 -34.42
N CYS B 756 -1.26 32.05 -35.63
CA CYS B 756 -2.44 32.24 -36.43
C CYS B 756 -3.13 30.95 -36.90
N ASP B 757 -2.42 29.86 -37.17
CA ASP B 757 -3.17 28.68 -37.53
C ASP B 757 -4.23 28.43 -36.49
N ILE B 758 -3.95 28.80 -35.25
CA ILE B 758 -4.89 28.62 -34.18
C ILE B 758 -6.13 29.50 -34.24
N GLY B 759 -6.01 30.63 -34.95
CA GLY B 759 -7.16 31.50 -35.19
C GLY B 759 -8.42 30.79 -35.66
N ASP B 760 -8.28 29.71 -36.44
CA ASP B 760 -9.44 28.89 -36.83
C ASP B 760 -10.20 28.42 -35.61
N PHE B 761 -9.45 27.80 -34.69
CA PHE B 761 -10.05 27.18 -33.53
C PHE B 761 -10.62 28.24 -32.59
N ARG B 762 -9.85 29.28 -32.35
CA ARG B 762 -10.34 30.42 -31.59
C ARG B 762 -11.70 30.88 -32.08
N ARG B 763 -11.80 31.15 -33.38
CA ARG B 763 -13.09 31.61 -33.93
C ARG B 763 -14.20 30.56 -33.67
N TRP B 764 -13.89 29.28 -33.92
CA TRP B 764 -14.81 28.17 -33.60
C TRP B 764 -15.38 28.24 -32.17
N MET B 765 -14.56 28.66 -31.22
CA MET B 765 -14.98 28.77 -29.82
C MET B 765 -16.02 29.84 -29.62
N ASP B 766 -15.80 30.98 -30.26
CA ASP B 766 -16.72 32.10 -30.18
C ASP B 766 -18.04 31.75 -30.89
N GLU B 767 -17.96 30.95 -31.96
CA GLU B 767 -19.15 30.55 -32.72
C GLU B 767 -19.91 29.37 -32.09
N HIS B 768 -19.43 28.87 -30.95
CA HIS B 768 -20.17 27.86 -30.20
C HIS B 768 -20.06 28.03 -28.69
N LEU B 769 -20.76 29.04 -28.18
CA LEU B 769 -20.68 29.39 -26.76
C LEU B 769 -21.34 28.36 -25.84
N ASN B 770 -22.37 27.68 -26.33
CA ASN B 770 -23.07 26.67 -25.54
C ASN B 770 -22.11 25.58 -25.04
N VAL B 771 -21.18 25.18 -25.93
CA VAL B 771 -20.21 24.11 -25.62
C VAL B 771 -19.36 24.54 -24.43
N LYS B 772 -19.17 23.64 -23.48
CA LYS B 772 -18.40 23.94 -22.29
C LYS B 772 -16.99 23.43 -22.47
N ILE B 773 -16.02 24.31 -22.28
CA ILE B 773 -14.63 23.90 -22.26
C ILE B 773 -14.06 24.24 -20.89
N PRO B 774 -13.85 23.22 -20.03
CA PRO B 774 -13.34 23.53 -18.70
C PRO B 774 -11.87 23.81 -18.70
N ARG B 775 -11.44 24.51 -17.65
CA ARG B 775 -10.03 24.81 -17.42
C ARG B 775 -9.41 25.61 -18.56
N LEU B 776 -10.16 26.52 -19.18
CA LEU B 776 -9.60 27.36 -20.24
C LEU B 776 -8.28 27.96 -19.83
N VAL B 777 -8.18 28.30 -18.55
CA VAL B 777 -6.96 28.88 -18.07
C VAL B 777 -5.77 27.92 -18.27
N ASP B 778 -6.04 26.62 -18.33
CA ASP B 778 -4.98 25.64 -18.51
C ASP B 778 -4.88 25.12 -19.94
N VAL B 779 -5.56 25.80 -20.86
CA VAL B 779 -5.43 25.53 -22.30
C VAL B 779 -4.35 26.50 -22.83
N ILE B 780 -3.14 25.96 -22.94
CA ILE B 780 -1.92 26.77 -22.90
C ILE B 780 -1.08 26.69 -24.17
N CYS B 781 -0.59 27.84 -24.61
CA CYS B 781 0.42 27.97 -25.66
C CYS B 781 1.73 27.34 -25.22
N ALA B 782 2.29 26.47 -26.05
CA ALA B 782 3.59 25.84 -25.75
C ALA B 782 4.62 26.57 -26.55
N SER B 783 4.23 26.96 -27.75
CA SER B 783 5.08 27.59 -28.72
C SER B 783 4.24 28.52 -29.57
N PRO B 784 4.89 29.49 -30.17
CA PRO B 784 6.32 29.59 -30.10
C PRO B 784 6.69 30.12 -28.73
N GLY B 785 7.97 30.37 -28.56
CA GLY B 785 8.46 30.93 -27.31
C GLY B 785 7.76 32.22 -26.91
N ASP B 786 7.46 33.08 -27.88
CA ASP B 786 6.82 34.34 -27.60
C ASP B 786 5.56 34.23 -26.73
N GLN B 787 4.68 33.29 -27.01
CA GLN B 787 3.45 33.15 -26.21
C GLN B 787 3.47 32.04 -25.16
N ARG B 788 4.44 31.12 -25.23
CA ARG B 788 4.46 29.99 -24.33
C ARG B 788 3.95 30.31 -22.94
N GLY B 789 3.14 29.42 -22.38
CA GLY B 789 2.59 29.59 -21.01
C GLY B 789 1.39 30.51 -20.93
N LYS B 790 0.97 31.05 -22.06
CA LYS B 790 -0.11 31.98 -22.11
C LYS B 790 -1.37 31.24 -22.53
N SER B 791 -2.47 31.46 -21.83
CA SER B 791 -3.73 30.84 -22.21
C SER B 791 -4.05 31.26 -23.64
N ILE B 792 -4.48 30.31 -24.47
CA ILE B 792 -4.69 30.64 -25.89
C ILE B 792 -5.72 31.78 -26.03
N VAL B 793 -6.71 31.79 -25.16
CA VAL B 793 -7.80 32.75 -25.28
C VAL B 793 -7.39 34.21 -25.18
N SER B 794 -6.44 34.56 -24.32
CA SER B 794 -6.10 35.98 -24.14
C SER B 794 -5.53 36.63 -25.40
N LEU B 795 -4.65 35.91 -26.09
CA LEU B 795 -3.92 36.46 -27.22
C LEU B 795 -4.83 36.85 -28.40
N GLU B 796 -4.39 37.82 -29.19
CA GLU B 796 -5.04 38.18 -30.46
C GLU B 796 -3.99 38.43 -31.51
#